data_3U7N
# 
_entry.id   3U7N 
# 
_audit_conform.dict_name       mmcif_pdbx.dic 
_audit_conform.dict_version    5.398 
_audit_conform.dict_location   http://mmcif.pdb.org/dictionaries/ascii/mmcif_pdbx.dic 
# 
loop_
_database_2.database_id 
_database_2.database_code 
_database_2.pdbx_database_accession 
_database_2.pdbx_DOI 
PDB   3U7N         pdb_00003u7n 10.2210/pdb3u7n/pdb 
RCSB  RCSB068408   ?            ?                   
WWPDB D_1000068408 ?            ?                   
# 
loop_
_pdbx_audit_revision_history.ordinal 
_pdbx_audit_revision_history.data_content_type 
_pdbx_audit_revision_history.major_revision 
_pdbx_audit_revision_history.minor_revision 
_pdbx_audit_revision_history.revision_date 
1 'Structure model' 1 0 2012-06-27 
2 'Structure model' 1 1 2017-03-01 
3 'Structure model' 1 2 2023-11-01 
4 'Structure model' 1 3 2024-10-30 
# 
_pdbx_audit_revision_details.ordinal             1 
_pdbx_audit_revision_details.revision_ordinal    1 
_pdbx_audit_revision_details.data_content_type   'Structure model' 
_pdbx_audit_revision_details.provider            repository 
_pdbx_audit_revision_details.type                'Initial release' 
_pdbx_audit_revision_details.description         ? 
_pdbx_audit_revision_details.details             ? 
# 
loop_
_pdbx_audit_revision_group.ordinal 
_pdbx_audit_revision_group.revision_ordinal 
_pdbx_audit_revision_group.data_content_type 
_pdbx_audit_revision_group.group 
1 2 'Structure model' 'Database references'    
2 3 'Structure model' 'Data collection'        
3 3 'Structure model' 'Database references'    
4 3 'Structure model' 'Derived calculations'   
5 3 'Structure model' 'Refinement description' 
6 4 'Structure model' 'Structure summary'      
# 
loop_
_pdbx_audit_revision_category.ordinal 
_pdbx_audit_revision_category.revision_ordinal 
_pdbx_audit_revision_category.data_content_type 
_pdbx_audit_revision_category.category 
1  3 'Structure model' chem_comp_atom                
2  3 'Structure model' chem_comp_bond                
3  3 'Structure model' database_2                    
4  3 'Structure model' pdbx_initial_refinement_model 
5  3 'Structure model' pdbx_struct_conn_angle        
6  3 'Structure model' struct_conn                   
7  3 'Structure model' struct_ref_seq_dif            
8  3 'Structure model' struct_site                   
9  4 'Structure model' pdbx_entry_details            
10 4 'Structure model' pdbx_modification_feature     
# 
loop_
_pdbx_audit_revision_item.ordinal 
_pdbx_audit_revision_item.revision_ordinal 
_pdbx_audit_revision_item.data_content_type 
_pdbx_audit_revision_item.item 
1  3 'Structure model' '_database_2.pdbx_DOI'                       
2  3 'Structure model' '_database_2.pdbx_database_accession'        
3  3 'Structure model' '_pdbx_struct_conn_angle.ptnr1_auth_seq_id'  
4  3 'Structure model' '_pdbx_struct_conn_angle.ptnr1_label_seq_id' 
5  3 'Structure model' '_pdbx_struct_conn_angle.ptnr3_auth_seq_id'  
6  3 'Structure model' '_pdbx_struct_conn_angle.ptnr3_label_seq_id' 
7  3 'Structure model' '_pdbx_struct_conn_angle.value'              
8  3 'Structure model' '_struct_conn.pdbx_dist_value'               
9  3 'Structure model' '_struct_conn.pdbx_leaving_atom_flag'        
10 3 'Structure model' '_struct_conn.ptnr1_auth_comp_id'            
11 3 'Structure model' '_struct_conn.ptnr1_auth_seq_id'             
12 3 'Structure model' '_struct_conn.ptnr1_label_asym_id'           
13 3 'Structure model' '_struct_conn.ptnr1_label_atom_id'           
14 3 'Structure model' '_struct_conn.ptnr1_label_comp_id'           
15 3 'Structure model' '_struct_conn.ptnr1_label_seq_id'            
16 3 'Structure model' '_struct_conn.ptnr2_auth_comp_id'            
17 3 'Structure model' '_struct_conn.ptnr2_auth_seq_id'             
18 3 'Structure model' '_struct_conn.ptnr2_label_asym_id'           
19 3 'Structure model' '_struct_conn.ptnr2_label_atom_id'           
20 3 'Structure model' '_struct_conn.ptnr2_label_comp_id'           
21 3 'Structure model' '_struct_ref_seq_dif.details'                
22 3 'Structure model' '_struct_site.pdbx_auth_asym_id'             
23 3 'Structure model' '_struct_site.pdbx_auth_comp_id'             
24 3 'Structure model' '_struct_site.pdbx_auth_seq_id'              
# 
_pdbx_database_status.status_code                     REL 
_pdbx_database_status.entry_id                        3U7N 
_pdbx_database_status.recvd_initial_deposition_date   2011-10-14 
_pdbx_database_status.deposit_site                    RCSB 
_pdbx_database_status.process_site                    PDBJ 
_pdbx_database_status.status_code_sf                  REL 
_pdbx_database_status.status_code_mr                  ? 
_pdbx_database_status.SG_entry                        ? 
_pdbx_database_status.status_code_cs                  ? 
_pdbx_database_status.methods_development_category    ? 
_pdbx_database_status.pdb_format_compatible           Y 
_pdbx_database_status.status_code_nmr_data            ? 
# 
loop_
_pdbx_database_related.db_name 
_pdbx_database_related.db_id 
_pdbx_database_related.details 
_pdbx_database_related.content_type 
PDB 3U7K . unspecified 
PDB 3U7L . unspecified 
PDB 3U7M . unspecified 
# 
loop_
_audit_author.name 
_audit_author.pdbx_ordinal 
'Lee, S.J.'   1 
'Lee, S.-J.'  2 
'Lee, S.K.'   3 
'Yoon, H.-J.' 4 
'Lee, H.H.'   5 
'Kim, K.K.'   6 
'Lee, B.J.'   7 
'Suh, S.W.'   8 
# 
_citation.id                        primary 
_citation.title                     
'Structures of Staphylococcus aureus peptide deformylase in complex with two classes of new inhibitors' 
_citation.journal_abbrev            'Acta Crystallogr.,Sect.D' 
_citation.journal_volume            68 
_citation.page_first                784 
_citation.page_last                 793 
_citation.year                      2012 
_citation.journal_id_ASTM           ABCRE6 
_citation.country                   DK 
_citation.journal_id_ISSN           0907-4449 
_citation.journal_id_CSD            0766 
_citation.book_publisher            ? 
_citation.pdbx_database_id_PubMed   22751663 
_citation.pdbx_database_id_DOI      10.1107/S0907444912011912 
# 
loop_
_citation_author.citation_id 
_citation_author.name 
_citation_author.ordinal 
_citation_author.identifier_ORCID 
primary 'Lee, S.J.'   1 ? 
primary 'Lee, S.-J.'  2 ? 
primary 'Lee, S.K.'   3 ? 
primary 'Yoon, H.-J.' 4 ? 
primary 'Lee, H.H.'   5 ? 
primary 'Kim, K.K.'   6 ? 
primary 'Lee, B.J.'   7 ? 
primary 'Lee, B.I.'   8 ? 
primary 'Suh, S.W.'   9 ? 
# 
loop_
_entity.id 
_entity.type 
_entity.src_method 
_entity.pdbx_description 
_entity.formula_weight 
_entity.pdbx_number_of_molecules 
_entity.pdbx_ec 
_entity.pdbx_mutation 
_entity.pdbx_fragment 
_entity.details 
1 polymer     man 'Peptide deformylase'                                                                           21692.713 1  
3.5.1.88 ? ? ? 
2 non-polymer syn 'ZINC ION'                                                                                      65.409    1  ? ? 
? ? 
3 non-polymer syn 'N-((2R,4S)-2-butyl-5-methyl-4-(3-(5-methylpyridin-2-yl)ureido)-3-oxohexyl)-N-hydroxyformamide' 378.466   1  ? ? 
? ? 
4 water       nat water                                                                                           18.015    94 ? ? 
? ? 
# 
_entity_name_com.entity_id   1 
_entity_name_com.name        'PDF, Polypeptide deformylase' 
# 
_entity_poly.entity_id                      1 
_entity_poly.type                           'polypeptide(L)' 
_entity_poly.nstd_linkage                   no 
_entity_poly.nstd_monomer                   yes 
_entity_poly.pdbx_seq_one_letter_code       
;MLTMKDIIRDGHPTLRQKAAELELPLTKEEKETLIAMREFLVNSQDEEIAKRYGLRSGVGLAAPQINISKRMIAVLIPDD
GSGKSYDYMLVNPKIVSHSVQEAYLPTGEG(CSD)LSVDDNVAGLVHRHNRITIKAKDIEGNDIQLRLKGYPAIVFQHEI
DHLNGVMFYDHIDKDHPLQPHTDAVEVLEHHHHHH
;
_entity_poly.pdbx_seq_one_letter_code_can   
;MLTMKDIIRDGHPTLRQKAAELELPLTKEEKETLIAMREFLVNSQDEEIAKRYGLRSGVGLAAPQINISKRMIAVLIPDD
GSGKSYDYMLVNPKIVSHSVQEAYLPTGEGCLSVDDNVAGLVHRHNRITIKAKDIEGNDIQLRLKGYPAIVFQHEIDHLN
GVMFYDHIDKDHPLQPHTDAVEVLEHHHHHH
;
_entity_poly.pdbx_strand_id                 A 
_entity_poly.pdbx_target_identifier         ? 
# 
loop_
_pdbx_entity_nonpoly.entity_id 
_pdbx_entity_nonpoly.name 
_pdbx_entity_nonpoly.comp_id 
2 'ZINC ION'                                                                                      ZN  
3 'N-((2R,4S)-2-butyl-5-methyl-4-(3-(5-methylpyridin-2-yl)ureido)-3-oxohexyl)-N-hydroxyformamide' UHF 
4 water                                                                                           HOH 
# 
loop_
_entity_poly_seq.entity_id 
_entity_poly_seq.num 
_entity_poly_seq.mon_id 
_entity_poly_seq.hetero 
1 1   MET n 
1 2   LEU n 
1 3   THR n 
1 4   MET n 
1 5   LYS n 
1 6   ASP n 
1 7   ILE n 
1 8   ILE n 
1 9   ARG n 
1 10  ASP n 
1 11  GLY n 
1 12  HIS n 
1 13  PRO n 
1 14  THR n 
1 15  LEU n 
1 16  ARG n 
1 17  GLN n 
1 18  LYS n 
1 19  ALA n 
1 20  ALA n 
1 21  GLU n 
1 22  LEU n 
1 23  GLU n 
1 24  LEU n 
1 25  PRO n 
1 26  LEU n 
1 27  THR n 
1 28  LYS n 
1 29  GLU n 
1 30  GLU n 
1 31  LYS n 
1 32  GLU n 
1 33  THR n 
1 34  LEU n 
1 35  ILE n 
1 36  ALA n 
1 37  MET n 
1 38  ARG n 
1 39  GLU n 
1 40  PHE n 
1 41  LEU n 
1 42  VAL n 
1 43  ASN n 
1 44  SER n 
1 45  GLN n 
1 46  ASP n 
1 47  GLU n 
1 48  GLU n 
1 49  ILE n 
1 50  ALA n 
1 51  LYS n 
1 52  ARG n 
1 53  TYR n 
1 54  GLY n 
1 55  LEU n 
1 56  ARG n 
1 57  SER n 
1 58  GLY n 
1 59  VAL n 
1 60  GLY n 
1 61  LEU n 
1 62  ALA n 
1 63  ALA n 
1 64  PRO n 
1 65  GLN n 
1 66  ILE n 
1 67  ASN n 
1 68  ILE n 
1 69  SER n 
1 70  LYS n 
1 71  ARG n 
1 72  MET n 
1 73  ILE n 
1 74  ALA n 
1 75  VAL n 
1 76  LEU n 
1 77  ILE n 
1 78  PRO n 
1 79  ASP n 
1 80  ASP n 
1 81  GLY n 
1 82  SER n 
1 83  GLY n 
1 84  LYS n 
1 85  SER n 
1 86  TYR n 
1 87  ASP n 
1 88  TYR n 
1 89  MET n 
1 90  LEU n 
1 91  VAL n 
1 92  ASN n 
1 93  PRO n 
1 94  LYS n 
1 95  ILE n 
1 96  VAL n 
1 97  SER n 
1 98  HIS n 
1 99  SER n 
1 100 VAL n 
1 101 GLN n 
1 102 GLU n 
1 103 ALA n 
1 104 TYR n 
1 105 LEU n 
1 106 PRO n 
1 107 THR n 
1 108 GLY n 
1 109 GLU n 
1 110 GLY n 
1 111 CSD n 
1 112 LEU n 
1 113 SER n 
1 114 VAL n 
1 115 ASP n 
1 116 ASP n 
1 117 ASN n 
1 118 VAL n 
1 119 ALA n 
1 120 GLY n 
1 121 LEU n 
1 122 VAL n 
1 123 HIS n 
1 124 ARG n 
1 125 HIS n 
1 126 ASN n 
1 127 ARG n 
1 128 ILE n 
1 129 THR n 
1 130 ILE n 
1 131 LYS n 
1 132 ALA n 
1 133 LYS n 
1 134 ASP n 
1 135 ILE n 
1 136 GLU n 
1 137 GLY n 
1 138 ASN n 
1 139 ASP n 
1 140 ILE n 
1 141 GLN n 
1 142 LEU n 
1 143 ARG n 
1 144 LEU n 
1 145 LYS n 
1 146 GLY n 
1 147 TYR n 
1 148 PRO n 
1 149 ALA n 
1 150 ILE n 
1 151 VAL n 
1 152 PHE n 
1 153 GLN n 
1 154 HIS n 
1 155 GLU n 
1 156 ILE n 
1 157 ASP n 
1 158 HIS n 
1 159 LEU n 
1 160 ASN n 
1 161 GLY n 
1 162 VAL n 
1 163 MET n 
1 164 PHE n 
1 165 TYR n 
1 166 ASP n 
1 167 HIS n 
1 168 ILE n 
1 169 ASP n 
1 170 LYS n 
1 171 ASP n 
1 172 HIS n 
1 173 PRO n 
1 174 LEU n 
1 175 GLN n 
1 176 PRO n 
1 177 HIS n 
1 178 THR n 
1 179 ASP n 
1 180 ALA n 
1 181 VAL n 
1 182 GLU n 
1 183 VAL n 
1 184 LEU n 
1 185 GLU n 
1 186 HIS n 
1 187 HIS n 
1 188 HIS n 
1 189 HIS n 
1 190 HIS n 
1 191 HIS n 
# 
_entity_src_gen.entity_id                          1 
_entity_src_gen.pdbx_src_id                        1 
_entity_src_gen.pdbx_alt_source_flag               sample 
_entity_src_gen.pdbx_seq_type                      ? 
_entity_src_gen.pdbx_beg_seq_num                   ? 
_entity_src_gen.pdbx_end_seq_num                   ? 
_entity_src_gen.gene_src_common_name               ? 
_entity_src_gen.gene_src_genus                     ? 
_entity_src_gen.pdbx_gene_src_gene                 sacol1100 
_entity_src_gen.gene_src_species                   ? 
_entity_src_gen.gene_src_strain                    COL 
_entity_src_gen.gene_src_tissue                    ? 
_entity_src_gen.gene_src_tissue_fraction           ? 
_entity_src_gen.gene_src_details                   ? 
_entity_src_gen.pdbx_gene_src_fragment             ? 
_entity_src_gen.pdbx_gene_src_scientific_name      'Staphylococcus aureus' 
_entity_src_gen.pdbx_gene_src_ncbi_taxonomy_id     93062 
_entity_src_gen.pdbx_gene_src_variant              ? 
_entity_src_gen.pdbx_gene_src_cell_line            ? 
_entity_src_gen.pdbx_gene_src_atcc                 ? 
_entity_src_gen.pdbx_gene_src_organ                ? 
_entity_src_gen.pdbx_gene_src_organelle            ? 
_entity_src_gen.pdbx_gene_src_cell                 ? 
_entity_src_gen.pdbx_gene_src_cellular_location    ? 
_entity_src_gen.host_org_common_name               ? 
_entity_src_gen.pdbx_host_org_scientific_name      'Escherichia coli' 
_entity_src_gen.pdbx_host_org_ncbi_taxonomy_id     562 
_entity_src_gen.host_org_genus                     ? 
_entity_src_gen.pdbx_host_org_gene                 ? 
_entity_src_gen.pdbx_host_org_organ                ? 
_entity_src_gen.host_org_species                   ? 
_entity_src_gen.pdbx_host_org_tissue               ? 
_entity_src_gen.pdbx_host_org_tissue_fraction      ? 
_entity_src_gen.pdbx_host_org_strain               'C41(DE3)' 
_entity_src_gen.pdbx_host_org_variant              ? 
_entity_src_gen.pdbx_host_org_cell_line            ? 
_entity_src_gen.pdbx_host_org_atcc                 ? 
_entity_src_gen.pdbx_host_org_culture_collection   ? 
_entity_src_gen.pdbx_host_org_cell                 ? 
_entity_src_gen.pdbx_host_org_organelle            ? 
_entity_src_gen.pdbx_host_org_cellular_location    ? 
_entity_src_gen.pdbx_host_org_vector_type          plasmid 
_entity_src_gen.pdbx_host_org_vector               ? 
_entity_src_gen.host_org_details                   ? 
_entity_src_gen.expression_system_id               ? 
_entity_src_gen.plasmid_name                       'pET-21a(+)' 
_entity_src_gen.plasmid_details                    ? 
_entity_src_gen.pdbx_description                   ? 
# 
loop_
_chem_comp.id 
_chem_comp.type 
_chem_comp.mon_nstd_flag 
_chem_comp.name 
_chem_comp.pdbx_synonyms 
_chem_comp.formula 
_chem_comp.formula_weight 
ALA 'L-peptide linking' y ALANINE                                                                                         ? 
'C3 H7 N O2'     89.093  
ARG 'L-peptide linking' y ARGININE                                                                                        ? 
'C6 H15 N4 O2 1' 175.209 
ASN 'L-peptide linking' y ASPARAGINE                                                                                      ? 
'C4 H8 N2 O3'    132.118 
ASP 'L-peptide linking' y 'ASPARTIC ACID'                                                                                 ? 
'C4 H7 N O4'     133.103 
CSD 'L-peptide linking' n 3-SULFINOALANINE                                                                                
'S-CYSTEINESULFINIC ACID; S-SULFINOCYSTEINE' 'C3 H7 N O4 S'   153.157 
GLN 'L-peptide linking' y GLUTAMINE                                                                                       ? 
'C5 H10 N2 O3'   146.144 
GLU 'L-peptide linking' y 'GLUTAMIC ACID'                                                                                 ? 
'C5 H9 N O4'     147.129 
GLY 'peptide linking'   y GLYCINE                                                                                         ? 
'C2 H5 N O2'     75.067  
HIS 'L-peptide linking' y HISTIDINE                                                                                       ? 
'C6 H10 N3 O2 1' 156.162 
HOH non-polymer         . WATER                                                                                           ? 'H2 O' 
18.015  
ILE 'L-peptide linking' y ISOLEUCINE                                                                                      ? 
'C6 H13 N O2'    131.173 
LEU 'L-peptide linking' y LEUCINE                                                                                         ? 
'C6 H13 N O2'    131.173 
LYS 'L-peptide linking' y LYSINE                                                                                          ? 
'C6 H15 N2 O2 1' 147.195 
MET 'L-peptide linking' y METHIONINE                                                                                      ? 
'C5 H11 N O2 S'  149.211 
PHE 'L-peptide linking' y PHENYLALANINE                                                                                   ? 
'C9 H11 N O2'    165.189 
PRO 'L-peptide linking' y PROLINE                                                                                         ? 
'C5 H9 N O2'     115.130 
SER 'L-peptide linking' y SERINE                                                                                          ? 
'C3 H7 N O3'     105.093 
THR 'L-peptide linking' y THREONINE                                                                                       ? 
'C4 H9 N O3'     119.119 
TYR 'L-peptide linking' y TYROSINE                                                                                        ? 
'C9 H11 N O3'    181.189 
UHF non-polymer         . 'N-((2R,4S)-2-butyl-5-methyl-4-(3-(5-methylpyridin-2-yl)ureido)-3-oxohexyl)-N-hydroxyformamide' ? 
'C19 H30 N4 O4'  378.466 
VAL 'L-peptide linking' y VALINE                                                                                          ? 
'C5 H11 N O2'    117.146 
ZN  non-polymer         . 'ZINC ION'                                                                                      ? 'Zn 2' 
65.409  
# 
loop_
_pdbx_poly_seq_scheme.asym_id 
_pdbx_poly_seq_scheme.entity_id 
_pdbx_poly_seq_scheme.seq_id 
_pdbx_poly_seq_scheme.mon_id 
_pdbx_poly_seq_scheme.ndb_seq_num 
_pdbx_poly_seq_scheme.pdb_seq_num 
_pdbx_poly_seq_scheme.auth_seq_num 
_pdbx_poly_seq_scheme.pdb_mon_id 
_pdbx_poly_seq_scheme.auth_mon_id 
_pdbx_poly_seq_scheme.pdb_strand_id 
_pdbx_poly_seq_scheme.pdb_ins_code 
_pdbx_poly_seq_scheme.hetero 
A 1 1   MET 1   1   1   MET MET A . n 
A 1 2   LEU 2   2   2   LEU LEU A . n 
A 1 3   THR 3   3   3   THR THR A . n 
A 1 4   MET 4   4   4   MET MET A . n 
A 1 5   LYS 5   5   5   LYS LYS A . n 
A 1 6   ASP 6   6   6   ASP ASP A . n 
A 1 7   ILE 7   7   7   ILE ILE A . n 
A 1 8   ILE 8   8   8   ILE ILE A . n 
A 1 9   ARG 9   9   9   ARG ARG A . n 
A 1 10  ASP 10  10  10  ASP ASP A . n 
A 1 11  GLY 11  11  11  GLY GLY A . n 
A 1 12  HIS 12  12  12  HIS HIS A . n 
A 1 13  PRO 13  13  13  PRO PRO A . n 
A 1 14  THR 14  14  14  THR THR A . n 
A 1 15  LEU 15  15  15  LEU LEU A . n 
A 1 16  ARG 16  16  16  ARG ARG A . n 
A 1 17  GLN 17  17  17  GLN GLN A . n 
A 1 18  LYS 18  18  18  LYS LYS A . n 
A 1 19  ALA 19  19  19  ALA ALA A . n 
A 1 20  ALA 20  20  20  ALA ALA A . n 
A 1 21  GLU 21  21  21  GLU GLU A . n 
A 1 22  LEU 22  22  22  LEU LEU A . n 
A 1 23  GLU 23  23  23  GLU GLU A . n 
A 1 24  LEU 24  24  24  LEU LEU A . n 
A 1 25  PRO 25  25  25  PRO PRO A . n 
A 1 26  LEU 26  26  26  LEU LEU A . n 
A 1 27  THR 27  27  27  THR THR A . n 
A 1 28  LYS 28  28  28  LYS LYS A . n 
A 1 29  GLU 29  29  29  GLU GLU A . n 
A 1 30  GLU 30  30  30  GLU GLU A . n 
A 1 31  LYS 31  31  31  LYS LYS A . n 
A 1 32  GLU 32  32  32  GLU GLU A . n 
A 1 33  THR 33  33  33  THR THR A . n 
A 1 34  LEU 34  34  34  LEU LEU A . n 
A 1 35  ILE 35  35  35  ILE ILE A . n 
A 1 36  ALA 36  36  36  ALA ALA A . n 
A 1 37  MET 37  37  37  MET MET A . n 
A 1 38  ARG 38  38  38  ARG ARG A . n 
A 1 39  GLU 39  39  39  GLU GLU A . n 
A 1 40  PHE 40  40  40  PHE PHE A . n 
A 1 41  LEU 41  41  41  LEU LEU A . n 
A 1 42  VAL 42  42  42  VAL VAL A . n 
A 1 43  ASN 43  43  43  ASN ASN A . n 
A 1 44  SER 44  44  44  SER SER A . n 
A 1 45  GLN 45  45  45  GLN GLN A . n 
A 1 46  ASP 46  46  46  ASP ASP A . n 
A 1 47  GLU 47  47  47  GLU GLU A . n 
A 1 48  GLU 48  48  48  GLU GLU A . n 
A 1 49  ILE 49  49  49  ILE ILE A . n 
A 1 50  ALA 50  50  50  ALA ALA A . n 
A 1 51  LYS 51  51  51  LYS LYS A . n 
A 1 52  ARG 52  52  52  ARG ARG A . n 
A 1 53  TYR 53  53  53  TYR TYR A . n 
A 1 54  GLY 54  54  54  GLY GLY A . n 
A 1 55  LEU 55  55  55  LEU LEU A . n 
A 1 56  ARG 56  56  56  ARG ARG A . n 
A 1 57  SER 57  57  57  SER SER A . n 
A 1 58  GLY 58  58  58  GLY GLY A . n 
A 1 59  VAL 59  59  59  VAL VAL A . n 
A 1 60  GLY 60  60  60  GLY GLY A . n 
A 1 61  LEU 61  61  61  LEU LEU A . n 
A 1 62  ALA 62  62  62  ALA ALA A . n 
A 1 63  ALA 63  63  63  ALA ALA A . n 
A 1 64  PRO 64  64  64  PRO PRO A . n 
A 1 65  GLN 65  65  65  GLN GLN A . n 
A 1 66  ILE 66  66  66  ILE ILE A . n 
A 1 67  ASN 67  67  67  ASN ASN A . n 
A 1 68  ILE 68  68  68  ILE ILE A . n 
A 1 69  SER 69  69  69  SER SER A . n 
A 1 70  LYS 70  70  70  LYS LYS A . n 
A 1 71  ARG 71  71  71  ARG ARG A . n 
A 1 72  MET 72  72  72  MET MET A . n 
A 1 73  ILE 73  73  73  ILE ILE A . n 
A 1 74  ALA 74  74  74  ALA ALA A . n 
A 1 75  VAL 75  75  75  VAL VAL A . n 
A 1 76  LEU 76  76  76  LEU LEU A . n 
A 1 77  ILE 77  77  77  ILE ILE A . n 
A 1 78  PRO 78  78  78  PRO PRO A . n 
A 1 79  ASP 79  79  79  ASP ASP A . n 
A 1 80  ASP 80  80  80  ASP ASP A . n 
A 1 81  GLY 81  81  81  GLY GLY A . n 
A 1 82  SER 82  82  82  SER SER A . n 
A 1 83  GLY 83  83  83  GLY GLY A . n 
A 1 84  LYS 84  84  84  LYS LYS A . n 
A 1 85  SER 85  85  85  SER SER A . n 
A 1 86  TYR 86  86  86  TYR TYR A . n 
A 1 87  ASP 87  87  87  ASP ASP A . n 
A 1 88  TYR 88  88  88  TYR TYR A . n 
A 1 89  MET 89  89  89  MET MET A . n 
A 1 90  LEU 90  90  90  LEU LEU A . n 
A 1 91  VAL 91  91  91  VAL VAL A . n 
A 1 92  ASN 92  92  92  ASN ASN A . n 
A 1 93  PRO 93  93  93  PRO PRO A . n 
A 1 94  LYS 94  94  94  LYS LYS A . n 
A 1 95  ILE 95  95  95  ILE ILE A . n 
A 1 96  VAL 96  96  96  VAL VAL A . n 
A 1 97  SER 97  97  97  SER SER A . n 
A 1 98  HIS 98  98  98  HIS HIS A . n 
A 1 99  SER 99  99  99  SER SER A . n 
A 1 100 VAL 100 100 100 VAL VAL A . n 
A 1 101 GLN 101 101 101 GLN GLN A . n 
A 1 102 GLU 102 102 102 GLU GLU A . n 
A 1 103 ALA 103 103 103 ALA ALA A . n 
A 1 104 TYR 104 104 104 TYR TYR A . n 
A 1 105 LEU 105 105 105 LEU LEU A . n 
A 1 106 PRO 106 106 106 PRO PRO A . n 
A 1 107 THR 107 107 107 THR THR A . n 
A 1 108 GLY 108 108 108 GLY GLY A . n 
A 1 109 GLU 109 109 109 GLU GLU A . n 
A 1 110 GLY 110 110 110 GLY GLY A . n 
A 1 111 CSD 111 111 111 CSD CSD A . n 
A 1 112 LEU 112 112 112 LEU LEU A . n 
A 1 113 SER 113 113 113 SER SER A . n 
A 1 114 VAL 114 114 114 VAL VAL A . n 
A 1 115 ASP 115 115 115 ASP ASP A . n 
A 1 116 ASP 116 116 116 ASP ASP A . n 
A 1 117 ASN 117 117 117 ASN ASN A . n 
A 1 118 VAL 118 118 118 VAL VAL A . n 
A 1 119 ALA 119 119 119 ALA ALA A . n 
A 1 120 GLY 120 120 120 GLY GLY A . n 
A 1 121 LEU 121 121 121 LEU LEU A . n 
A 1 122 VAL 122 122 122 VAL VAL A . n 
A 1 123 HIS 123 123 123 HIS HIS A . n 
A 1 124 ARG 124 124 124 ARG ARG A . n 
A 1 125 HIS 125 125 125 HIS HIS A . n 
A 1 126 ASN 126 126 126 ASN ASN A . n 
A 1 127 ARG 127 127 127 ARG ARG A . n 
A 1 128 ILE 128 128 128 ILE ILE A . n 
A 1 129 THR 129 129 129 THR THR A . n 
A 1 130 ILE 130 130 130 ILE ILE A . n 
A 1 131 LYS 131 131 131 LYS LYS A . n 
A 1 132 ALA 132 132 132 ALA ALA A . n 
A 1 133 LYS 133 133 133 LYS LYS A . n 
A 1 134 ASP 134 134 134 ASP ASP A . n 
A 1 135 ILE 135 135 135 ILE ILE A . n 
A 1 136 GLU 136 136 136 GLU GLU A . n 
A 1 137 GLY 137 137 137 GLY GLY A . n 
A 1 138 ASN 138 138 138 ASN ASN A . n 
A 1 139 ASP 139 139 139 ASP ASP A . n 
A 1 140 ILE 140 140 140 ILE ILE A . n 
A 1 141 GLN 141 141 141 GLN GLN A . n 
A 1 142 LEU 142 142 142 LEU LEU A . n 
A 1 143 ARG 143 143 143 ARG ARG A . n 
A 1 144 LEU 144 144 144 LEU LEU A . n 
A 1 145 LYS 145 145 145 LYS LYS A . n 
A 1 146 GLY 146 146 146 GLY GLY A . n 
A 1 147 TYR 147 147 147 TYR TYR A . n 
A 1 148 PRO 148 148 148 PRO PRO A . n 
A 1 149 ALA 149 149 149 ALA ALA A . n 
A 1 150 ILE 150 150 150 ILE ILE A . n 
A 1 151 VAL 151 151 151 VAL VAL A . n 
A 1 152 PHE 152 152 152 PHE PHE A . n 
A 1 153 GLN 153 153 153 GLN GLN A . n 
A 1 154 HIS 154 154 154 HIS HIS A . n 
A 1 155 GLU 155 155 155 GLU GLU A . n 
A 1 156 ILE 156 156 156 ILE ILE A . n 
A 1 157 ASP 157 157 157 ASP ASP A . n 
A 1 158 HIS 158 158 158 HIS HIS A . n 
A 1 159 LEU 159 159 159 LEU LEU A . n 
A 1 160 ASN 160 160 160 ASN ASN A . n 
A 1 161 GLY 161 161 161 GLY GLY A . n 
A 1 162 VAL 162 162 162 VAL VAL A . n 
A 1 163 MET 163 163 163 MET MET A . n 
A 1 164 PHE 164 164 164 PHE PHE A . n 
A 1 165 TYR 165 165 165 TYR TYR A . n 
A 1 166 ASP 166 166 166 ASP ASP A . n 
A 1 167 HIS 167 167 167 HIS HIS A . n 
A 1 168 ILE 168 168 168 ILE ILE A . n 
A 1 169 ASP 169 169 169 ASP ASP A . n 
A 1 170 LYS 170 170 170 LYS LYS A . n 
A 1 171 ASP 171 171 171 ASP ASP A . n 
A 1 172 HIS 172 172 172 HIS HIS A . n 
A 1 173 PRO 173 173 173 PRO PRO A . n 
A 1 174 LEU 174 174 174 LEU LEU A . n 
A 1 175 GLN 175 175 175 GLN GLN A . n 
A 1 176 PRO 176 176 176 PRO PRO A . n 
A 1 177 HIS 177 177 177 HIS HIS A . n 
A 1 178 THR 178 178 178 THR THR A . n 
A 1 179 ASP 179 179 179 ASP ASP A . n 
A 1 180 ALA 180 180 180 ALA ALA A . n 
A 1 181 VAL 181 181 181 VAL VAL A . n 
A 1 182 GLU 182 182 182 GLU GLU A . n 
A 1 183 VAL 183 183 183 VAL VAL A . n 
A 1 184 LEU 184 184 184 LEU LEU A . n 
A 1 185 GLU 185 185 185 GLU GLU A . n 
A 1 186 HIS 186 186 ?   ?   ?   A . n 
A 1 187 HIS 187 187 ?   ?   ?   A . n 
A 1 188 HIS 188 188 ?   ?   ?   A . n 
A 1 189 HIS 189 189 ?   ?   ?   A . n 
A 1 190 HIS 190 190 ?   ?   ?   A . n 
A 1 191 HIS 191 191 ?   ?   ?   A . n 
# 
loop_
_pdbx_nonpoly_scheme.asym_id 
_pdbx_nonpoly_scheme.entity_id 
_pdbx_nonpoly_scheme.mon_id 
_pdbx_nonpoly_scheme.ndb_seq_num 
_pdbx_nonpoly_scheme.pdb_seq_num 
_pdbx_nonpoly_scheme.auth_seq_num 
_pdbx_nonpoly_scheme.pdb_mon_id 
_pdbx_nonpoly_scheme.auth_mon_id 
_pdbx_nonpoly_scheme.pdb_strand_id 
_pdbx_nonpoly_scheme.pdb_ins_code 
B 2 ZN  1  350 350 ZN  ZN  A . 
C 3 UHF 1  192 1   UHF DRG A . 
D 4 HOH 1  193 1   HOH HOH A . 
D 4 HOH 2  194 2   HOH HOH A . 
D 4 HOH 3  195 3   HOH HOH A . 
D 4 HOH 4  196 4   HOH HOH A . 
D 4 HOH 5  197 5   HOH HOH A . 
D 4 HOH 6  198 6   HOH HOH A . 
D 4 HOH 7  199 7   HOH HOH A . 
D 4 HOH 8  200 8   HOH HOH A . 
D 4 HOH 9  201 9   HOH HOH A . 
D 4 HOH 10 202 10  HOH HOH A . 
D 4 HOH 11 203 11  HOH HOH A . 
D 4 HOH 12 204 12  HOH HOH A . 
D 4 HOH 13 205 13  HOH HOH A . 
D 4 HOH 14 206 14  HOH HOH A . 
D 4 HOH 15 207 15  HOH HOH A . 
D 4 HOH 16 208 16  HOH HOH A . 
D 4 HOH 17 209 17  HOH HOH A . 
D 4 HOH 18 210 18  HOH HOH A . 
D 4 HOH 19 211 19  HOH HOH A . 
D 4 HOH 20 212 20  HOH HOH A . 
D 4 HOH 21 213 21  HOH HOH A . 
D 4 HOH 22 214 22  HOH HOH A . 
D 4 HOH 23 215 23  HOH HOH A . 
D 4 HOH 24 216 24  HOH HOH A . 
D 4 HOH 25 217 25  HOH HOH A . 
D 4 HOH 26 218 26  HOH HOH A . 
D 4 HOH 27 219 27  HOH HOH A . 
D 4 HOH 28 220 28  HOH HOH A . 
D 4 HOH 29 221 29  HOH HOH A . 
D 4 HOH 30 222 30  HOH HOH A . 
D 4 HOH 31 223 31  HOH HOH A . 
D 4 HOH 32 224 32  HOH HOH A . 
D 4 HOH 33 225 35  HOH HOH A . 
D 4 HOH 34 226 36  HOH HOH A . 
D 4 HOH 35 227 37  HOH HOH A . 
D 4 HOH 36 228 38  HOH HOH A . 
D 4 HOH 37 229 39  HOH HOH A . 
D 4 HOH 38 230 40  HOH HOH A . 
D 4 HOH 39 231 41  HOH HOH A . 
D 4 HOH 40 232 42  HOH HOH A . 
D 4 HOH 41 233 43  HOH HOH A . 
D 4 HOH 42 234 44  HOH HOH A . 
D 4 HOH 43 235 45  HOH HOH A . 
D 4 HOH 44 236 46  HOH HOH A . 
D 4 HOH 45 237 47  HOH HOH A . 
D 4 HOH 46 238 48  HOH HOH A . 
D 4 HOH 47 239 49  HOH HOH A . 
D 4 HOH 48 240 50  HOH HOH A . 
D 4 HOH 49 241 51  HOH HOH A . 
D 4 HOH 50 242 52  HOH HOH A . 
D 4 HOH 51 243 53  HOH HOH A . 
D 4 HOH 52 244 54  HOH HOH A . 
D 4 HOH 53 245 56  HOH HOH A . 
D 4 HOH 54 246 58  HOH HOH A . 
D 4 HOH 55 247 59  HOH HOH A . 
D 4 HOH 56 248 61  HOH HOH A . 
D 4 HOH 57 249 62  HOH HOH A . 
D 4 HOH 58 250 64  HOH HOH A . 
D 4 HOH 59 251 65  HOH HOH A . 
D 4 HOH 60 252 67  HOH HOH A . 
D 4 HOH 61 253 69  HOH HOH A . 
D 4 HOH 62 254 71  HOH HOH A . 
D 4 HOH 63 255 73  HOH HOH A . 
D 4 HOH 64 256 74  HOH HOH A . 
D 4 HOH 65 257 75  HOH HOH A . 
D 4 HOH 66 258 77  HOH HOH A . 
D 4 HOH 67 259 78  HOH HOH A . 
D 4 HOH 68 260 79  HOH HOH A . 
D 4 HOH 69 261 81  HOH HOH A . 
D 4 HOH 70 262 82  HOH HOH A . 
D 4 HOH 71 263 83  HOH HOH A . 
D 4 HOH 72 264 84  HOH HOH A . 
D 4 HOH 73 265 85  HOH HOH A . 
D 4 HOH 74 266 88  HOH HOH A . 
D 4 HOH 75 267 89  HOH HOH A . 
D 4 HOH 76 268 91  HOH HOH A . 
D 4 HOH 77 269 92  HOH HOH A . 
D 4 HOH 78 270 93  HOH HOH A . 
D 4 HOH 79 271 94  HOH HOH A . 
D 4 HOH 80 272 95  HOH HOH A . 
D 4 HOH 81 273 96  HOH HOH A . 
D 4 HOH 82 274 98  HOH HOH A . 
D 4 HOH 83 275 99  HOH HOH A . 
D 4 HOH 84 276 101 HOH HOH A . 
D 4 HOH 85 277 105 HOH HOH A . 
D 4 HOH 86 278 106 HOH HOH A . 
D 4 HOH 87 279 109 HOH HOH A . 
D 4 HOH 88 280 110 HOH HOH A . 
D 4 HOH 89 281 111 HOH HOH A . 
D 4 HOH 90 282 114 HOH HOH A . 
D 4 HOH 91 283 115 HOH HOH A . 
D 4 HOH 92 284 116 HOH HOH A . 
D 4 HOH 93 285 117 HOH HOH A . 
D 4 HOH 94 286 118 HOH HOH A . 
# 
loop_
_software.name 
_software.classification 
_software.version 
_software.citation_id 
_software.pdbx_ordinal 
HKL-2000 'data collection' .        ? 1 
MOLREP   phasing           .        ? 2 
REFMAC   refinement        5.5.0102 ? 3 
HKL-2000 'data reduction'  .        ? 4 
HKL-2000 'data scaling'    .        ? 5 
# 
_cell.entry_id           3U7N 
_cell.length_a           93.747 
_cell.length_b           120.653 
_cell.length_c           47.562 
_cell.angle_alpha        90.00 
_cell.angle_beta         90.00 
_cell.angle_gamma        90.00 
_cell.Z_PDB              8 
_cell.pdbx_unique_axis   ? 
_cell.length_a_esd       ? 
_cell.length_b_esd       ? 
_cell.length_c_esd       ? 
_cell.angle_alpha_esd    ? 
_cell.angle_beta_esd     ? 
_cell.angle_gamma_esd    ? 
# 
_symmetry.entry_id                         3U7N 
_symmetry.space_group_name_H-M             'C 2 2 21' 
_symmetry.pdbx_full_space_group_name_H-M   ? 
_symmetry.cell_setting                     ? 
_symmetry.Int_Tables_number                20 
_symmetry.space_group_name_Hall            ? 
# 
_exptl.entry_id          3U7N 
_exptl.method            'X-RAY DIFFRACTION' 
_exptl.crystals_number   1 
# 
_exptl_crystal.id                    1 
_exptl_crystal.density_meas          ? 
_exptl_crystal.density_Matthews      3.10 
_exptl_crystal.density_percent_sol   60.32 
_exptl_crystal.description           ? 
_exptl_crystal.F_000                 ? 
_exptl_crystal.preparation           ? 
# 
_exptl_crystal_grow.crystal_id      1 
_exptl_crystal_grow.method          'VAPOR DIFFUSION, HANGING DROP' 
_exptl_crystal_grow.temp            297 
_exptl_crystal_grow.temp_details    ? 
_exptl_crystal_grow.pH              8.5 
_exptl_crystal_grow.pdbx_details    
;23%(w/v) PEG 4000, 50mM Tris-HCl, 15%(v/v) glycerol, 100mM MgCl2, 20mM CaCl2, pH 8.5, VAPOR DIFFUSION, HANGING DROP, temperature 297K
;
_exptl_crystal_grow.pdbx_pH_range   . 
# 
_diffrn.id                     1 
_diffrn.ambient_temp           100 
_diffrn.ambient_temp_details   ? 
_diffrn.crystal_id             1 
# 
_diffrn_detector.diffrn_id              1 
_diffrn_detector.detector               CCD 
_diffrn_detector.type                   'ADSC QUANTUM 315' 
_diffrn_detector.pdbx_collection_date   2006-06-02 
_diffrn_detector.details                ? 
# 
_diffrn_radiation.diffrn_id                        1 
_diffrn_radiation.wavelength_id                    1 
_diffrn_radiation.pdbx_monochromatic_or_laue_m_l   M 
_diffrn_radiation.monochromator                    ? 
_diffrn_radiation.pdbx_diffrn_protocol             'SINGLE WAVELENGTH' 
_diffrn_radiation.pdbx_scattering_type             x-ray 
# 
_diffrn_radiation_wavelength.id           1 
_diffrn_radiation_wavelength.wavelength   1.0000 
_diffrn_radiation_wavelength.wt           1.0 
# 
_diffrn_source.diffrn_id                   1 
_diffrn_source.source                      SYNCHROTRON 
_diffrn_source.type                        'PHOTON FACTORY BEAMLINE BL-5A' 
_diffrn_source.pdbx_synchrotron_site       'Photon Factory' 
_diffrn_source.pdbx_synchrotron_beamline   BL-5A 
_diffrn_source.pdbx_wavelength             ? 
_diffrn_source.pdbx_wavelength_list        1.0000 
# 
_reflns.entry_id                     3U7N 
_reflns.observed_criterion_sigma_I   ? 
_reflns.observed_criterion_sigma_F   ? 
_reflns.d_resolution_low             20 
_reflns.d_resolution_high            2.3 
_reflns.number_obs                   12218 
_reflns.number_all                   ? 
_reflns.percent_possible_obs         ? 
_reflns.pdbx_Rmerge_I_obs            ? 
_reflns.pdbx_Rsym_value              ? 
_reflns.pdbx_netI_over_sigmaI        ? 
_reflns.B_iso_Wilson_estimate        ? 
_reflns.pdbx_redundancy              ? 
_reflns.R_free_details               ? 
_reflns.limit_h_max                  ? 
_reflns.limit_h_min                  ? 
_reflns.limit_k_max                  ? 
_reflns.limit_k_min                  ? 
_reflns.limit_l_max                  ? 
_reflns.limit_l_min                  ? 
_reflns.observed_criterion_F_max     ? 
_reflns.observed_criterion_F_min     ? 
_reflns.pdbx_chi_squared             ? 
_reflns.pdbx_scaling_rejects         ? 
_reflns.pdbx_ordinal                 1 
_reflns.pdbx_diffrn_id               1 
# 
_refine.entry_id                                 3U7N 
_refine.ls_number_reflns_obs                     11618 
_refine.ls_number_reflns_all                     ? 
_refine.pdbx_ls_sigma_I                          ? 
_refine.pdbx_ls_sigma_F                          ? 
_refine.pdbx_data_cutoff_high_absF               ? 
_refine.pdbx_data_cutoff_low_absF                ? 
_refine.pdbx_data_cutoff_high_rms_absF           ? 
_refine.ls_d_res_low                             20.00 
_refine.ls_d_res_high                            2.30 
_refine.ls_percent_reflns_obs                    98.37 
_refine.ls_R_factor_obs                          0.19459 
_refine.ls_R_factor_all                          ? 
_refine.ls_R_factor_R_work                       0.19296 
_refine.ls_R_factor_R_free                       0.22758 
_refine.ls_R_factor_R_free_error                 ? 
_refine.ls_R_factor_R_free_error_details         ? 
_refine.ls_percent_reflns_R_free                 4.8 
_refine.ls_number_reflns_R_free                  591 
_refine.ls_number_parameters                     ? 
_refine.ls_number_restraints                     ? 
_refine.occupancy_min                            ? 
_refine.occupancy_max                            ? 
_refine.correlation_coeff_Fo_to_Fc               0.945 
_refine.correlation_coeff_Fo_to_Fc_free          0.921 
_refine.B_iso_mean                               33.410 
_refine.aniso_B[1][1]                            2.93 
_refine.aniso_B[2][2]                            -2.70 
_refine.aniso_B[3][3]                            -0.23 
_refine.aniso_B[1][2]                            0.00 
_refine.aniso_B[1][3]                            0.00 
_refine.aniso_B[2][3]                            0.00 
_refine.solvent_model_details                    MASK 
_refine.solvent_model_param_ksol                 ? 
_refine.solvent_model_param_bsol                 ? 
_refine.pdbx_solvent_vdw_probe_radii             1.40 
_refine.pdbx_solvent_ion_probe_radii             0.80 
_refine.pdbx_solvent_shrinkage_radii             0.80 
_refine.pdbx_ls_cross_valid_method               THROUGHOUT 
_refine.details                                  'HYDROGENS HAVE BEEN ADDED IN THE RIDING POSITIONS' 
_refine.pdbx_starting_model                      1Q1Y 
_refine.pdbx_method_to_determine_struct          'MOLECULAR REPLACEMENT' 
_refine.pdbx_isotropic_thermal_model             ? 
_refine.pdbx_stereochemistry_target_values       'MAXIMUM LIKELIHOOD' 
_refine.pdbx_stereochem_target_val_spec_case     ? 
_refine.pdbx_R_Free_selection_details            RANDOM 
_refine.pdbx_overall_ESU_R_Free                  0.197 
_refine.overall_SU_ML                            0.130 
_refine.pdbx_overall_phase_error                 ? 
_refine.overall_SU_B                             5.121 
_refine.overall_SU_R_Cruickshank_DPI             ? 
_refine.ls_redundancy_reflns_obs                 ? 
_refine.B_iso_min                                ? 
_refine.B_iso_max                                ? 
_refine.overall_SU_R_free                        ? 
_refine.ls_wR_factor_R_free                      ? 
_refine.ls_wR_factor_R_work                      ? 
_refine.overall_FOM_free_R_set                   ? 
_refine.overall_FOM_work_R_set                   ? 
_refine.pdbx_diffrn_id                           1 
_refine.pdbx_refine_id                           'X-RAY DIFFRACTION' 
_refine.pdbx_overall_ESU_R                       ? 
_refine.pdbx_TLS_residual_ADP_flag               ? 
_refine.pdbx_overall_SU_R_free_Cruickshank_DPI   ? 
_refine.pdbx_overall_SU_R_Blow_DPI               ? 
_refine.pdbx_overall_SU_R_free_Blow_DPI          ? 
# 
_refine_hist.pdbx_refine_id                   'X-RAY DIFFRACTION' 
_refine_hist.cycle_id                         LAST 
_refine_hist.pdbx_number_atoms_protein        1462 
_refine_hist.pdbx_number_atoms_nucleic_acid   0 
_refine_hist.pdbx_number_atoms_ligand         28 
_refine_hist.number_atoms_solvent             94 
_refine_hist.number_atoms_total               1584 
_refine_hist.d_res_high                       2.30 
_refine_hist.d_res_low                        20.00 
# 
loop_
_refine_ls_restr.type 
_refine_ls_restr.dev_ideal 
_refine_ls_restr.dev_ideal_target 
_refine_ls_restr.weight 
_refine_ls_restr.number 
_refine_ls_restr.pdbx_restraint_function 
_refine_ls_restr.pdbx_refine_id 
r_bond_refined_d             0.010  0.022  ? 1515 ? 'X-RAY DIFFRACTION' 
r_bond_other_d               ?      ?      ? ?    ? 'X-RAY DIFFRACTION' 
r_angle_refined_deg          1.226  1.996  ? 2047 ? 'X-RAY DIFFRACTION' 
r_angle_other_deg            ?      ?      ? ?    ? 'X-RAY DIFFRACTION' 
r_dihedral_angle_1_deg       5.760  5.000  ? 184  ? 'X-RAY DIFFRACTION' 
r_dihedral_angle_2_deg       38.019 24.857 ? 70   ? 'X-RAY DIFFRACTION' 
r_dihedral_angle_3_deg       14.039 15.000 ? 273  ? 'X-RAY DIFFRACTION' 
r_dihedral_angle_4_deg       15.745 15.000 ? 9    ? 'X-RAY DIFFRACTION' 
r_chiral_restr               0.077  0.200  ? 235  ? 'X-RAY DIFFRACTION' 
r_gen_planes_refined         0.005  0.021  ? 1121 ? 'X-RAY DIFFRACTION' 
r_gen_planes_other           ?      ?      ? ?    ? 'X-RAY DIFFRACTION' 
r_nbd_refined                ?      ?      ? ?    ? 'X-RAY DIFFRACTION' 
r_nbd_other                  ?      ?      ? ?    ? 'X-RAY DIFFRACTION' 
r_nbtor_refined              ?      ?      ? ?    ? 'X-RAY DIFFRACTION' 
r_nbtor_other                ?      ?      ? ?    ? 'X-RAY DIFFRACTION' 
r_xyhbond_nbd_refined        ?      ?      ? ?    ? 'X-RAY DIFFRACTION' 
r_xyhbond_nbd_other          ?      ?      ? ?    ? 'X-RAY DIFFRACTION' 
r_metal_ion_refined          ?      ?      ? ?    ? 'X-RAY DIFFRACTION' 
r_metal_ion_other            ?      ?      ? ?    ? 'X-RAY DIFFRACTION' 
r_symmetry_vdw_refined       ?      ?      ? ?    ? 'X-RAY DIFFRACTION' 
r_symmetry_vdw_other         ?      ?      ? ?    ? 'X-RAY DIFFRACTION' 
r_symmetry_hbond_refined     ?      ?      ? ?    ? 'X-RAY DIFFRACTION' 
r_symmetry_hbond_other       ?      ?      ? ?    ? 'X-RAY DIFFRACTION' 
r_symmetry_metal_ion_refined ?      ?      ? ?    ? 'X-RAY DIFFRACTION' 
r_symmetry_metal_ion_other   ?      ?      ? ?    ? 'X-RAY DIFFRACTION' 
r_mcbond_it                  0.601  1.500  ? 927  ? 'X-RAY DIFFRACTION' 
r_mcbond_other               ?      ?      ? ?    ? 'X-RAY DIFFRACTION' 
r_mcangle_it                 1.163  2.000  ? 1505 ? 'X-RAY DIFFRACTION' 
r_scbond_it                  1.833  3.000  ? 588  ? 'X-RAY DIFFRACTION' 
r_scangle_it                 3.196  4.500  ? 542  ? 'X-RAY DIFFRACTION' 
r_rigid_bond_restr           ?      ?      ? ?    ? 'X-RAY DIFFRACTION' 
r_sphericity_free            ?      ?      ? ?    ? 'X-RAY DIFFRACTION' 
r_sphericity_bonded          ?      ?      ? ?    ? 'X-RAY DIFFRACTION' 
# 
_refine_ls_shell.pdbx_refine_id                   'X-RAY DIFFRACTION' 
_refine_ls_shell.pdbx_total_number_of_bins_used   20 
_refine_ls_shell.d_res_high                       2.296 
_refine_ls_shell.d_res_low                        2.355 
_refine_ls_shell.number_reflns_R_work             787 
_refine_ls_shell.R_factor_R_work                  0.185 
_refine_ls_shell.percent_reflns_obs               93.03 
_refine_ls_shell.R_factor_R_free                  0.195 
_refine_ls_shell.R_factor_R_free_error            ? 
_refine_ls_shell.percent_reflns_R_free            ? 
_refine_ls_shell.number_reflns_R_free             41 
_refine_ls_shell.number_reflns_all                ? 
_refine_ls_shell.R_factor_all                     ? 
_refine_ls_shell.number_reflns_obs                ? 
_refine_ls_shell.redundancy_reflns_obs            ? 
# 
_struct.entry_id                  3U7N 
_struct.title                     
'Crystal structures of the Staphylococcus aureus peptide deformylase in complex with two classes of new inhibitors' 
_struct.pdbx_model_details        ? 
_struct.pdbx_CASP_flag            ? 
_struct.pdbx_model_type_details   ? 
# 
_struct_keywords.entry_id        3U7N 
_struct_keywords.pdbx_keywords   'HYDROLASE/HYDROLASE INHIBITOR' 
_struct_keywords.text            'PDF-INHIBITOR, PDF, PEPTIDE DEFORMYLASE, HYDROLASE, HYDROLASE-HYDROLASE INHIBITOR complex' 
# 
loop_
_struct_asym.id 
_struct_asym.pdbx_blank_PDB_chainid_flag 
_struct_asym.pdbx_modified 
_struct_asym.entity_id 
_struct_asym.details 
A N N 1 ? 
B N N 2 ? 
C N N 3 ? 
D N N 4 ? 
# 
_struct_ref.id                         1 
_struct_ref.db_name                    UNP 
_struct_ref.db_code                    DEF_STAAC 
_struct_ref.pdbx_db_accession          Q5HGZ3 
_struct_ref.entity_id                  1 
_struct_ref.pdbx_seq_one_letter_code   
;MLTMKDIIRDGHPTLRQKAAELELPLTKEEKETLIAMREFLVNSQDEEIAKRYGLRSGVGLAAPQINISKRMIAVLIPDD
GSGKSYDYMLVNPKIVSHSVQEAYLPTGEGCLSVDDNVAGLVHRHNRITIKAKDIEGNDIQLRLKGYPAIVFQHEIDHLN
GVMFYDHIDKDHPLQPHTDAVEV
;
_struct_ref.pdbx_align_begin           1 
_struct_ref.pdbx_db_isoform            ? 
# 
_struct_ref_seq.align_id                      1 
_struct_ref_seq.ref_id                        1 
_struct_ref_seq.pdbx_PDB_id_code              3U7N 
_struct_ref_seq.pdbx_strand_id                A 
_struct_ref_seq.seq_align_beg                 1 
_struct_ref_seq.pdbx_seq_align_beg_ins_code   ? 
_struct_ref_seq.seq_align_end                 183 
_struct_ref_seq.pdbx_seq_align_end_ins_code   ? 
_struct_ref_seq.pdbx_db_accession             Q5HGZ3 
_struct_ref_seq.db_align_beg                  1 
_struct_ref_seq.pdbx_db_align_beg_ins_code    ? 
_struct_ref_seq.db_align_end                  183 
_struct_ref_seq.pdbx_db_align_end_ins_code    ? 
_struct_ref_seq.pdbx_auth_seq_align_beg       1 
_struct_ref_seq.pdbx_auth_seq_align_end       183 
# 
loop_
_struct_ref_seq_dif.align_id 
_struct_ref_seq_dif.pdbx_pdb_id_code 
_struct_ref_seq_dif.mon_id 
_struct_ref_seq_dif.pdbx_pdb_strand_id 
_struct_ref_seq_dif.seq_num 
_struct_ref_seq_dif.pdbx_pdb_ins_code 
_struct_ref_seq_dif.pdbx_seq_db_name 
_struct_ref_seq_dif.pdbx_seq_db_accession_code 
_struct_ref_seq_dif.db_mon_id 
_struct_ref_seq_dif.pdbx_seq_db_seq_num 
_struct_ref_seq_dif.details 
_struct_ref_seq_dif.pdbx_auth_seq_num 
_struct_ref_seq_dif.pdbx_ordinal 
1 3U7N LEU A 184 ? UNP Q5HGZ3 ? ? 'expression tag' 184 1 
1 3U7N GLU A 185 ? UNP Q5HGZ3 ? ? 'expression tag' 185 2 
1 3U7N HIS A 186 ? UNP Q5HGZ3 ? ? 'expression tag' 186 3 
1 3U7N HIS A 187 ? UNP Q5HGZ3 ? ? 'expression tag' 187 4 
1 3U7N HIS A 188 ? UNP Q5HGZ3 ? ? 'expression tag' 188 5 
1 3U7N HIS A 189 ? UNP Q5HGZ3 ? ? 'expression tag' 189 6 
1 3U7N HIS A 190 ? UNP Q5HGZ3 ? ? 'expression tag' 190 7 
1 3U7N HIS A 191 ? UNP Q5HGZ3 ? ? 'expression tag' 191 8 
# 
_pdbx_struct_assembly.id                   1 
_pdbx_struct_assembly.details              author_and_software_defined_assembly 
_pdbx_struct_assembly.method_details       PISA 
_pdbx_struct_assembly.oligomeric_details   monomeric 
_pdbx_struct_assembly.oligomeric_count     1 
# 
_pdbx_struct_assembly_gen.assembly_id       1 
_pdbx_struct_assembly_gen.oper_expression   1 
_pdbx_struct_assembly_gen.asym_id_list      A,B,C,D 
# 
_pdbx_struct_oper_list.id                   1 
_pdbx_struct_oper_list.type                 'identity operation' 
_pdbx_struct_oper_list.name                 1_555 
_pdbx_struct_oper_list.symmetry_operation   x,y,z 
_pdbx_struct_oper_list.matrix[1][1]         1.0000000000 
_pdbx_struct_oper_list.matrix[1][2]         0.0000000000 
_pdbx_struct_oper_list.matrix[1][3]         0.0000000000 
_pdbx_struct_oper_list.vector[1]            0.0000000000 
_pdbx_struct_oper_list.matrix[2][1]         0.0000000000 
_pdbx_struct_oper_list.matrix[2][2]         1.0000000000 
_pdbx_struct_oper_list.matrix[2][3]         0.0000000000 
_pdbx_struct_oper_list.vector[2]            0.0000000000 
_pdbx_struct_oper_list.matrix[3][1]         0.0000000000 
_pdbx_struct_oper_list.matrix[3][2]         0.0000000000 
_pdbx_struct_oper_list.matrix[3][3]         1.0000000000 
_pdbx_struct_oper_list.vector[3]            0.0000000000 
# 
_struct_biol.id        1 
_struct_biol.details   ? 
# 
loop_
_struct_conf.conf_type_id 
_struct_conf.id 
_struct_conf.pdbx_PDB_helix_id 
_struct_conf.beg_label_comp_id 
_struct_conf.beg_label_asym_id 
_struct_conf.beg_label_seq_id 
_struct_conf.pdbx_beg_PDB_ins_code 
_struct_conf.end_label_comp_id 
_struct_conf.end_label_asym_id 
_struct_conf.end_label_seq_id 
_struct_conf.pdbx_end_PDB_ins_code 
_struct_conf.beg_auth_comp_id 
_struct_conf.beg_auth_asym_id 
_struct_conf.beg_auth_seq_id 
_struct_conf.end_auth_comp_id 
_struct_conf.end_auth_asym_id 
_struct_conf.end_auth_seq_id 
_struct_conf.pdbx_PDB_helix_class 
_struct_conf.details 
_struct_conf.pdbx_PDB_helix_length 
HELX_P HELX_P1 1 THR A 3   ? ILE A 7   ? THR A 3   ILE A 7   5 ? 5  
HELX_P HELX_P2 2 HIS A 12  ? GLN A 17  ? HIS A 12  GLN A 17  5 ? 6  
HELX_P HELX_P3 3 THR A 27  ? ASP A 46  ? THR A 27  ASP A 46  1 ? 20 
HELX_P HELX_P4 4 ASP A 46  ? TYR A 53  ? ASP A 46  TYR A 53  1 ? 8  
HELX_P HELX_P5 5 PRO A 64  ? ASN A 67  ? PRO A 64  ASN A 67  5 ? 4  
HELX_P HELX_P6 6 GLY A 146 ? ASN A 160 ? GLY A 146 ASN A 160 1 ? 15 
HELX_P HELX_P7 7 MET A 163 ? ILE A 168 ? MET A 163 ILE A 168 5 ? 6  
# 
_struct_conf_type.id          HELX_P 
_struct_conf_type.criteria    ? 
_struct_conf_type.reference   ? 
# 
loop_
_struct_conn.id 
_struct_conn.conn_type_id 
_struct_conn.pdbx_leaving_atom_flag 
_struct_conn.pdbx_PDB_id 
_struct_conn.ptnr1_label_asym_id 
_struct_conn.ptnr1_label_comp_id 
_struct_conn.ptnr1_label_seq_id 
_struct_conn.ptnr1_label_atom_id 
_struct_conn.pdbx_ptnr1_label_alt_id 
_struct_conn.pdbx_ptnr1_PDB_ins_code 
_struct_conn.pdbx_ptnr1_standard_comp_id 
_struct_conn.ptnr1_symmetry 
_struct_conn.ptnr2_label_asym_id 
_struct_conn.ptnr2_label_comp_id 
_struct_conn.ptnr2_label_seq_id 
_struct_conn.ptnr2_label_atom_id 
_struct_conn.pdbx_ptnr2_label_alt_id 
_struct_conn.pdbx_ptnr2_PDB_ins_code 
_struct_conn.ptnr1_auth_asym_id 
_struct_conn.ptnr1_auth_comp_id 
_struct_conn.ptnr1_auth_seq_id 
_struct_conn.ptnr2_auth_asym_id 
_struct_conn.ptnr2_auth_comp_id 
_struct_conn.ptnr2_auth_seq_id 
_struct_conn.ptnr2_symmetry 
_struct_conn.pdbx_ptnr3_label_atom_id 
_struct_conn.pdbx_ptnr3_label_seq_id 
_struct_conn.pdbx_ptnr3_label_comp_id 
_struct_conn.pdbx_ptnr3_label_asym_id 
_struct_conn.pdbx_ptnr3_label_alt_id 
_struct_conn.pdbx_ptnr3_PDB_ins_code 
_struct_conn.details 
_struct_conn.pdbx_dist_value 
_struct_conn.pdbx_value_order 
_struct_conn.pdbx_role 
covale1 covale both ? A GLY 110 C   ? ? ? 1_555 A CSD 111 N  ? ? A GLY 110 A CSD 111 1_555 ? ? ? ? ? ? ? 1.331 ? ? 
covale2 covale both ? A CSD 111 C   ? ? ? 1_555 A LEU 112 N  ? ? A CSD 111 A LEU 112 1_555 ? ? ? ? ? ? ? 1.335 ? ? 
metalc1 metalc ?    ? A CSD 111 SG  ? ? ? 1_555 B ZN  .   ZN ? ? A CSD 111 A ZN  350 1_555 ? ? ? ? ? ? ? 2.312 ? ? 
metalc2 metalc ?    ? A HIS 154 NE2 ? ? ? 1_555 B ZN  .   ZN ? ? A HIS 154 A ZN  350 1_555 ? ? ? ? ? ? ? 2.384 ? ? 
metalc3 metalc ?    ? A HIS 158 NE2 ? ? ? 1_555 B ZN  .   ZN ? ? A HIS 158 A ZN  350 1_555 ? ? ? ? ? ? ? 2.325 ? ? 
metalc4 metalc ?    ? C UHF .   OAE ? ? ? 1_555 B ZN  .   ZN ? ? A UHF 192 A ZN  350 1_555 ? ? ? ? ? ? ? 2.340 ? ? 
metalc5 metalc ?    ? C UHF .   OAH ? ? ? 1_555 B ZN  .   ZN ? ? A UHF 192 A ZN  350 1_555 ? ? ? ? ? ? ? 2.371 ? ? 
# 
loop_
_struct_conn_type.id 
_struct_conn_type.criteria 
_struct_conn_type.reference 
covale ? ? 
metalc ? ? 
# 
loop_
_pdbx_struct_conn_angle.id 
_pdbx_struct_conn_angle.ptnr1_label_atom_id 
_pdbx_struct_conn_angle.ptnr1_label_alt_id 
_pdbx_struct_conn_angle.ptnr1_label_asym_id 
_pdbx_struct_conn_angle.ptnr1_label_comp_id 
_pdbx_struct_conn_angle.ptnr1_label_seq_id 
_pdbx_struct_conn_angle.ptnr1_auth_atom_id 
_pdbx_struct_conn_angle.ptnr1_auth_asym_id 
_pdbx_struct_conn_angle.ptnr1_auth_comp_id 
_pdbx_struct_conn_angle.ptnr1_auth_seq_id 
_pdbx_struct_conn_angle.ptnr1_PDB_ins_code 
_pdbx_struct_conn_angle.ptnr1_symmetry 
_pdbx_struct_conn_angle.ptnr2_label_atom_id 
_pdbx_struct_conn_angle.ptnr2_label_alt_id 
_pdbx_struct_conn_angle.ptnr2_label_asym_id 
_pdbx_struct_conn_angle.ptnr2_label_comp_id 
_pdbx_struct_conn_angle.ptnr2_label_seq_id 
_pdbx_struct_conn_angle.ptnr2_auth_atom_id 
_pdbx_struct_conn_angle.ptnr2_auth_asym_id 
_pdbx_struct_conn_angle.ptnr2_auth_comp_id 
_pdbx_struct_conn_angle.ptnr2_auth_seq_id 
_pdbx_struct_conn_angle.ptnr2_PDB_ins_code 
_pdbx_struct_conn_angle.ptnr2_symmetry 
_pdbx_struct_conn_angle.ptnr3_label_atom_id 
_pdbx_struct_conn_angle.ptnr3_label_alt_id 
_pdbx_struct_conn_angle.ptnr3_label_asym_id 
_pdbx_struct_conn_angle.ptnr3_label_comp_id 
_pdbx_struct_conn_angle.ptnr3_label_seq_id 
_pdbx_struct_conn_angle.ptnr3_auth_atom_id 
_pdbx_struct_conn_angle.ptnr3_auth_asym_id 
_pdbx_struct_conn_angle.ptnr3_auth_comp_id 
_pdbx_struct_conn_angle.ptnr3_auth_seq_id 
_pdbx_struct_conn_angle.ptnr3_PDB_ins_code 
_pdbx_struct_conn_angle.ptnr3_symmetry 
_pdbx_struct_conn_angle.value 
_pdbx_struct_conn_angle.value_esd 
1  SG  ? A CSD 111 ? A CSD 111 ? 1_555 ZN ? B ZN . ? A ZN 350 ? 1_555 NE2 ? A HIS 154 ? A HIS 154 ? 1_555 110.9 ? 
2  SG  ? A CSD 111 ? A CSD 111 ? 1_555 ZN ? B ZN . ? A ZN 350 ? 1_555 NE2 ? A HIS 158 ? A HIS 158 ? 1_555 100.6 ? 
3  NE2 ? A HIS 154 ? A HIS 154 ? 1_555 ZN ? B ZN . ? A ZN 350 ? 1_555 NE2 ? A HIS 158 ? A HIS 158 ? 1_555 108.3 ? 
4  SG  ? A CSD 111 ? A CSD 111 ? 1_555 ZN ? B ZN . ? A ZN 350 ? 1_555 OAE ? C UHF .   ? A UHF 192 ? 1_555 151.3 ? 
5  NE2 ? A HIS 154 ? A HIS 154 ? 1_555 ZN ? B ZN . ? A ZN 350 ? 1_555 OAE ? C UHF .   ? A UHF 192 ? 1_555 95.3  ? 
6  NE2 ? A HIS 158 ? A HIS 158 ? 1_555 ZN ? B ZN . ? A ZN 350 ? 1_555 OAE ? C UHF .   ? A UHF 192 ? 1_555 81.1  ? 
7  SG  ? A CSD 111 ? A CSD 111 ? 1_555 ZN ? B ZN . ? A ZN 350 ? 1_555 OAH ? C UHF .   ? A UHF 192 ? 1_555 84.6  ? 
8  NE2 ? A HIS 154 ? A HIS 154 ? 1_555 ZN ? B ZN . ? A ZN 350 ? 1_555 OAH ? C UHF .   ? A UHF 192 ? 1_555 116.9 ? 
9  NE2 ? A HIS 158 ? A HIS 158 ? 1_555 ZN ? B ZN . ? A ZN 350 ? 1_555 OAH ? C UHF .   ? A UHF 192 ? 1_555 129.1 ? 
10 OAE ? C UHF .   ? A UHF 192 ? 1_555 ZN ? B ZN . ? A ZN 350 ? 1_555 OAH ? C UHF .   ? A UHF 192 ? 1_555 72.8  ? 
# 
loop_
_pdbx_modification_feature.ordinal 
_pdbx_modification_feature.label_comp_id 
_pdbx_modification_feature.label_asym_id 
_pdbx_modification_feature.label_seq_id 
_pdbx_modification_feature.label_alt_id 
_pdbx_modification_feature.modified_residue_label_comp_id 
_pdbx_modification_feature.modified_residue_label_asym_id 
_pdbx_modification_feature.modified_residue_label_seq_id 
_pdbx_modification_feature.modified_residue_label_alt_id 
_pdbx_modification_feature.auth_comp_id 
_pdbx_modification_feature.auth_asym_id 
_pdbx_modification_feature.auth_seq_id 
_pdbx_modification_feature.PDB_ins_code 
_pdbx_modification_feature.symmetry 
_pdbx_modification_feature.modified_residue_auth_comp_id 
_pdbx_modification_feature.modified_residue_auth_asym_id 
_pdbx_modification_feature.modified_residue_auth_seq_id 
_pdbx_modification_feature.modified_residue_PDB_ins_code 
_pdbx_modification_feature.modified_residue_symmetry 
_pdbx_modification_feature.comp_id_linking_atom 
_pdbx_modification_feature.modified_residue_id_linking_atom 
_pdbx_modification_feature.modified_residue_id 
_pdbx_modification_feature.ref_pcm_id 
_pdbx_modification_feature.ref_comp_id 
_pdbx_modification_feature.type 
_pdbx_modification_feature.category 
1 CSD A 111 ? . . . . CSD A 111 ? 1_555 . . . . . . . CYS 1 CSD Oxidation     'Named protein modification' 
2 CSD A 111 ? . . . . CSD A 111 ? 1_555 . . . . . . . CYS 2 CSD Hydroxylation 'Named protein modification' 
# 
_struct_mon_prot_cis.pdbx_id                1 
_struct_mon_prot_cis.label_comp_id          LEU 
_struct_mon_prot_cis.label_seq_id           24 
_struct_mon_prot_cis.label_asym_id          A 
_struct_mon_prot_cis.label_alt_id           . 
_struct_mon_prot_cis.pdbx_PDB_ins_code      ? 
_struct_mon_prot_cis.auth_comp_id           LEU 
_struct_mon_prot_cis.auth_seq_id            24 
_struct_mon_prot_cis.auth_asym_id           A 
_struct_mon_prot_cis.pdbx_label_comp_id_2   PRO 
_struct_mon_prot_cis.pdbx_label_seq_id_2    25 
_struct_mon_prot_cis.pdbx_label_asym_id_2   A 
_struct_mon_prot_cis.pdbx_PDB_ins_code_2    ? 
_struct_mon_prot_cis.pdbx_auth_comp_id_2    PRO 
_struct_mon_prot_cis.pdbx_auth_seq_id_2     25 
_struct_mon_prot_cis.pdbx_auth_asym_id_2    A 
_struct_mon_prot_cis.pdbx_PDB_model_num     1 
_struct_mon_prot_cis.pdbx_omega_angle       -5.50 
# 
loop_
_struct_sheet.id 
_struct_sheet.type 
_struct_sheet.number_strands 
_struct_sheet.details 
A ? 5 ? 
B ? 3 ? 
# 
loop_
_struct_sheet_order.sheet_id 
_struct_sheet_order.range_id_1 
_struct_sheet_order.range_id_2 
_struct_sheet_order.offset 
_struct_sheet_order.sense 
A 1 2 ? anti-parallel 
A 2 3 ? anti-parallel 
A 3 4 ? anti-parallel 
A 4 5 ? anti-parallel 
B 1 2 ? anti-parallel 
B 2 3 ? parallel      
# 
loop_
_struct_sheet_range.sheet_id 
_struct_sheet_range.id 
_struct_sheet_range.beg_label_comp_id 
_struct_sheet_range.beg_label_asym_id 
_struct_sheet_range.beg_label_seq_id 
_struct_sheet_range.pdbx_beg_PDB_ins_code 
_struct_sheet_range.end_label_comp_id 
_struct_sheet_range.end_label_asym_id 
_struct_sheet_range.end_label_seq_id 
_struct_sheet_range.pdbx_end_PDB_ins_code 
_struct_sheet_range.beg_auth_comp_id 
_struct_sheet_range.beg_auth_asym_id 
_struct_sheet_range.beg_auth_seq_id 
_struct_sheet_range.end_auth_comp_id 
_struct_sheet_range.end_auth_asym_id 
_struct_sheet_range.end_auth_seq_id 
A 1 GLY A 60  ? ALA A 62  ? GLY A 60  ALA A 62  
A 2 MET A 72  ? ILE A 77  ? MET A 72  ILE A 77  
A 3 TYR A 86  ? HIS A 98  ? TYR A 86  HIS A 98  
A 4 ARG A 127 ? LYS A 133 ? ARG A 127 LYS A 133 
A 5 ASP A 139 ? LYS A 145 ? ASP A 139 LYS A 145 
B 1 ARG A 124 ? HIS A 125 ? ARG A 124 HIS A 125 
B 2 GLU A 102 ? TYR A 104 ? GLU A 102 TYR A 104 
B 3 VAL A 181 ? GLU A 182 ? VAL A 181 GLU A 182 
# 
loop_
_pdbx_struct_sheet_hbond.sheet_id 
_pdbx_struct_sheet_hbond.range_id_1 
_pdbx_struct_sheet_hbond.range_id_2 
_pdbx_struct_sheet_hbond.range_1_label_atom_id 
_pdbx_struct_sheet_hbond.range_1_label_comp_id 
_pdbx_struct_sheet_hbond.range_1_label_asym_id 
_pdbx_struct_sheet_hbond.range_1_label_seq_id 
_pdbx_struct_sheet_hbond.range_1_PDB_ins_code 
_pdbx_struct_sheet_hbond.range_1_auth_atom_id 
_pdbx_struct_sheet_hbond.range_1_auth_comp_id 
_pdbx_struct_sheet_hbond.range_1_auth_asym_id 
_pdbx_struct_sheet_hbond.range_1_auth_seq_id 
_pdbx_struct_sheet_hbond.range_2_label_atom_id 
_pdbx_struct_sheet_hbond.range_2_label_comp_id 
_pdbx_struct_sheet_hbond.range_2_label_asym_id 
_pdbx_struct_sheet_hbond.range_2_label_seq_id 
_pdbx_struct_sheet_hbond.range_2_PDB_ins_code 
_pdbx_struct_sheet_hbond.range_2_auth_atom_id 
_pdbx_struct_sheet_hbond.range_2_auth_comp_id 
_pdbx_struct_sheet_hbond.range_2_auth_asym_id 
_pdbx_struct_sheet_hbond.range_2_auth_seq_id 
A 1 2 N LEU A 61  ? N LEU A 61  O ALA A 74  ? O ALA A 74  
A 2 3 N ILE A 77  ? N ILE A 77  O TYR A 86  ? O TYR A 86  
A 3 4 N SER A 97  ? N SER A 97  O THR A 129 ? O THR A 129 
A 4 5 N ILE A 130 ? N ILE A 130 O LEU A 142 ? O LEU A 142 
B 1 2 O ARG A 124 ? O ARG A 124 N ALA A 103 ? N ALA A 103 
B 2 3 N GLU A 102 ? N GLU A 102 O VAL A 181 ? O VAL A 181 
# 
loop_
_struct_site.id 
_struct_site.pdbx_evidence_code 
_struct_site.pdbx_auth_asym_id 
_struct_site.pdbx_auth_comp_id 
_struct_site.pdbx_auth_seq_id 
_struct_site.pdbx_auth_ins_code 
_struct_site.pdbx_num_residues 
_struct_site.details 
AC1 Software A ZN  350 ? 5  'BINDING SITE FOR RESIDUE ZN A 350'  
AC2 Software A UHF 192 ? 13 'BINDING SITE FOR RESIDUE UHF A 192' 
# 
loop_
_struct_site_gen.id 
_struct_site_gen.site_id 
_struct_site_gen.pdbx_num_res 
_struct_site_gen.label_comp_id 
_struct_site_gen.label_asym_id 
_struct_site_gen.label_seq_id 
_struct_site_gen.pdbx_auth_ins_code 
_struct_site_gen.auth_comp_id 
_struct_site_gen.auth_asym_id 
_struct_site_gen.auth_seq_id 
_struct_site_gen.label_atom_id 
_struct_site_gen.label_alt_id 
_struct_site_gen.symmetry 
_struct_site_gen.details 
1  AC1 5  GLN A 65  ? GLN A 65  . ? 1_555 ? 
2  AC1 5  CSD A 111 ? CSD A 111 . ? 1_555 ? 
3  AC1 5  HIS A 154 ? HIS A 154 . ? 1_555 ? 
4  AC1 5  HIS A 158 ? HIS A 158 . ? 1_555 ? 
5  AC1 5  UHF C .   ? UHF A 192 . ? 1_555 ? 
6  AC2 13 ARG A 56  ? ARG A 56  . ? 1_555 ? 
7  AC2 13 SER A 57  ? SER A 57  . ? 1_555 ? 
8  AC2 13 GLY A 58  ? GLY A 58  . ? 1_555 ? 
9  AC2 13 VAL A 59  ? VAL A 59  . ? 1_555 ? 
10 AC2 13 GLY A 60  ? GLY A 60  . ? 1_555 ? 
11 AC2 13 GLN A 65  ? GLN A 65  . ? 1_555 ? 
12 AC2 13 GLY A 110 ? GLY A 110 . ? 1_555 ? 
13 AC2 13 CSD A 111 ? CSD A 111 . ? 1_555 ? 
14 AC2 13 LEU A 112 ? LEU A 112 . ? 1_555 ? 
15 AC2 13 HIS A 154 ? HIS A 154 . ? 1_555 ? 
16 AC2 13 GLU A 155 ? GLU A 155 . ? 1_555 ? 
17 AC2 13 HIS A 158 ? HIS A 158 . ? 1_555 ? 
18 AC2 13 ZN  B .   ? ZN  A 350 . ? 1_555 ? 
# 
_pdbx_entry_details.entry_id                   3U7N 
_pdbx_entry_details.compound_details           ? 
_pdbx_entry_details.source_details             ? 
_pdbx_entry_details.nonpolymer_details         ? 
_pdbx_entry_details.sequence_details           ? 
_pdbx_entry_details.has_ligand_of_interest     ? 
_pdbx_entry_details.has_protein_modification   Y 
# 
_pdbx_validate_torsion.id              1 
_pdbx_validate_torsion.PDB_model_num   1 
_pdbx_validate_torsion.auth_comp_id    ASP 
_pdbx_validate_torsion.auth_asym_id    A 
_pdbx_validate_torsion.auth_seq_id     179 
_pdbx_validate_torsion.PDB_ins_code    ? 
_pdbx_validate_torsion.label_alt_id    ? 
_pdbx_validate_torsion.phi             72.30 
_pdbx_validate_torsion.psi             -6.42 
# 
_pdbx_struct_mod_residue.id               1 
_pdbx_struct_mod_residue.label_asym_id    A 
_pdbx_struct_mod_residue.label_comp_id    CSD 
_pdbx_struct_mod_residue.label_seq_id     111 
_pdbx_struct_mod_residue.auth_asym_id     A 
_pdbx_struct_mod_residue.auth_comp_id     CSD 
_pdbx_struct_mod_residue.auth_seq_id      111 
_pdbx_struct_mod_residue.PDB_ins_code     ? 
_pdbx_struct_mod_residue.parent_comp_id   CYS 
_pdbx_struct_mod_residue.details          3-SULFINOALANINE 
# 
loop_
_pdbx_unobs_or_zero_occ_residues.id 
_pdbx_unobs_or_zero_occ_residues.PDB_model_num 
_pdbx_unobs_or_zero_occ_residues.polymer_flag 
_pdbx_unobs_or_zero_occ_residues.occupancy_flag 
_pdbx_unobs_or_zero_occ_residues.auth_asym_id 
_pdbx_unobs_or_zero_occ_residues.auth_comp_id 
_pdbx_unobs_or_zero_occ_residues.auth_seq_id 
_pdbx_unobs_or_zero_occ_residues.PDB_ins_code 
_pdbx_unobs_or_zero_occ_residues.label_asym_id 
_pdbx_unobs_or_zero_occ_residues.label_comp_id 
_pdbx_unobs_or_zero_occ_residues.label_seq_id 
1 1 Y 1 A HIS 186 ? A HIS 186 
2 1 Y 1 A HIS 187 ? A HIS 187 
3 1 Y 1 A HIS 188 ? A HIS 188 
4 1 Y 1 A HIS 189 ? A HIS 189 
5 1 Y 1 A HIS 190 ? A HIS 190 
6 1 Y 1 A HIS 191 ? A HIS 191 
# 
loop_
_chem_comp_atom.comp_id 
_chem_comp_atom.atom_id 
_chem_comp_atom.type_symbol 
_chem_comp_atom.pdbx_aromatic_flag 
_chem_comp_atom.pdbx_stereo_config 
_chem_comp_atom.pdbx_ordinal 
ALA N    N  N N 1   
ALA CA   C  N S 2   
ALA C    C  N N 3   
ALA O    O  N N 4   
ALA CB   C  N N 5   
ALA OXT  O  N N 6   
ALA H    H  N N 7   
ALA H2   H  N N 8   
ALA HA   H  N N 9   
ALA HB1  H  N N 10  
ALA HB2  H  N N 11  
ALA HB3  H  N N 12  
ALA HXT  H  N N 13  
ARG N    N  N N 14  
ARG CA   C  N S 15  
ARG C    C  N N 16  
ARG O    O  N N 17  
ARG CB   C  N N 18  
ARG CG   C  N N 19  
ARG CD   C  N N 20  
ARG NE   N  N N 21  
ARG CZ   C  N N 22  
ARG NH1  N  N N 23  
ARG NH2  N  N N 24  
ARG OXT  O  N N 25  
ARG H    H  N N 26  
ARG H2   H  N N 27  
ARG HA   H  N N 28  
ARG HB2  H  N N 29  
ARG HB3  H  N N 30  
ARG HG2  H  N N 31  
ARG HG3  H  N N 32  
ARG HD2  H  N N 33  
ARG HD3  H  N N 34  
ARG HE   H  N N 35  
ARG HH11 H  N N 36  
ARG HH12 H  N N 37  
ARG HH21 H  N N 38  
ARG HH22 H  N N 39  
ARG HXT  H  N N 40  
ASN N    N  N N 41  
ASN CA   C  N S 42  
ASN C    C  N N 43  
ASN O    O  N N 44  
ASN CB   C  N N 45  
ASN CG   C  N N 46  
ASN OD1  O  N N 47  
ASN ND2  N  N N 48  
ASN OXT  O  N N 49  
ASN H    H  N N 50  
ASN H2   H  N N 51  
ASN HA   H  N N 52  
ASN HB2  H  N N 53  
ASN HB3  H  N N 54  
ASN HD21 H  N N 55  
ASN HD22 H  N N 56  
ASN HXT  H  N N 57  
ASP N    N  N N 58  
ASP CA   C  N S 59  
ASP C    C  N N 60  
ASP O    O  N N 61  
ASP CB   C  N N 62  
ASP CG   C  N N 63  
ASP OD1  O  N N 64  
ASP OD2  O  N N 65  
ASP OXT  O  N N 66  
ASP H    H  N N 67  
ASP H2   H  N N 68  
ASP HA   H  N N 69  
ASP HB2  H  N N 70  
ASP HB3  H  N N 71  
ASP HD2  H  N N 72  
ASP HXT  H  N N 73  
CSD N    N  N N 74  
CSD CA   C  N R 75  
CSD CB   C  N N 76  
CSD SG   S  N N 77  
CSD C    C  N N 78  
CSD O    O  N N 79  
CSD OXT  O  N N 80  
CSD OD1  O  N N 81  
CSD OD2  O  N N 82  
CSD H    H  N N 83  
CSD H2   H  N N 84  
CSD HA   H  N N 85  
CSD HB2  H  N N 86  
CSD HB3  H  N N 87  
CSD HXT  H  N N 88  
CSD HD2  H  N N 89  
GLN N    N  N N 90  
GLN CA   C  N S 91  
GLN C    C  N N 92  
GLN O    O  N N 93  
GLN CB   C  N N 94  
GLN CG   C  N N 95  
GLN CD   C  N N 96  
GLN OE1  O  N N 97  
GLN NE2  N  N N 98  
GLN OXT  O  N N 99  
GLN H    H  N N 100 
GLN H2   H  N N 101 
GLN HA   H  N N 102 
GLN HB2  H  N N 103 
GLN HB3  H  N N 104 
GLN HG2  H  N N 105 
GLN HG3  H  N N 106 
GLN HE21 H  N N 107 
GLN HE22 H  N N 108 
GLN HXT  H  N N 109 
GLU N    N  N N 110 
GLU CA   C  N S 111 
GLU C    C  N N 112 
GLU O    O  N N 113 
GLU CB   C  N N 114 
GLU CG   C  N N 115 
GLU CD   C  N N 116 
GLU OE1  O  N N 117 
GLU OE2  O  N N 118 
GLU OXT  O  N N 119 
GLU H    H  N N 120 
GLU H2   H  N N 121 
GLU HA   H  N N 122 
GLU HB2  H  N N 123 
GLU HB3  H  N N 124 
GLU HG2  H  N N 125 
GLU HG3  H  N N 126 
GLU HE2  H  N N 127 
GLU HXT  H  N N 128 
GLY N    N  N N 129 
GLY CA   C  N N 130 
GLY C    C  N N 131 
GLY O    O  N N 132 
GLY OXT  O  N N 133 
GLY H    H  N N 134 
GLY H2   H  N N 135 
GLY HA2  H  N N 136 
GLY HA3  H  N N 137 
GLY HXT  H  N N 138 
HIS N    N  N N 139 
HIS CA   C  N S 140 
HIS C    C  N N 141 
HIS O    O  N N 142 
HIS CB   C  N N 143 
HIS CG   C  Y N 144 
HIS ND1  N  Y N 145 
HIS CD2  C  Y N 146 
HIS CE1  C  Y N 147 
HIS NE2  N  Y N 148 
HIS OXT  O  N N 149 
HIS H    H  N N 150 
HIS H2   H  N N 151 
HIS HA   H  N N 152 
HIS HB2  H  N N 153 
HIS HB3  H  N N 154 
HIS HD1  H  N N 155 
HIS HD2  H  N N 156 
HIS HE1  H  N N 157 
HIS HE2  H  N N 158 
HIS HXT  H  N N 159 
HOH O    O  N N 160 
HOH H1   H  N N 161 
HOH H2   H  N N 162 
ILE N    N  N N 163 
ILE CA   C  N S 164 
ILE C    C  N N 165 
ILE O    O  N N 166 
ILE CB   C  N S 167 
ILE CG1  C  N N 168 
ILE CG2  C  N N 169 
ILE CD1  C  N N 170 
ILE OXT  O  N N 171 
ILE H    H  N N 172 
ILE H2   H  N N 173 
ILE HA   H  N N 174 
ILE HB   H  N N 175 
ILE HG12 H  N N 176 
ILE HG13 H  N N 177 
ILE HG21 H  N N 178 
ILE HG22 H  N N 179 
ILE HG23 H  N N 180 
ILE HD11 H  N N 181 
ILE HD12 H  N N 182 
ILE HD13 H  N N 183 
ILE HXT  H  N N 184 
LEU N    N  N N 185 
LEU CA   C  N S 186 
LEU C    C  N N 187 
LEU O    O  N N 188 
LEU CB   C  N N 189 
LEU CG   C  N N 190 
LEU CD1  C  N N 191 
LEU CD2  C  N N 192 
LEU OXT  O  N N 193 
LEU H    H  N N 194 
LEU H2   H  N N 195 
LEU HA   H  N N 196 
LEU HB2  H  N N 197 
LEU HB3  H  N N 198 
LEU HG   H  N N 199 
LEU HD11 H  N N 200 
LEU HD12 H  N N 201 
LEU HD13 H  N N 202 
LEU HD21 H  N N 203 
LEU HD22 H  N N 204 
LEU HD23 H  N N 205 
LEU HXT  H  N N 206 
LYS N    N  N N 207 
LYS CA   C  N S 208 
LYS C    C  N N 209 
LYS O    O  N N 210 
LYS CB   C  N N 211 
LYS CG   C  N N 212 
LYS CD   C  N N 213 
LYS CE   C  N N 214 
LYS NZ   N  N N 215 
LYS OXT  O  N N 216 
LYS H    H  N N 217 
LYS H2   H  N N 218 
LYS HA   H  N N 219 
LYS HB2  H  N N 220 
LYS HB3  H  N N 221 
LYS HG2  H  N N 222 
LYS HG3  H  N N 223 
LYS HD2  H  N N 224 
LYS HD3  H  N N 225 
LYS HE2  H  N N 226 
LYS HE3  H  N N 227 
LYS HZ1  H  N N 228 
LYS HZ2  H  N N 229 
LYS HZ3  H  N N 230 
LYS HXT  H  N N 231 
MET N    N  N N 232 
MET CA   C  N S 233 
MET C    C  N N 234 
MET O    O  N N 235 
MET CB   C  N N 236 
MET CG   C  N N 237 
MET SD   S  N N 238 
MET CE   C  N N 239 
MET OXT  O  N N 240 
MET H    H  N N 241 
MET H2   H  N N 242 
MET HA   H  N N 243 
MET HB2  H  N N 244 
MET HB3  H  N N 245 
MET HG2  H  N N 246 
MET HG3  H  N N 247 
MET HE1  H  N N 248 
MET HE2  H  N N 249 
MET HE3  H  N N 250 
MET HXT  H  N N 251 
PHE N    N  N N 252 
PHE CA   C  N S 253 
PHE C    C  N N 254 
PHE O    O  N N 255 
PHE CB   C  N N 256 
PHE CG   C  Y N 257 
PHE CD1  C  Y N 258 
PHE CD2  C  Y N 259 
PHE CE1  C  Y N 260 
PHE CE2  C  Y N 261 
PHE CZ   C  Y N 262 
PHE OXT  O  N N 263 
PHE H    H  N N 264 
PHE H2   H  N N 265 
PHE HA   H  N N 266 
PHE HB2  H  N N 267 
PHE HB3  H  N N 268 
PHE HD1  H  N N 269 
PHE HD2  H  N N 270 
PHE HE1  H  N N 271 
PHE HE2  H  N N 272 
PHE HZ   H  N N 273 
PHE HXT  H  N N 274 
PRO N    N  N N 275 
PRO CA   C  N S 276 
PRO C    C  N N 277 
PRO O    O  N N 278 
PRO CB   C  N N 279 
PRO CG   C  N N 280 
PRO CD   C  N N 281 
PRO OXT  O  N N 282 
PRO H    H  N N 283 
PRO HA   H  N N 284 
PRO HB2  H  N N 285 
PRO HB3  H  N N 286 
PRO HG2  H  N N 287 
PRO HG3  H  N N 288 
PRO HD2  H  N N 289 
PRO HD3  H  N N 290 
PRO HXT  H  N N 291 
SER N    N  N N 292 
SER CA   C  N S 293 
SER C    C  N N 294 
SER O    O  N N 295 
SER CB   C  N N 296 
SER OG   O  N N 297 
SER OXT  O  N N 298 
SER H    H  N N 299 
SER H2   H  N N 300 
SER HA   H  N N 301 
SER HB2  H  N N 302 
SER HB3  H  N N 303 
SER HG   H  N N 304 
SER HXT  H  N N 305 
THR N    N  N N 306 
THR CA   C  N S 307 
THR C    C  N N 308 
THR O    O  N N 309 
THR CB   C  N R 310 
THR OG1  O  N N 311 
THR CG2  C  N N 312 
THR OXT  O  N N 313 
THR H    H  N N 314 
THR H2   H  N N 315 
THR HA   H  N N 316 
THR HB   H  N N 317 
THR HG1  H  N N 318 
THR HG21 H  N N 319 
THR HG22 H  N N 320 
THR HG23 H  N N 321 
THR HXT  H  N N 322 
TYR N    N  N N 323 
TYR CA   C  N S 324 
TYR C    C  N N 325 
TYR O    O  N N 326 
TYR CB   C  N N 327 
TYR CG   C  Y N 328 
TYR CD1  C  Y N 329 
TYR CD2  C  Y N 330 
TYR CE1  C  Y N 331 
TYR CE2  C  Y N 332 
TYR CZ   C  Y N 333 
TYR OH   O  N N 334 
TYR OXT  O  N N 335 
TYR H    H  N N 336 
TYR H2   H  N N 337 
TYR HA   H  N N 338 
TYR HB2  H  N N 339 
TYR HB3  H  N N 340 
TYR HD1  H  N N 341 
TYR HD2  H  N N 342 
TYR HE1  H  N N 343 
TYR HE2  H  N N 344 
TYR HH   H  N N 345 
TYR HXT  H  N N 346 
UHF C    C  N N 347 
UHF N    N  N N 348 
UHF O    O  N N 349 
UHF CA   C  N S 350 
UHF CB   C  N N 351 
UHF CAA  C  N N 352 
UHF CAB  C  N N 353 
UHF OAE  O  N N 354 
UHF OAF  O  N N 355 
UHF OAH  O  N N 356 
UHF CAI  C  N N 357 
UHF CAJ  C  Y N 358 
UHF CAK  C  Y N 359 
UHF CAL  C  Y N 360 
UHF CAM  C  N N 361 
UHF CAN  C  N N 362 
UHF CAO  C  N N 363 
UHF CAP  C  N N 364 
UHF NAQ  N  Y N 365 
UHF NAR  N  N N 366 
UHF CAT  C  N N 367 
UHF CAV  C  Y N 368 
UHF CAW  C  Y N 369 
UHF CAY  C  N R 370 
UHF NBA  N  N N 371 
UHF CG1  C  N N 372 
UHF CG2  C  N N 373 
UHF HN   H  N N 374 
UHF HA   H  N N 375 
UHF HB   H  N N 376 
UHF HAA  H  N N 377 
UHF HAAA H  N N 378 
UHF HAAB H  N N 379 
UHF HAB  H  N N 380 
UHF HABA H  N N 381 
UHF HABB H  N N 382 
UHF HOAH H  N N 383 
UHF HAI  H  N N 384 
UHF HAJ  H  N N 385 
UHF HAK  H  N N 386 
UHF HAL  H  N N 387 
UHF HAM  H  N N 388 
UHF HAMA H  N N 389 
UHF HAN  H  N N 390 
UHF HANA H  N N 391 
UHF HAO  H  N N 392 
UHF HAOA H  N N 393 
UHF HAP  H  N N 394 
UHF HAPA H  N N 395 
UHF HNAR H  N N 396 
UHF HAY  H  N N 397 
UHF HG1  H  N N 398 
UHF HG1A H  N N 399 
UHF HG1B H  N N 400 
UHF HG2  H  N N 401 
UHF HG2A H  N N 402 
UHF HG2B H  N N 403 
VAL N    N  N N 404 
VAL CA   C  N S 405 
VAL C    C  N N 406 
VAL O    O  N N 407 
VAL CB   C  N N 408 
VAL CG1  C  N N 409 
VAL CG2  C  N N 410 
VAL OXT  O  N N 411 
VAL H    H  N N 412 
VAL H2   H  N N 413 
VAL HA   H  N N 414 
VAL HB   H  N N 415 
VAL HG11 H  N N 416 
VAL HG12 H  N N 417 
VAL HG13 H  N N 418 
VAL HG21 H  N N 419 
VAL HG22 H  N N 420 
VAL HG23 H  N N 421 
VAL HXT  H  N N 422 
ZN  ZN   ZN N N 423 
# 
loop_
_chem_comp_bond.comp_id 
_chem_comp_bond.atom_id_1 
_chem_comp_bond.atom_id_2 
_chem_comp_bond.value_order 
_chem_comp_bond.pdbx_aromatic_flag 
_chem_comp_bond.pdbx_stereo_config 
_chem_comp_bond.pdbx_ordinal 
ALA N   CA   sing N N 1   
ALA N   H    sing N N 2   
ALA N   H2   sing N N 3   
ALA CA  C    sing N N 4   
ALA CA  CB   sing N N 5   
ALA CA  HA   sing N N 6   
ALA C   O    doub N N 7   
ALA C   OXT  sing N N 8   
ALA CB  HB1  sing N N 9   
ALA CB  HB2  sing N N 10  
ALA CB  HB3  sing N N 11  
ALA OXT HXT  sing N N 12  
ARG N   CA   sing N N 13  
ARG N   H    sing N N 14  
ARG N   H2   sing N N 15  
ARG CA  C    sing N N 16  
ARG CA  CB   sing N N 17  
ARG CA  HA   sing N N 18  
ARG C   O    doub N N 19  
ARG C   OXT  sing N N 20  
ARG CB  CG   sing N N 21  
ARG CB  HB2  sing N N 22  
ARG CB  HB3  sing N N 23  
ARG CG  CD   sing N N 24  
ARG CG  HG2  sing N N 25  
ARG CG  HG3  sing N N 26  
ARG CD  NE   sing N N 27  
ARG CD  HD2  sing N N 28  
ARG CD  HD3  sing N N 29  
ARG NE  CZ   sing N N 30  
ARG NE  HE   sing N N 31  
ARG CZ  NH1  sing N N 32  
ARG CZ  NH2  doub N N 33  
ARG NH1 HH11 sing N N 34  
ARG NH1 HH12 sing N N 35  
ARG NH2 HH21 sing N N 36  
ARG NH2 HH22 sing N N 37  
ARG OXT HXT  sing N N 38  
ASN N   CA   sing N N 39  
ASN N   H    sing N N 40  
ASN N   H2   sing N N 41  
ASN CA  C    sing N N 42  
ASN CA  CB   sing N N 43  
ASN CA  HA   sing N N 44  
ASN C   O    doub N N 45  
ASN C   OXT  sing N N 46  
ASN CB  CG   sing N N 47  
ASN CB  HB2  sing N N 48  
ASN CB  HB3  sing N N 49  
ASN CG  OD1  doub N N 50  
ASN CG  ND2  sing N N 51  
ASN ND2 HD21 sing N N 52  
ASN ND2 HD22 sing N N 53  
ASN OXT HXT  sing N N 54  
ASP N   CA   sing N N 55  
ASP N   H    sing N N 56  
ASP N   H2   sing N N 57  
ASP CA  C    sing N N 58  
ASP CA  CB   sing N N 59  
ASP CA  HA   sing N N 60  
ASP C   O    doub N N 61  
ASP C   OXT  sing N N 62  
ASP CB  CG   sing N N 63  
ASP CB  HB2  sing N N 64  
ASP CB  HB3  sing N N 65  
ASP CG  OD1  doub N N 66  
ASP CG  OD2  sing N N 67  
ASP OD2 HD2  sing N N 68  
ASP OXT HXT  sing N N 69  
CSD N   CA   sing N N 70  
CSD N   H    sing N N 71  
CSD N   H2   sing N N 72  
CSD CA  CB   sing N N 73  
CSD CA  C    sing N N 74  
CSD CA  HA   sing N N 75  
CSD CB  SG   sing N N 76  
CSD CB  HB2  sing N N 77  
CSD CB  HB3  sing N N 78  
CSD SG  OD1  doub N N 79  
CSD SG  OD2  sing N N 80  
CSD C   O    doub N N 81  
CSD C   OXT  sing N N 82  
CSD OXT HXT  sing N N 83  
CSD OD2 HD2  sing N N 84  
GLN N   CA   sing N N 85  
GLN N   H    sing N N 86  
GLN N   H2   sing N N 87  
GLN CA  C    sing N N 88  
GLN CA  CB   sing N N 89  
GLN CA  HA   sing N N 90  
GLN C   O    doub N N 91  
GLN C   OXT  sing N N 92  
GLN CB  CG   sing N N 93  
GLN CB  HB2  sing N N 94  
GLN CB  HB3  sing N N 95  
GLN CG  CD   sing N N 96  
GLN CG  HG2  sing N N 97  
GLN CG  HG3  sing N N 98  
GLN CD  OE1  doub N N 99  
GLN CD  NE2  sing N N 100 
GLN NE2 HE21 sing N N 101 
GLN NE2 HE22 sing N N 102 
GLN OXT HXT  sing N N 103 
GLU N   CA   sing N N 104 
GLU N   H    sing N N 105 
GLU N   H2   sing N N 106 
GLU CA  C    sing N N 107 
GLU CA  CB   sing N N 108 
GLU CA  HA   sing N N 109 
GLU C   O    doub N N 110 
GLU C   OXT  sing N N 111 
GLU CB  CG   sing N N 112 
GLU CB  HB2  sing N N 113 
GLU CB  HB3  sing N N 114 
GLU CG  CD   sing N N 115 
GLU CG  HG2  sing N N 116 
GLU CG  HG3  sing N N 117 
GLU CD  OE1  doub N N 118 
GLU CD  OE2  sing N N 119 
GLU OE2 HE2  sing N N 120 
GLU OXT HXT  sing N N 121 
GLY N   CA   sing N N 122 
GLY N   H    sing N N 123 
GLY N   H2   sing N N 124 
GLY CA  C    sing N N 125 
GLY CA  HA2  sing N N 126 
GLY CA  HA3  sing N N 127 
GLY C   O    doub N N 128 
GLY C   OXT  sing N N 129 
GLY OXT HXT  sing N N 130 
HIS N   CA   sing N N 131 
HIS N   H    sing N N 132 
HIS N   H2   sing N N 133 
HIS CA  C    sing N N 134 
HIS CA  CB   sing N N 135 
HIS CA  HA   sing N N 136 
HIS C   O    doub N N 137 
HIS C   OXT  sing N N 138 
HIS CB  CG   sing N N 139 
HIS CB  HB2  sing N N 140 
HIS CB  HB3  sing N N 141 
HIS CG  ND1  sing Y N 142 
HIS CG  CD2  doub Y N 143 
HIS ND1 CE1  doub Y N 144 
HIS ND1 HD1  sing N N 145 
HIS CD2 NE2  sing Y N 146 
HIS CD2 HD2  sing N N 147 
HIS CE1 NE2  sing Y N 148 
HIS CE1 HE1  sing N N 149 
HIS NE2 HE2  sing N N 150 
HIS OXT HXT  sing N N 151 
HOH O   H1   sing N N 152 
HOH O   H2   sing N N 153 
ILE N   CA   sing N N 154 
ILE N   H    sing N N 155 
ILE N   H2   sing N N 156 
ILE CA  C    sing N N 157 
ILE CA  CB   sing N N 158 
ILE CA  HA   sing N N 159 
ILE C   O    doub N N 160 
ILE C   OXT  sing N N 161 
ILE CB  CG1  sing N N 162 
ILE CB  CG2  sing N N 163 
ILE CB  HB   sing N N 164 
ILE CG1 CD1  sing N N 165 
ILE CG1 HG12 sing N N 166 
ILE CG1 HG13 sing N N 167 
ILE CG2 HG21 sing N N 168 
ILE CG2 HG22 sing N N 169 
ILE CG2 HG23 sing N N 170 
ILE CD1 HD11 sing N N 171 
ILE CD1 HD12 sing N N 172 
ILE CD1 HD13 sing N N 173 
ILE OXT HXT  sing N N 174 
LEU N   CA   sing N N 175 
LEU N   H    sing N N 176 
LEU N   H2   sing N N 177 
LEU CA  C    sing N N 178 
LEU CA  CB   sing N N 179 
LEU CA  HA   sing N N 180 
LEU C   O    doub N N 181 
LEU C   OXT  sing N N 182 
LEU CB  CG   sing N N 183 
LEU CB  HB2  sing N N 184 
LEU CB  HB3  sing N N 185 
LEU CG  CD1  sing N N 186 
LEU CG  CD2  sing N N 187 
LEU CG  HG   sing N N 188 
LEU CD1 HD11 sing N N 189 
LEU CD1 HD12 sing N N 190 
LEU CD1 HD13 sing N N 191 
LEU CD2 HD21 sing N N 192 
LEU CD2 HD22 sing N N 193 
LEU CD2 HD23 sing N N 194 
LEU OXT HXT  sing N N 195 
LYS N   CA   sing N N 196 
LYS N   H    sing N N 197 
LYS N   H2   sing N N 198 
LYS CA  C    sing N N 199 
LYS CA  CB   sing N N 200 
LYS CA  HA   sing N N 201 
LYS C   O    doub N N 202 
LYS C   OXT  sing N N 203 
LYS CB  CG   sing N N 204 
LYS CB  HB2  sing N N 205 
LYS CB  HB3  sing N N 206 
LYS CG  CD   sing N N 207 
LYS CG  HG2  sing N N 208 
LYS CG  HG3  sing N N 209 
LYS CD  CE   sing N N 210 
LYS CD  HD2  sing N N 211 
LYS CD  HD3  sing N N 212 
LYS CE  NZ   sing N N 213 
LYS CE  HE2  sing N N 214 
LYS CE  HE3  sing N N 215 
LYS NZ  HZ1  sing N N 216 
LYS NZ  HZ2  sing N N 217 
LYS NZ  HZ3  sing N N 218 
LYS OXT HXT  sing N N 219 
MET N   CA   sing N N 220 
MET N   H    sing N N 221 
MET N   H2   sing N N 222 
MET CA  C    sing N N 223 
MET CA  CB   sing N N 224 
MET CA  HA   sing N N 225 
MET C   O    doub N N 226 
MET C   OXT  sing N N 227 
MET CB  CG   sing N N 228 
MET CB  HB2  sing N N 229 
MET CB  HB3  sing N N 230 
MET CG  SD   sing N N 231 
MET CG  HG2  sing N N 232 
MET CG  HG3  sing N N 233 
MET SD  CE   sing N N 234 
MET CE  HE1  sing N N 235 
MET CE  HE2  sing N N 236 
MET CE  HE3  sing N N 237 
MET OXT HXT  sing N N 238 
PHE N   CA   sing N N 239 
PHE N   H    sing N N 240 
PHE N   H2   sing N N 241 
PHE CA  C    sing N N 242 
PHE CA  CB   sing N N 243 
PHE CA  HA   sing N N 244 
PHE C   O    doub N N 245 
PHE C   OXT  sing N N 246 
PHE CB  CG   sing N N 247 
PHE CB  HB2  sing N N 248 
PHE CB  HB3  sing N N 249 
PHE CG  CD1  doub Y N 250 
PHE CG  CD2  sing Y N 251 
PHE CD1 CE1  sing Y N 252 
PHE CD1 HD1  sing N N 253 
PHE CD2 CE2  doub Y N 254 
PHE CD2 HD2  sing N N 255 
PHE CE1 CZ   doub Y N 256 
PHE CE1 HE1  sing N N 257 
PHE CE2 CZ   sing Y N 258 
PHE CE2 HE2  sing N N 259 
PHE CZ  HZ   sing N N 260 
PHE OXT HXT  sing N N 261 
PRO N   CA   sing N N 262 
PRO N   CD   sing N N 263 
PRO N   H    sing N N 264 
PRO CA  C    sing N N 265 
PRO CA  CB   sing N N 266 
PRO CA  HA   sing N N 267 
PRO C   O    doub N N 268 
PRO C   OXT  sing N N 269 
PRO CB  CG   sing N N 270 
PRO CB  HB2  sing N N 271 
PRO CB  HB3  sing N N 272 
PRO CG  CD   sing N N 273 
PRO CG  HG2  sing N N 274 
PRO CG  HG3  sing N N 275 
PRO CD  HD2  sing N N 276 
PRO CD  HD3  sing N N 277 
PRO OXT HXT  sing N N 278 
SER N   CA   sing N N 279 
SER N   H    sing N N 280 
SER N   H2   sing N N 281 
SER CA  C    sing N N 282 
SER CA  CB   sing N N 283 
SER CA  HA   sing N N 284 
SER C   O    doub N N 285 
SER C   OXT  sing N N 286 
SER CB  OG   sing N N 287 
SER CB  HB2  sing N N 288 
SER CB  HB3  sing N N 289 
SER OG  HG   sing N N 290 
SER OXT HXT  sing N N 291 
THR N   CA   sing N N 292 
THR N   H    sing N N 293 
THR N   H2   sing N N 294 
THR CA  C    sing N N 295 
THR CA  CB   sing N N 296 
THR CA  HA   sing N N 297 
THR C   O    doub N N 298 
THR C   OXT  sing N N 299 
THR CB  OG1  sing N N 300 
THR CB  CG2  sing N N 301 
THR CB  HB   sing N N 302 
THR OG1 HG1  sing N N 303 
THR CG2 HG21 sing N N 304 
THR CG2 HG22 sing N N 305 
THR CG2 HG23 sing N N 306 
THR OXT HXT  sing N N 307 
TYR N   CA   sing N N 308 
TYR N   H    sing N N 309 
TYR N   H2   sing N N 310 
TYR CA  C    sing N N 311 
TYR CA  CB   sing N N 312 
TYR CA  HA   sing N N 313 
TYR C   O    doub N N 314 
TYR C   OXT  sing N N 315 
TYR CB  CG   sing N N 316 
TYR CB  HB2  sing N N 317 
TYR CB  HB3  sing N N 318 
TYR CG  CD1  doub Y N 319 
TYR CG  CD2  sing Y N 320 
TYR CD1 CE1  sing Y N 321 
TYR CD1 HD1  sing N N 322 
TYR CD2 CE2  doub Y N 323 
TYR CD2 HD2  sing N N 324 
TYR CE1 CZ   doub Y N 325 
TYR CE1 HE1  sing N N 326 
TYR CE2 CZ   sing Y N 327 
TYR CE2 HE2  sing N N 328 
TYR CZ  OH   sing N N 329 
TYR OH  HH   sing N N 330 
TYR OXT HXT  sing N N 331 
UHF C   O    doub N N 332 
UHF C   CA   sing N N 333 
UHF C   CAY  sing N N 334 
UHF N   CA   sing N N 335 
UHF N   CAT  sing N N 336 
UHF CA  CB   sing N N 337 
UHF CB  CG1  sing N N 338 
UHF CB  CG2  sing N N 339 
UHF CAA CAM  sing N N 340 
UHF CAB CAV  sing N N 341 
UHF OAE CAI  doub N N 342 
UHF OAF CAT  doub N N 343 
UHF OAH NBA  sing N N 344 
UHF CAI NBA  sing N N 345 
UHF CAJ CAK  doub Y N 346 
UHF CAJ CAV  sing Y N 347 
UHF CAK CAW  sing Y N 348 
UHF CAL NAQ  sing Y N 349 
UHF CAL CAV  doub Y N 350 
UHF CAM CAN  sing N N 351 
UHF CAN CAO  sing N N 352 
UHF CAO CAY  sing N N 353 
UHF CAP CAY  sing N N 354 
UHF CAP NBA  sing N N 355 
UHF NAQ CAW  doub Y N 356 
UHF NAR CAT  sing N N 357 
UHF NAR CAW  sing N N 358 
UHF N   HN   sing N N 359 
UHF CA  HA   sing N N 360 
UHF CB  HB   sing N N 361 
UHF CAA HAA  sing N N 362 
UHF CAA HAAA sing N N 363 
UHF CAA HAAB sing N N 364 
UHF CAB HAB  sing N N 365 
UHF CAB HABA sing N N 366 
UHF CAB HABB sing N N 367 
UHF OAH HOAH sing N N 368 
UHF CAI HAI  sing N N 369 
UHF CAJ HAJ  sing N N 370 
UHF CAK HAK  sing N N 371 
UHF CAL HAL  sing N N 372 
UHF CAM HAM  sing N N 373 
UHF CAM HAMA sing N N 374 
UHF CAN HAN  sing N N 375 
UHF CAN HANA sing N N 376 
UHF CAO HAO  sing N N 377 
UHF CAO HAOA sing N N 378 
UHF CAP HAP  sing N N 379 
UHF CAP HAPA sing N N 380 
UHF NAR HNAR sing N N 381 
UHF CAY HAY  sing N N 382 
UHF CG1 HG1  sing N N 383 
UHF CG1 HG1A sing N N 384 
UHF CG1 HG1B sing N N 385 
UHF CG2 HG2  sing N N 386 
UHF CG2 HG2A sing N N 387 
UHF CG2 HG2B sing N N 388 
VAL N   CA   sing N N 389 
VAL N   H    sing N N 390 
VAL N   H2   sing N N 391 
VAL CA  C    sing N N 392 
VAL CA  CB   sing N N 393 
VAL CA  HA   sing N N 394 
VAL C   O    doub N N 395 
VAL C   OXT  sing N N 396 
VAL CB  CG1  sing N N 397 
VAL CB  CG2  sing N N 398 
VAL CB  HB   sing N N 399 
VAL CG1 HG11 sing N N 400 
VAL CG1 HG12 sing N N 401 
VAL CG1 HG13 sing N N 402 
VAL CG2 HG21 sing N N 403 
VAL CG2 HG22 sing N N 404 
VAL CG2 HG23 sing N N 405 
VAL OXT HXT  sing N N 406 
# 
_pdbx_initial_refinement_model.id               1 
_pdbx_initial_refinement_model.entity_id_list   ? 
_pdbx_initial_refinement_model.type             'experimental model' 
_pdbx_initial_refinement_model.source_name      PDB 
_pdbx_initial_refinement_model.accession_code   1Q1Y 
_pdbx_initial_refinement_model.details          ? 
# 
_atom_sites.entry_id                    3U7N 
_atom_sites.fract_transf_matrix[1][1]   0.00922582 
_atom_sites.fract_transf_matrix[1][2]   0.00484843 
_atom_sites.fract_transf_matrix[1][3]   0.00227197 
_atom_sites.fract_transf_matrix[2][1]   0.00410578 
_atom_sites.fract_transf_matrix[2][2]   -0.00583904 
_atom_sites.fract_transf_matrix[2][3]   -0.00421178 
_atom_sites.fract_transf_matrix[3][1]   -0.00170144 
_atom_sites.fract_transf_matrix[3][2]   0.01145934 
_atom_sites.fract_transf_matrix[3][3]   -0.01754535 
_atom_sites.fract_transf_vector[1]      -0.165275 
_atom_sites.fract_transf_vector[2]      1.151492 
_atom_sites.fract_transf_vector[3]      0.869772 
# 
loop_
_atom_type.symbol 
C  
N  
O  
S  
ZN 
# 
loop_
_atom_site.group_PDB 
_atom_site.id 
_atom_site.type_symbol 
_atom_site.label_atom_id 
_atom_site.label_alt_id 
_atom_site.label_comp_id 
_atom_site.label_asym_id 
_atom_site.label_entity_id 
_atom_site.label_seq_id 
_atom_site.pdbx_PDB_ins_code 
_atom_site.Cartn_x 
_atom_site.Cartn_y 
_atom_site.Cartn_z 
_atom_site.occupancy 
_atom_site.B_iso_or_equiv 
_atom_site.pdbx_formal_charge 
_atom_site.auth_seq_id 
_atom_site.auth_comp_id 
_atom_site.auth_asym_id 
_atom_site.auth_atom_id 
_atom_site.pdbx_PDB_model_num 
ATOM   1    N  N   . MET A 1 1   ? 11.098  -16.628 4.170   1.00 37.77 ? 1   MET A N   1 
ATOM   2    C  CA  . MET A 1 1   ? 10.908  -15.754 2.989   1.00 37.60 ? 1   MET A CA  1 
ATOM   3    C  C   . MET A 1 1   ? 9.467   -15.830 2.487   1.00 37.06 ? 1   MET A C   1 
ATOM   4    O  O   . MET A 1 1   ? 8.979   -16.901 2.122   1.00 37.24 ? 1   MET A O   1 
ATOM   5    C  CB  . MET A 1 1   ? 11.874  -16.171 1.883   1.00 38.10 ? 1   MET A CB  1 
ATOM   6    C  CG  . MET A 1 1   ? 11.509  -15.647 0.502   1.00 39.71 ? 1   MET A CG  1 
ATOM   7    S  SD  . MET A 1 1   ? 12.463  -16.400 -0.822  1.00 43.01 ? 1   MET A SD  1 
ATOM   8    C  CE  . MET A 1 1   ? 14.111  -15.836 -0.393  1.00 43.20 ? 1   MET A CE  1 
ATOM   9    N  N   . LEU A 1 2   ? 8.788   -14.690 2.457   1.00 35.82 ? 2   LEU A N   1 
ATOM   10   C  CA  . LEU A 1 2   ? 7.445   -14.647 1.897   1.00 34.83 ? 2   LEU A CA  1 
ATOM   11   C  C   . LEU A 1 2   ? 7.487   -14.777 0.376   1.00 34.53 ? 2   LEU A C   1 
ATOM   12   O  O   . LEU A 1 2   ? 8.413   -14.272 -0.281  1.00 34.66 ? 2   LEU A O   1 
ATOM   13   C  CB  . LEU A 1 2   ? 6.722   -13.357 2.297   1.00 34.64 ? 2   LEU A CB  1 
ATOM   14   C  CG  . LEU A 1 2   ? 6.533   -13.055 3.789   1.00 34.53 ? 2   LEU A CG  1 
ATOM   15   C  CD1 . LEU A 1 2   ? 6.044   -11.632 3.996   1.00 32.68 ? 2   LEU A CD1 1 
ATOM   16   C  CD2 . LEU A 1 2   ? 5.566   -14.053 4.431   1.00 35.84 ? 2   LEU A CD2 1 
ATOM   17   N  N   . THR A 1 3   ? 6.489   -15.456 -0.183  1.00 33.85 ? 3   THR A N   1 
ATOM   18   C  CA  . THR A 1 3   ? 6.309   -15.532 -1.640  1.00 33.74 ? 3   THR A CA  1 
ATOM   19   C  C   . THR A 1 3   ? 4.827   -15.382 -1.954  1.00 33.76 ? 3   THR A C   1 
ATOM   20   O  O   . THR A 1 3   ? 4.031   -15.199 -1.039  1.00 34.01 ? 3   THR A O   1 
ATOM   21   C  CB  . THR A 1 3   ? 6.837   -16.868 -2.221  1.00 33.74 ? 3   THR A CB  1 
ATOM   22   O  OG1 . THR A 1 3   ? 6.126   -17.962 -1.628  1.00 34.21 ? 3   THR A OG1 1 
ATOM   23   C  CG2 . THR A 1 3   ? 8.352   -17.025 -1.977  1.00 32.37 ? 3   THR A CG2 1 
ATOM   24   N  N   . MET A 1 4   ? 4.438   -15.479 -3.226  1.00 33.75 ? 4   MET A N   1 
ATOM   25   C  CA  . MET A 1 4   ? 3.012   -15.332 -3.594  1.00 33.89 ? 4   MET A CA  1 
ATOM   26   C  C   . MET A 1 4   ? 2.055   -16.257 -2.808  1.00 34.06 ? 4   MET A C   1 
ATOM   27   O  O   . MET A 1 4   ? 0.882   -15.902 -2.584  1.00 34.21 ? 4   MET A O   1 
ATOM   28   C  CB  . MET A 1 4   ? 2.779   -15.487 -5.110  1.00 33.56 ? 4   MET A CB  1 
ATOM   29   C  CG  . MET A 1 4   ? 3.594   -14.534 -6.000  1.00 33.90 ? 4   MET A CG  1 
ATOM   30   S  SD  . MET A 1 4   ? 3.506   -12.779 -5.535  1.00 34.84 ? 4   MET A SD  1 
ATOM   31   C  CE  . MET A 1 4   ? 1.803   -12.410 -5.967  1.00 31.87 ? 4   MET A CE  1 
ATOM   32   N  N   . LYS A 1 5   ? 2.538   -17.425 -2.383  1.00 33.76 ? 5   LYS A N   1 
ATOM   33   C  CA  . LYS A 1 5   ? 1.665   -18.348 -1.646  1.00 34.05 ? 5   LYS A CA  1 
ATOM   34   C  C   . LYS A 1 5   ? 1.215   -17.770 -0.296  1.00 33.42 ? 5   LYS A C   1 
ATOM   35   O  O   . LYS A 1 5   ? 0.200   -18.189 0.261   1.00 32.47 ? 5   LYS A O   1 
ATOM   36   C  CB  . LYS A 1 5   ? 2.274   -19.762 -1.514  1.00 34.05 ? 5   LYS A CB  1 
ATOM   37   C  CG  . LYS A 1 5   ? 3.438   -19.899 -0.531  1.00 36.07 ? 5   LYS A CG  1 
ATOM   38   C  CD  . LYS A 1 5   ? 4.185   -21.250 -0.685  1.00 37.82 ? 5   LYS A CD  1 
ATOM   39   C  CE  . LYS A 1 5   ? 3.290   -22.470 -0.373  1.00 38.82 ? 5   LYS A CE  1 
ATOM   40   N  NZ  . LYS A 1 5   ? 3.945   -23.762 -0.772  1.00 39.79 ? 5   LYS A NZ  1 
ATOM   41   N  N   . ASP A 1 6   ? 1.967   -16.794 0.211   1.00 33.29 ? 6   ASP A N   1 
ATOM   42   C  CA  . ASP A 1 6   ? 1.614   -16.130 1.458   1.00 33.20 ? 6   ASP A CA  1 
ATOM   43   C  C   . ASP A 1 6   ? 0.542   -15.040 1.281   1.00 33.31 ? 6   ASP A C   1 
ATOM   44   O  O   . ASP A 1 6   ? -0.081  -14.606 2.259   1.00 32.77 ? 6   ASP A O   1 
ATOM   45   C  CB  . ASP A 1 6   ? 2.868   -15.558 2.122   1.00 33.48 ? 6   ASP A CB  1 
ATOM   46   C  CG  . ASP A 1 6   ? 3.833   -16.641 2.569   1.00 34.51 ? 6   ASP A CG  1 
ATOM   47   O  OD1 . ASP A 1 6   ? 3.543   -17.309 3.590   1.00 35.17 ? 6   ASP A OD1 1 
ATOM   48   O  OD2 . ASP A 1 6   ? 4.888   -16.808 1.911   1.00 34.34 ? 6   ASP A OD2 1 
ATOM   49   N  N   . ILE A 1 7   ? 0.324   -14.608 0.040   1.00 33.78 ? 7   ILE A N   1 
ATOM   50   C  CA  . ILE A 1 7   ? -0.623  -13.532 -0.251  1.00 34.18 ? 7   ILE A CA  1 
ATOM   51   C  C   . ILE A 1 7   ? -2.001  -14.112 -0.411  1.00 34.78 ? 7   ILE A C   1 
ATOM   52   O  O   . ILE A 1 7   ? -2.247  -14.903 -1.333  1.00 35.05 ? 7   ILE A O   1 
ATOM   53   C  CB  . ILE A 1 7   ? -0.300  -12.773 -1.571  1.00 34.20 ? 7   ILE A CB  1 
ATOM   54   C  CG1 . ILE A 1 7   ? 1.179   -12.370 -1.666  1.00 34.18 ? 7   ILE A CG1 1 
ATOM   55   C  CG2 . ILE A 1 7   ? -1.266  -11.584 -1.765  1.00 33.11 ? 7   ILE A CG2 1 
ATOM   56   C  CD1 . ILE A 1 7   ? 1.624   -11.360 -0.674  1.00 35.40 ? 7   ILE A CD1 1 
ATOM   57   N  N   . ILE A 1 8   ? -2.908  -13.712 0.467   1.00 35.09 ? 8   ILE A N   1 
ATOM   58   C  CA  . ILE A 1 8   ? -4.283  -14.179 0.370   1.00 35.94 ? 8   ILE A CA  1 
ATOM   59   C  C   . ILE A 1 8   ? -4.997  -13.426 -0.748  1.00 37.05 ? 8   ILE A C   1 
ATOM   60   O  O   . ILE A 1 8   ? -4.591  -12.325 -1.148  1.00 37.10 ? 8   ILE A O   1 
ATOM   61   C  CB  . ILE A 1 8   ? -5.037  -14.094 1.726   1.00 36.20 ? 8   ILE A CB  1 
ATOM   62   C  CG1 . ILE A 1 8   ? -5.101  -12.647 2.254   1.00 34.95 ? 8   ILE A CG1 1 
ATOM   63   C  CG2 . ILE A 1 8   ? -4.391  -15.053 2.736   1.00 35.02 ? 8   ILE A CG2 1 
ATOM   64   C  CD1 . ILE A 1 8   ? -6.130  -12.439 3.342   1.00 32.97 ? 8   ILE A CD1 1 
ATOM   65   N  N   . ARG A 1 9   ? -6.035  -14.036 -1.296  1.00 38.09 ? 9   ARG A N   1 
ATOM   66   C  CA  . ARG A 1 9   ? -6.644  -13.479 -2.476  1.00 39.32 ? 9   ARG A CA  1 
ATOM   67   C  C   . ARG A 1 9   ? -8.015  -12.909 -2.188  1.00 39.23 ? 9   ARG A C   1 
ATOM   68   O  O   . ARG A 1 9   ? -8.659  -13.268 -1.202  1.00 39.13 ? 9   ARG A O   1 
ATOM   69   C  CB  . ARG A 1 9   ? -6.644  -14.490 -3.641  1.00 39.91 ? 9   ARG A CB  1 
ATOM   70   C  CG  . ARG A 1 9   ? -7.419  -15.774 -3.416  1.00 43.28 ? 9   ARG A CG  1 
ATOM   71   C  CD  . ARG A 1 9   ? -6.518  -16.975 -3.040  1.00 49.05 ? 9   ARG A CD  1 
ATOM   72   N  NE  . ARG A 1 9   ? -6.086  -16.989 -1.631  1.00 50.76 ? 9   ARG A NE  1 
ATOM   73   C  CZ  . ARG A 1 9   ? -6.904  -17.013 -0.577  1.00 50.67 ? 9   ARG A CZ  1 
ATOM   74   N  NH1 . ARG A 1 9   ? -8.227  -16.999 -0.726  1.00 52.53 ? 9   ARG A NH1 1 
ATOM   75   N  NH2 . ARG A 1 9   ? -6.394  -17.037 0.639   1.00 51.36 ? 9   ARG A NH2 1 
ATOM   76   N  N   . ASP A 1 10  ? -8.429  -11.985 -3.043  1.00 39.49 ? 10  ASP A N   1 
ATOM   77   C  CA  . ASP A 1 10  ? -9.731  -11.349 -2.954  1.00 39.99 ? 10  ASP A CA  1 
ATOM   78   C  C   . ASP A 1 10  ? -10.836 -12.377 -2.712  1.00 40.01 ? 10  ASP A C   1 
ATOM   79   O  O   . ASP A 1 10  ? -10.903 -13.403 -3.398  1.00 39.97 ? 10  ASP A O   1 
ATOM   80   C  CB  . ASP A 1 10  ? -10.002 -10.573 -4.242  1.00 40.19 ? 10  ASP A CB  1 
ATOM   81   C  CG  . ASP A 1 10  ? -11.006 -9.465  -4.048  1.00 41.18 ? 10  ASP A CG  1 
ATOM   82   O  OD1 . ASP A 1 10  ? -11.510 -8.944  -5.057  1.00 44.32 ? 10  ASP A OD1 1 
ATOM   83   O  OD2 . ASP A 1 10  ? -11.300 -9.110  -2.892  1.00 43.54 ? 10  ASP A OD2 1 
ATOM   84   N  N   . GLY A 1 11  ? -11.694 -12.093 -1.733  1.00 40.04 ? 11  GLY A N   1 
ATOM   85   C  CA  . GLY A 1 11  ? -12.707 -13.052 -1.296  1.00 39.67 ? 11  GLY A CA  1 
ATOM   86   C  C   . GLY A 1 11  ? -12.434 -13.577 0.103   1.00 39.14 ? 11  GLY A C   1 
ATOM   87   O  O   . GLY A 1 11  ? -13.365 -13.947 0.816   1.00 39.38 ? 11  GLY A O   1 
ATOM   88   N  N   . HIS A 1 12  ? -11.159 -13.596 0.495   1.00 38.42 ? 12  HIS A N   1 
ATOM   89   C  CA  . HIS A 1 12  ? -10.756 -14.009 1.844   1.00 37.48 ? 12  HIS A CA  1 
ATOM   90   C  C   . HIS A 1 12  ? -11.252 -12.991 2.865   1.00 37.26 ? 12  HIS A C   1 
ATOM   91   O  O   . HIS A 1 12  ? -11.014 -11.794 2.703   1.00 37.43 ? 12  HIS A O   1 
ATOM   92   C  CB  . HIS A 1 12  ? -9.239  -14.138 1.933   1.00 37.38 ? 12  HIS A CB  1 
ATOM   93   C  CG  . HIS A 1 12  ? -8.758  -14.850 3.161   1.00 36.57 ? 12  HIS A CG  1 
ATOM   94   N  ND1 . HIS A 1 12  ? -8.984  -14.379 4.438   1.00 36.42 ? 12  HIS A ND1 1 
ATOM   95   C  CD2 . HIS A 1 12  ? -8.032  -15.985 3.303   1.00 36.17 ? 12  HIS A CD2 1 
ATOM   96   C  CE1 . HIS A 1 12  ? -8.441  -15.206 5.313   1.00 36.05 ? 12  HIS A CE1 1 
ATOM   97   N  NE2 . HIS A 1 12  ? -7.853  -16.187 4.650   1.00 36.62 ? 12  HIS A NE2 1 
ATOM   98   N  N   . PRO A 1 13  ? -11.956 -13.462 3.912   1.00 36.76 ? 13  PRO A N   1 
ATOM   99   C  CA  . PRO A 1 13  ? -12.577 -12.564 4.891   1.00 36.04 ? 13  PRO A CA  1 
ATOM   100  C  C   . PRO A 1 13  ? -11.606 -11.559 5.537   1.00 35.24 ? 13  PRO A C   1 
ATOM   101  O  O   . PRO A 1 13  ? -11.989 -10.419 5.789   1.00 34.58 ? 13  PRO A O   1 
ATOM   102  C  CB  . PRO A 1 13  ? -13.139 -13.520 5.947   1.00 36.22 ? 13  PRO A CB  1 
ATOM   103  C  CG  . PRO A 1 13  ? -13.323 -14.838 5.215   1.00 36.78 ? 13  PRO A CG  1 
ATOM   104  C  CD  . PRO A 1 13  ? -12.279 -14.886 4.156   1.00 36.65 ? 13  PRO A CD  1 
ATOM   105  N  N   . THR A 1 14  ? -10.367 -11.978 5.789   1.00 34.50 ? 14  THR A N   1 
ATOM   106  C  CA  . THR A 1 14  ? -9.384  -11.109 6.435   1.00 33.97 ? 14  THR A CA  1 
ATOM   107  C  C   . THR A 1 14  ? -9.191  -9.760  5.705   1.00 33.91 ? 14  THR A C   1 
ATOM   108  O  O   . THR A 1 14  ? -8.953  -8.733  6.355   1.00 34.05 ? 14  THR A O   1 
ATOM   109  C  CB  . THR A 1 14  ? -8.041  -11.835 6.653   1.00 34.02 ? 14  THR A CB  1 
ATOM   110  O  OG1 . THR A 1 14  ? -8.288  -13.064 7.334   1.00 32.41 ? 14  THR A OG1 1 
ATOM   111  C  CG2 . THR A 1 14  ? -7.082  -10.998 7.514   1.00 33.72 ? 14  THR A CG2 1 
ATOM   112  N  N   . LEU A 1 15  ? -9.338  -9.755  4.379   1.00 33.25 ? 15  LEU A N   1 
ATOM   113  C  CA  . LEU A 1 15  ? -9.153  -8.530  3.595   1.00 33.29 ? 15  LEU A CA  1 
ATOM   114  C  C   . LEU A 1 15  ? -10.297 -7.533  3.770   1.00 33.49 ? 15  LEU A C   1 
ATOM   115  O  O   . LEU A 1 15  ? -10.162 -6.364  3.388   1.00 32.44 ? 15  LEU A O   1 
ATOM   116  C  CB  . LEU A 1 15  ? -8.968  -8.840  2.103   1.00 33.18 ? 15  LEU A CB  1 
ATOM   117  C  CG  . LEU A 1 15  ? -7.763  -9.667  1.658   1.00 33.27 ? 15  LEU A CG  1 
ATOM   118  C  CD1 . LEU A 1 15  ? -8.068  -10.296 0.307   1.00 32.88 ? 15  LEU A CD1 1 
ATOM   119  C  CD2 . LEU A 1 15  ? -6.473  -8.857  1.606   1.00 31.69 ? 15  LEU A CD2 1 
ATOM   120  N  N   . ARG A 1 16  ? -11.414 -7.993  4.344   1.00 33.55 ? 16  ARG A N   1 
ATOM   121  C  CA  . ARG A 1 16  ? -12.562 -7.121  4.575   1.00 34.27 ? 16  ARG A CA  1 
ATOM   122  C  C   . ARG A 1 16  ? -12.749 -6.759  6.041   1.00 34.64 ? 16  ARG A C   1 
ATOM   123  O  O   . ARG A 1 16  ? -13.690 -6.049  6.392   1.00 35.00 ? 16  ARG A O   1 
ATOM   124  C  CB  . ARG A 1 16  ? -13.852 -7.719  3.990   1.00 34.05 ? 16  ARG A CB  1 
ATOM   125  C  CG  . ARG A 1 16  ? -13.908 -7.695  2.459   1.00 34.49 ? 16  ARG A CG  1 
ATOM   126  C  CD  . ARG A 1 16  ? -13.587 -6.311  1.917   1.00 33.75 ? 16  ARG A CD  1 
ATOM   127  N  NE  . ARG A 1 16  ? -13.893 -6.188  0.500   1.00 33.53 ? 16  ARG A NE  1 
ATOM   128  C  CZ  . ARG A 1 16  ? -13.947 -5.033  -0.160  1.00 34.00 ? 16  ARG A CZ  1 
ATOM   129  N  NH1 . ARG A 1 16  ? -13.710 -3.881  0.465   1.00 32.07 ? 16  ARG A NH1 1 
ATOM   130  N  NH2 . ARG A 1 16  ? -14.235 -5.025  -1.456  1.00 33.56 ? 16  ARG A NH2 1 
ATOM   131  N  N   . GLN A 1 17  ? -11.860 -7.243  6.900   1.00 35.18 ? 17  GLN A N   1 
ATOM   132  C  CA  . GLN A 1 17  ? -11.919 -6.877  8.312   1.00 35.55 ? 17  GLN A CA  1 
ATOM   133  C  C   . GLN A 1 17  ? -11.211 -5.552  8.569   1.00 35.18 ? 17  GLN A C   1 
ATOM   134  O  O   . GLN A 1 17  ? -10.477 -5.055  7.727   1.00 35.11 ? 17  GLN A O   1 
ATOM   135  C  CB  . GLN A 1 17  ? -11.332 -7.989  9.187   1.00 35.72 ? 17  GLN A CB  1 
ATOM   136  C  CG  . GLN A 1 17  ? -12.171 -9.265  9.201   1.00 37.76 ? 17  GLN A CG  1 
ATOM   137  C  CD  . GLN A 1 17  ? -11.399 -10.476 9.694   1.00 41.44 ? 17  GLN A CD  1 
ATOM   138  O  OE1 . GLN A 1 17  ? -10.231 -10.378 10.079  1.00 42.98 ? 17  GLN A OE1 1 
ATOM   139  N  NE2 . GLN A 1 17  ? -12.050 -11.636 9.681   1.00 43.39 ? 17  GLN A NE2 1 
ATOM   140  N  N   . LYS A 1 18  ? -11.449 -4.973  9.734   1.00 35.38 ? 18  LYS A N   1 
ATOM   141  C  CA  . LYS A 1 18  ? -10.709 -3.799  10.146  1.00 35.46 ? 18  LYS A CA  1 
ATOM   142  C  C   . LYS A 1 18  ? -9.550  -4.257  11.018  1.00 34.82 ? 18  LYS A C   1 
ATOM   143  O  O   . LYS A 1 18  ? -9.760  -4.835  12.086  1.00 34.93 ? 18  LYS A O   1 
ATOM   144  C  CB  . LYS A 1 18  ? -11.621 -2.807  10.875  1.00 35.86 ? 18  LYS A CB  1 
ATOM   145  C  CG  . LYS A 1 18  ? -10.935 -1.465  11.197  1.00 39.15 ? 18  LYS A CG  1 
ATOM   146  C  CD  . LYS A 1 18  ? -11.900 -0.461  11.804  1.00 42.93 ? 18  LYS A CD  1 
ATOM   147  C  CE  . LYS A 1 18  ? -11.201 0.416   12.845  1.00 45.28 ? 18  LYS A CE  1 
ATOM   148  N  NZ  . LYS A 1 18  ? -10.499 1.572   12.238  1.00 45.87 ? 18  LYS A NZ  1 
ATOM   149  N  N   . ALA A 1 19  ? -8.329  -4.010  10.551  1.00 33.87 ? 19  ALA A N   1 
ATOM   150  C  CA  . ALA A 1 19  ? -7.123  -4.488  11.221  1.00 33.20 ? 19  ALA A CA  1 
ATOM   151  C  C   . ALA A 1 19  ? -6.928  -3.867  12.604  1.00 33.44 ? 19  ALA A C   1 
ATOM   152  O  O   . ALA A 1 19  ? -7.257  -2.692  12.828  1.00 33.11 ? 19  ALA A O   1 
ATOM   153  C  CB  . ALA A 1 19  ? -5.896  -4.247  10.346  1.00 33.20 ? 19  ALA A CB  1 
ATOM   154  N  N   . ALA A 1 20  ? -6.393  -4.673  13.520  1.00 33.48 ? 20  ALA A N   1 
ATOM   155  C  CA  . ALA A 1 20  ? -6.187  -4.278  14.914  1.00 33.58 ? 20  ALA A CA  1 
ATOM   156  C  C   . ALA A 1 20  ? -4.936  -3.420  15.081  1.00 33.64 ? 20  ALA A C   1 
ATOM   157  O  O   . ALA A 1 20  ? -3.876  -3.718  14.515  1.00 32.65 ? 20  ALA A O   1 
ATOM   158  C  CB  . ALA A 1 20  ? -6.091  -5.529  15.823  1.00 33.39 ? 20  ALA A CB  1 
ATOM   159  N  N   . GLU A 1 21  ? -5.078  -2.369  15.884  1.00 34.04 ? 21  GLU A N   1 
ATOM   160  C  CA  . GLU A 1 21  ? -3.971  -1.529  16.314  1.00 35.13 ? 21  GLU A CA  1 
ATOM   161  C  C   . GLU A 1 21  ? -2.897  -2.354  17.028  1.00 34.81 ? 21  GLU A C   1 
ATOM   162  O  O   . GLU A 1 21  ? -3.210  -3.296  17.748  1.00 34.74 ? 21  GLU A O   1 
ATOM   163  C  CB  . GLU A 1 21  ? -4.488  -0.444  17.253  1.00 35.71 ? 21  GLU A CB  1 
ATOM   164  C  CG  . GLU A 1 21  ? -4.084  0.954   16.835  1.00 40.14 ? 21  GLU A CG  1 
ATOM   165  C  CD  . GLU A 1 21  ? -4.932  2.022   17.498  1.00 46.91 ? 21  GLU A CD  1 
ATOM   166  O  OE1 . GLU A 1 21  ? -5.693  2.714   16.766  1.00 49.81 ? 21  GLU A OE1 1 
ATOM   167  O  OE2 . GLU A 1 21  ? -4.845  2.162   18.744  1.00 47.88 ? 21  GLU A OE2 1 
ATOM   168  N  N   . LEU A 1 22  ? -1.633  -2.020  16.796  1.00 34.67 ? 22  LEU A N   1 
ATOM   169  C  CA  . LEU A 1 22  ? -0.544  -2.678  17.490  1.00 34.84 ? 22  LEU A CA  1 
ATOM   170  C  C   . LEU A 1 22  ? -0.307  -2.039  18.845  1.00 35.39 ? 22  LEU A C   1 
ATOM   171  O  O   . LEU A 1 22  ? -0.377  -0.817  18.997  1.00 34.96 ? 22  LEU A O   1 
ATOM   172  C  CB  . LEU A 1 22  ? 0.756   -2.611  16.688  1.00 34.73 ? 22  LEU A CB  1 
ATOM   173  C  CG  . LEU A 1 22  ? 1.016   -3.527  15.492  1.00 34.55 ? 22  LEU A CG  1 
ATOM   174  C  CD1 . LEU A 1 22  ? 0.884   -4.982  15.901  1.00 34.15 ? 22  LEU A CD1 1 
ATOM   175  C  CD2 . LEU A 1 22  ? 0.122   -3.196  14.310  1.00 34.10 ? 22  LEU A CD2 1 
ATOM   176  N  N   . GLU A 1 23  ? -0.030  -2.882  19.827  1.00 36.17 ? 23  GLU A N   1 
ATOM   177  C  CA  . GLU A 1 23  ? 0.550   -2.429  21.080  1.00 37.43 ? 23  GLU A CA  1 
ATOM   178  C  C   . GLU A 1 23  ? 2.036   -2.194  20.848  1.00 36.88 ? 23  GLU A C   1 
ATOM   179  O  O   . GLU A 1 23  ? 2.689   -2.947  20.118  1.00 36.25 ? 23  GLU A O   1 
ATOM   180  C  CB  . GLU A 1 23  ? 0.366   -3.478  22.176  1.00 37.73 ? 23  GLU A CB  1 
ATOM   181  C  CG  . GLU A 1 23  ? -1.087  -3.727  22.577  1.00 42.96 ? 23  GLU A CG  1 
ATOM   182  C  CD  . GLU A 1 23  ? -1.598  -2.734  23.609  1.00 49.11 ? 23  GLU A CD  1 
ATOM   183  O  OE1 . GLU A 1 23  ? -1.314  -1.517  23.480  1.00 51.14 ? 23  GLU A OE1 1 
ATOM   184  O  OE2 . GLU A 1 23  ? -2.292  -3.180  24.558  1.00 51.58 ? 23  GLU A OE2 1 
ATOM   185  N  N   . LEU A 1 24  ? 2.558   -1.140  21.463  1.00 36.66 ? 24  LEU A N   1 
ATOM   186  C  CA  . LEU A 1 24  ? 3.986   -0.868  21.429  1.00 36.77 ? 24  LEU A CA  1 
ATOM   187  C  C   . LEU A 1 24  ? 4.584   -1.215  22.798  1.00 36.69 ? 24  LEU A C   1 
ATOM   188  O  O   . LEU A 1 24  ? 3.921   -1.033  23.822  1.00 37.44 ? 24  LEU A O   1 
ATOM   189  C  CB  . LEU A 1 24  ? 4.261   0.598   21.037  1.00 36.54 ? 24  LEU A CB  1 
ATOM   190  C  CG  . LEU A 1 24  ? 4.210   1.052   19.564  1.00 36.80 ? 24  LEU A CG  1 
ATOM   191  C  CD1 . LEU A 1 24  ? 5.225   0.289   18.705  1.00 36.51 ? 24  LEU A CD1 1 
ATOM   192  C  CD2 . LEU A 1 24  ? 2.824   0.961   18.928  1.00 37.59 ? 24  LEU A CD2 1 
ATOM   193  N  N   . PRO A 1 25  ? 5.815   -1.760  22.826  1.00 36.34 ? 25  PRO A N   1 
ATOM   194  C  CA  . PRO A 1 25  ? 6.642   -2.178  21.687  1.00 35.87 ? 25  PRO A CA  1 
ATOM   195  C  C   . PRO A 1 25  ? 6.111   -3.436  20.992  1.00 35.73 ? 25  PRO A C   1 
ATOM   196  O  O   . PRO A 1 25  ? 5.403   -4.242  21.607  1.00 35.36 ? 25  PRO A O   1 
ATOM   197  C  CB  . PRO A 1 25  ? 7.999   -2.485  22.330  1.00 35.71 ? 25  PRO A CB  1 
ATOM   198  C  CG  . PRO A 1 25  ? 7.676   -2.810  23.762  1.00 36.47 ? 25  PRO A CG  1 
ATOM   199  C  CD  . PRO A 1 25  ? 6.526   -1.914  24.114  1.00 36.33 ? 25  PRO A CD  1 
ATOM   200  N  N   . LEU A 1 26  ? 6.469   -3.601  19.720  1.00 35.12 ? 26  LEU A N   1 
ATOM   201  C  CA  . LEU A 1 26  ? 6.119   -4.807  18.972  1.00 34.58 ? 26  LEU A CA  1 
ATOM   202  C  C   . LEU A 1 26  ? 6.764   -6.040  19.595  1.00 34.32 ? 26  LEU A C   1 
ATOM   203  O  O   . LEU A 1 26  ? 7.842   -5.929  20.186  1.00 33.76 ? 26  LEU A O   1 
ATOM   204  C  CB  . LEU A 1 26  ? 6.595   -4.690  17.526  1.00 34.22 ? 26  LEU A CB  1 
ATOM   205  C  CG  . LEU A 1 26  ? 5.947   -3.618  16.652  1.00 34.72 ? 26  LEU A CG  1 
ATOM   206  C  CD1 . LEU A 1 26  ? 6.437   -3.812  15.243  1.00 34.80 ? 26  LEU A CD1 1 
ATOM   207  C  CD2 . LEU A 1 26  ? 4.416   -3.684  16.718  1.00 33.11 ? 26  LEU A CD2 1 
ATOM   208  N  N   . THR A 1 27  ? 6.103   -7.199  19.465  1.00 33.79 ? 27  THR A N   1 
ATOM   209  C  CA  . THR A 1 27  ? 6.724   -8.481  19.824  1.00 33.84 ? 27  THR A CA  1 
ATOM   210  C  C   . THR A 1 27  ? 7.809   -8.783  18.790  1.00 34.29 ? 27  THR A C   1 
ATOM   211  O  O   . THR A 1 27  ? 7.786   -8.227  17.682  1.00 34.23 ? 27  THR A O   1 
ATOM   212  C  CB  . THR A 1 27  ? 5.723   -9.680  19.815  1.00 33.57 ? 27  THR A CB  1 
ATOM   213  O  OG1 . THR A 1 27  ? 5.248   -9.903  18.477  1.00 32.26 ? 27  THR A OG1 1 
ATOM   214  C  CG2 . THR A 1 27  ? 4.534   -9.452  20.782  1.00 33.68 ? 27  THR A CG2 1 
ATOM   215  N  N   . LYS A 1 28  ? 8.736   -9.669  19.133  1.00 34.33 ? 28  LYS A N   1 
ATOM   216  C  CA  . LYS A 1 28  ? 9.757   -10.108 18.179  1.00 35.22 ? 28  LYS A CA  1 
ATOM   217  C  C   . LYS A 1 28  ? 9.128   -10.650 16.891  1.00 34.66 ? 28  LYS A C   1 
ATOM   218  O  O   . LYS A 1 28  ? 9.584   -10.334 15.785  1.00 34.49 ? 28  LYS A O   1 
ATOM   219  C  CB  . LYS A 1 28  ? 10.700  -11.140 18.814  1.00 35.78 ? 28  LYS A CB  1 
ATOM   220  C  CG  . LYS A 1 28  ? 11.648  -11.829 17.804  1.00 39.86 ? 28  LYS A CG  1 
ATOM   221  C  CD  . LYS A 1 28  ? 12.916  -10.997 17.561  1.00 44.52 ? 28  LYS A CD  1 
ATOM   222  C  CE  . LYS A 1 28  ? 13.411  -11.083 16.114  1.00 47.16 ? 28  LYS A CE  1 
ATOM   223  N  NZ  . LYS A 1 28  ? 14.036  -12.408 15.764  1.00 47.89 ? 28  LYS A NZ  1 
ATOM   224  N  N   . GLU A 1 29  ? 8.061   -11.433 17.035  1.00 34.08 ? 29  GLU A N   1 
ATOM   225  C  CA  . GLU A 1 29  ? 7.386   -12.009 15.883  1.00 33.99 ? 29  GLU A CA  1 
ATOM   226  C  C   . GLU A 1 29  ? 6.773   -10.934 14.972  1.00 33.01 ? 29  GLU A C   1 
ATOM   227  O  O   . GLU A 1 29  ? 6.853   -11.043 13.743  1.00 32.60 ? 29  GLU A O   1 
ATOM   228  C  CB  . GLU A 1 29  ? 6.345   -13.058 16.310  1.00 34.43 ? 29  GLU A CB  1 
ATOM   229  C  CG  . GLU A 1 29  ? 5.338   -13.431 15.220  1.00 37.90 ? 29  GLU A CG  1 
ATOM   230  C  CD  . GLU A 1 29  ? 4.566   -14.721 15.498  1.00 43.59 ? 29  GLU A CD  1 
ATOM   231  O  OE1 . GLU A 1 29  ? 4.446   -15.549 14.560  1.00 46.39 ? 29  GLU A OE1 1 
ATOM   232  O  OE2 . GLU A 1 29  ? 4.077   -14.905 16.636  1.00 44.43 ? 29  GLU A OE2 1 
ATOM   233  N  N   . GLU A 1 30  ? 6.163   -9.912  15.568  1.00 31.93 ? 30  GLU A N   1 
ATOM   234  C  CA  . GLU A 1 30  ? 5.588   -8.811  14.779  1.00 31.20 ? 30  GLU A CA  1 
ATOM   235  C  C   . GLU A 1 30  ? 6.667   -8.024  14.015  1.00 30.72 ? 30  GLU A C   1 
ATOM   236  O  O   . GLU A 1 30  ? 6.486   -7.705  12.850  1.00 30.50 ? 30  GLU A O   1 
ATOM   237  C  CB  . GLU A 1 30  ? 4.738   -7.890  15.653  1.00 30.64 ? 30  GLU A CB  1 
ATOM   238  C  CG  . GLU A 1 30  ? 3.463   -8.566  16.171  1.00 29.81 ? 30  GLU A CG  1 
ATOM   239  C  CD  . GLU A 1 30  ? 2.798   -7.790  17.301  1.00 29.37 ? 30  GLU A CD  1 
ATOM   240  O  OE1 . GLU A 1 30  ? 3.484   -6.977  17.966  1.00 29.14 ? 30  GLU A OE1 1 
ATOM   241  O  OE2 . GLU A 1 30  ? 1.594   -8.012  17.542  1.00 29.59 ? 30  GLU A OE2 1 
ATOM   242  N  N   . LYS A 1 31  ? 7.788   -7.747  14.674  1.00 30.54 ? 31  LYS A N   1 
ATOM   243  C  CA  . LYS A 1 31  ? 8.951   -7.134  14.034  1.00 30.67 ? 31  LYS A CA  1 
ATOM   244  C  C   . LYS A 1 31  ? 9.437   -7.961  12.843  1.00 31.09 ? 31  LYS A C   1 
ATOM   245  O  O   . LYS A 1 31  ? 9.666   -7.413  11.762  1.00 31.09 ? 31  LYS A O   1 
ATOM   246  C  CB  . LYS A 1 31  ? 10.083  -6.934  15.048  1.00 30.47 ? 31  LYS A CB  1 
ATOM   247  C  CG  . LYS A 1 31  ? 9.778   -5.864  16.110  1.00 28.74 ? 31  LYS A CG  1 
ATOM   248  C  CD  . LYS A 1 31  ? 11.020  -5.509  16.930  1.00 27.64 ? 31  LYS A CD  1 
ATOM   249  C  CE  . LYS A 1 31  ? 10.645  -4.666  18.134  1.00 27.87 ? 31  LYS A CE  1 
ATOM   250  N  NZ  . LYS A 1 31  ? 11.829  -4.297  18.954  1.00 28.24 ? 31  LYS A NZ  1 
ATOM   251  N  N   . GLU A 1 32  ? 9.569   -9.278  13.042  1.00 31.16 ? 32  GLU A N   1 
ATOM   252  C  CA  . GLU A 1 32  ? 9.997   -10.208 11.983  1.00 31.27 ? 32  GLU A CA  1 
ATOM   253  C  C   . GLU A 1 32  ? 9.051   -10.228 10.795  1.00 30.34 ? 32  GLU A C   1 
ATOM   254  O  O   . GLU A 1 32  ? 9.490   -10.302 9.644   1.00 30.38 ? 32  GLU A O   1 
ATOM   255  C  CB  . GLU A 1 32  ? 10.137  -11.634 12.527  1.00 31.75 ? 32  GLU A CB  1 
ATOM   256  C  CG  . GLU A 1 32  ? 11.415  -11.849 13.339  1.00 35.91 ? 32  GLU A CG  1 
ATOM   257  C  CD  . GLU A 1 32  ? 11.711  -13.325 13.635  1.00 42.55 ? 32  GLU A CD  1 
ATOM   258  O  OE1 . GLU A 1 32  ? 12.911  -13.697 13.576  1.00 45.85 ? 32  GLU A OE1 1 
ATOM   259  O  OE2 . GLU A 1 32  ? 10.762  -14.106 13.920  1.00 43.30 ? 32  GLU A OE2 1 
ATOM   260  N  N   . THR A 1 33  ? 7.754   -10.191 11.094  1.00 29.06 ? 33  THR A N   1 
ATOM   261  C  CA  . THR A 1 33  ? 6.702   -10.103 10.101  1.00 28.36 ? 33  THR A CA  1 
ATOM   262  C  C   . THR A 1 33  ? 6.864   -8.864  9.223   1.00 27.82 ? 33  THR A C   1 
ATOM   263  O  O   . THR A 1 33  ? 6.846   -8.961  8.000   1.00 27.52 ? 33  THR A O   1 
ATOM   264  C  CB  . THR A 1 33  ? 5.329   -10.081 10.792  1.00 28.32 ? 33  THR A CB  1 
ATOM   265  O  OG1 . THR A 1 33  ? 5.119   -11.343 11.414  1.00 29.57 ? 33  THR A OG1 1 
ATOM   266  C  CG2 . THR A 1 33  ? 4.179   -9.814  9.799   1.00 28.13 ? 33  THR A CG2 1 
ATOM   267  N  N   . LEU A 1 34  ? 7.026   -7.702  9.855   1.00 27.54 ? 34  LEU A N   1 
ATOM   268  C  CA  . LEU A 1 34  ? 7.081   -6.446  9.127   1.00 26.98 ? 34  LEU A CA  1 
ATOM   269  C  C   . LEU A 1 34  ? 8.355   -6.384  8.277   1.00 26.66 ? 34  LEU A C   1 
ATOM   270  O  O   . LEU A 1 34  ? 8.311   -5.963  7.119   1.00 26.29 ? 34  LEU A O   1 
ATOM   271  C  CB  . LEU A 1 34  ? 6.979   -5.266  10.107  1.00 26.97 ? 34  LEU A CB  1 
ATOM   272  C  CG  . LEU A 1 34  ? 6.853   -3.835  9.574   1.00 26.97 ? 34  LEU A CG  1 
ATOM   273  C  CD1 . LEU A 1 34  ? 5.700   -3.694  8.597   1.00 23.42 ? 34  LEU A CD1 1 
ATOM   274  C  CD2 . LEU A 1 34  ? 6.662   -2.895  10.770  1.00 27.62 ? 34  LEU A CD2 1 
ATOM   275  N  N   . ILE A 1 35  ? 9.475   -6.823  8.854   1.00 26.44 ? 35  ILE A N   1 
ATOM   276  C  CA  . ILE A 1 35  ? 10.751  -6.978  8.119   1.00 26.19 ? 35  ILE A CA  1 
ATOM   277  C  C   . ILE A 1 35  ? 10.610  -7.878  6.875   1.00 26.32 ? 35  ILE A C   1 
ATOM   278  O  O   . ILE A 1 35  ? 11.128  -7.542  5.789   1.00 26.53 ? 35  ILE A O   1 
ATOM   279  C  CB  . ILE A 1 35  ? 11.887  -7.462  9.077   1.00 26.30 ? 35  ILE A CB  1 
ATOM   280  C  CG1 . ILE A 1 35  ? 12.334  -6.308  9.976   1.00 26.47 ? 35  ILE A CG1 1 
ATOM   281  C  CG2 . ILE A 1 35  ? 13.117  -8.003  8.315   1.00 27.00 ? 35  ILE A CG2 1 
ATOM   282  C  CD1 . ILE A 1 35  ? 13.162  -6.731  11.193  1.00 27.41 ? 35  ILE A CD1 1 
ATOM   283  N  N   . ALA A 1 36  ? 9.895   -8.997  7.028   1.00 25.66 ? 36  ALA A N   1 
ATOM   284  C  CA  . ALA A 1 36  ? 9.612   -9.932  5.920   1.00 25.54 ? 36  ALA A CA  1 
ATOM   285  C  C   . ALA A 1 36  ? 8.691   -9.327  4.868   1.00 25.60 ? 36  ALA A C   1 
ATOM   286  O  O   . ALA A 1 36  ? 8.766   -9.677  3.682   1.00 25.79 ? 36  ALA A O   1 
ATOM   287  C  CB  . ALA A 1 36  ? 9.000   -11.241 6.458   1.00 25.26 ? 36  ALA A CB  1 
ATOM   288  N  N   . MET A 1 37  ? 7.806   -8.429  5.300   1.00 25.53 ? 37  MET A N   1 
ATOM   289  C  CA  . MET A 1 37  ? 6.925   -7.730  4.369   1.00 25.61 ? 37  MET A CA  1 
ATOM   290  C  C   . MET A 1 37  ? 7.742   -6.817  3.461   1.00 25.85 ? 37  MET A C   1 
ATOM   291  O  O   . MET A 1 37  ? 7.551   -6.789  2.240   1.00 25.24 ? 37  MET A O   1 
ATOM   292  C  CB  . MET A 1 37  ? 5.866   -6.927  5.124   1.00 25.18 ? 37  MET A CB  1 
ATOM   293  C  CG  . MET A 1 37  ? 4.769   -7.783  5.722   1.00 25.74 ? 37  MET A CG  1 
ATOM   294  S  SD  . MET A 1 37  ? 3.733   -6.911  6.911   1.00 27.65 ? 37  MET A SD  1 
ATOM   295  C  CE  . MET A 1 37  ? 3.126   -5.527  5.921   1.00 24.39 ? 37  MET A CE  1 
ATOM   296  N  N   . ARG A 1 38  ? 8.653   -6.073  4.078   1.00 26.33 ? 38  ARG A N   1 
ATOM   297  C  CA  . ARG A 1 38  ? 9.553   -5.195  3.339   1.00 26.92 ? 38  ARG A CA  1 
ATOM   298  C  C   . ARG A 1 38  ? 10.424  -6.062  2.405   1.00 27.40 ? 38  ARG A C   1 
ATOM   299  O  O   . ARG A 1 38  ? 10.592  -5.746  1.217   1.00 27.68 ? 38  ARG A O   1 
ATOM   300  C  CB  . ARG A 1 38  ? 10.414  -4.372  4.308   1.00 26.01 ? 38  ARG A CB  1 
ATOM   301  C  CG  . ARG A 1 38  ? 11.511  -3.580  3.609   1.00 26.10 ? 38  ARG A CG  1 
ATOM   302  C  CD  . ARG A 1 38  ? 12.447  -2.792  4.544   1.00 24.81 ? 38  ARG A CD  1 
ATOM   303  N  NE  . ARG A 1 38  ? 13.441  -2.132  3.705   1.00 25.05 ? 38  ARG A NE  1 
ATOM   304  C  CZ  . ARG A 1 38  ? 14.585  -2.675  3.293   1.00 25.66 ? 38  ARG A CZ  1 
ATOM   305  N  NH1 . ARG A 1 38  ? 14.956  -3.898  3.687   1.00 24.45 ? 38  ARG A NH1 1 
ATOM   306  N  NH2 . ARG A 1 38  ? 15.370  -1.977  2.485   1.00 25.69 ? 38  ARG A NH2 1 
ATOM   307  N  N   . GLU A 1 39  ? 10.946  -7.161  2.950   1.00 27.60 ? 39  GLU A N   1 
ATOM   308  C  CA  . GLU A 1 39  ? 11.812  -8.073  2.200   1.00 27.74 ? 39  GLU A CA  1 
ATOM   309  C  C   . GLU A 1 39  ? 11.098  -8.687  0.982   1.00 27.32 ? 39  GLU A C   1 
ATOM   310  O  O   . GLU A 1 39  ? 11.713  -8.862  -0.081  1.00 26.92 ? 39  GLU A O   1 
ATOM   311  C  CB  . GLU A 1 39  ? 12.419  -9.139  3.117   1.00 28.31 ? 39  GLU A CB  1 
ATOM   312  C  CG  . GLU A 1 39  ? 13.650  -9.860  2.529   1.00 31.52 ? 39  GLU A CG  1 
ATOM   313  C  CD  . GLU A 1 39  ? 14.884  -8.952  2.371   1.00 35.86 ? 39  GLU A CD  1 
ATOM   314  O  OE1 . GLU A 1 39  ? 15.053  -7.995  3.165   1.00 37.14 ? 39  GLU A OE1 1 
ATOM   315  O  OE2 . GLU A 1 39  ? 15.702  -9.210  1.456   1.00 38.14 ? 39  GLU A OE2 1 
ATOM   316  N  N   . PHE A 1 40  ? 9.801   -8.972  1.118   1.00 26.84 ? 40  PHE A N   1 
ATOM   317  C  CA  . PHE A 1 40  ? 9.006   -9.382  -0.038  1.00 26.47 ? 40  PHE A CA  1 
ATOM   318  C  C   . PHE A 1 40  ? 9.068   -8.332  -1.144  1.00 26.58 ? 40  PHE A C   1 
ATOM   319  O  O   . PHE A 1 40  ? 9.215   -8.659  -2.325  1.00 26.65 ? 40  PHE A O   1 
ATOM   320  C  CB  . PHE A 1 40  ? 7.543   -9.619  0.331   1.00 26.46 ? 40  PHE A CB  1 
ATOM   321  C  CG  . PHE A 1 40  ? 6.678   -9.937  -0.854  1.00 26.97 ? 40  PHE A CG  1 
ATOM   322  C  CD1 . PHE A 1 40  ? 6.571   -11.247 -1.327  1.00 27.79 ? 40  PHE A CD1 1 
ATOM   323  C  CD2 . PHE A 1 40  ? 5.994   -8.934  -1.517  1.00 26.53 ? 40  PHE A CD2 1 
ATOM   324  C  CE1 . PHE A 1 40  ? 5.773   -11.539 -2.443  1.00 28.39 ? 40  PHE A CE1 1 
ATOM   325  C  CE2 . PHE A 1 40  ? 5.202   -9.215  -2.635  1.00 27.17 ? 40  PHE A CE2 1 
ATOM   326  C  CZ  . PHE A 1 40  ? 5.093   -10.521 -3.095  1.00 27.45 ? 40  PHE A CZ  1 
ATOM   327  N  N   . LEU A 1 41  ? 8.941   -7.069  -0.756  1.00 26.14 ? 41  LEU A N   1 
ATOM   328  C  CA  . LEU A 1 41  ? 8.881   -5.997  -1.730  1.00 25.80 ? 41  LEU A CA  1 
ATOM   329  C  C   . LEU A 1 41  ? 10.232  -5.872  -2.461  1.00 25.84 ? 41  LEU A C   1 
ATOM   330  O  O   . LEU A 1 41  ? 10.267  -5.823  -3.690  1.00 25.51 ? 41  LEU A O   1 
ATOM   331  C  CB  . LEU A 1 41  ? 8.447   -4.688  -1.057  1.00 25.30 ? 41  LEU A CB  1 
ATOM   332  C  CG  . LEU A 1 41  ? 7.003   -4.624  -0.532  1.00 24.21 ? 41  LEU A CG  1 
ATOM   333  C  CD1 . LEU A 1 41  ? 6.771   -3.331  0.199   1.00 23.01 ? 41  LEU A CD1 1 
ATOM   334  C  CD2 . LEU A 1 41  ? 5.961   -4.782  -1.648  1.00 24.11 ? 41  LEU A CD2 1 
ATOM   335  N  N   . VAL A 1 42  ? 11.318  -5.842  -1.686  1.00 26.07 ? 42  VAL A N   1 
ATOM   336  C  CA  . VAL A 1 42  ? 12.686  -5.896  -2.188  1.00 26.51 ? 42  VAL A CA  1 
ATOM   337  C  C   . VAL A 1 42  ? 12.874  -7.026  -3.216  1.00 27.14 ? 42  VAL A C   1 
ATOM   338  O  O   . VAL A 1 42  ? 13.297  -6.778  -4.337  1.00 27.31 ? 42  VAL A O   1 
ATOM   339  C  CB  . VAL A 1 42  ? 13.692  -6.067  -1.010  1.00 26.68 ? 42  VAL A CB  1 
ATOM   340  C  CG1 . VAL A 1 42  ? 15.146  -6.184  -1.512  1.00 25.24 ? 42  VAL A CG1 1 
ATOM   341  C  CG2 . VAL A 1 42  ? 13.569  -4.914  -0.020  1.00 26.38 ? 42  VAL A CG2 1 
ATOM   342  N  N   . ASN A 1 43  ? 12.538  -8.258  -2.834  1.00 28.01 ? 43  ASN A N   1 
ATOM   343  C  CA  . ASN A 1 43  ? 12.690  -9.419  -3.720  1.00 28.44 ? 43  ASN A CA  1 
ATOM   344  C  C   . ASN A 1 43  ? 11.833  -9.298  -4.973  1.00 28.65 ? 43  ASN A C   1 
ATOM   345  O  O   . ASN A 1 43  ? 12.294  -9.607  -6.072  1.00 28.58 ? 43  ASN A O   1 
ATOM   346  C  CB  . ASN A 1 43  ? 12.366  -10.719 -2.981  1.00 28.28 ? 43  ASN A CB  1 
ATOM   347  C  CG  . ASN A 1 43  ? 13.395  -11.067 -1.904  1.00 29.40 ? 43  ASN A CG  1 
ATOM   348  O  OD1 . ASN A 1 43  ? 14.585  -10.777 -2.034  1.00 30.96 ? 43  ASN A OD1 1 
ATOM   349  N  ND2 . ASN A 1 43  ? 12.932  -11.705 -0.839  1.00 29.53 ? 43  ASN A ND2 1 
ATOM   350  N  N   . SER A 1 44  ? 10.598  -8.833  -4.812  1.00 28.90 ? 44  SER A N   1 
ATOM   351  C  CA  . SER A 1 44  ? 9.686   -8.651  -5.942  1.00 29.61 ? 44  SER A CA  1 
ATOM   352  C  C   . SER A 1 44  ? 10.214  -7.636  -6.978  1.00 30.54 ? 44  SER A C   1 
ATOM   353  O  O   . SER A 1 44  ? 9.794   -7.663  -8.141  1.00 30.26 ? 44  SER A O   1 
ATOM   354  C  CB  . SER A 1 44  ? 8.306   -8.201  -5.446  1.00 29.78 ? 44  SER A CB  1 
ATOM   355  O  OG  . SER A 1 44  ? 8.266   -6.780  -5.325  1.00 28.87 ? 44  SER A OG  1 
ATOM   356  N  N   . GLN A 1 45  ? 11.107  -6.741  -6.545  1.00 31.50 ? 45  GLN A N   1 
ATOM   357  C  CA  . GLN A 1 45  ? 11.677  -5.706  -7.429  1.00 33.07 ? 45  GLN A CA  1 
ATOM   358  C  C   . GLN A 1 45  ? 13.053  -6.099  -7.982  1.00 34.03 ? 45  GLN A C   1 
ATOM   359  O  O   . GLN A 1 45  ? 13.599  -5.417  -8.842  1.00 33.80 ? 45  GLN A O   1 
ATOM   360  C  CB  . GLN A 1 45  ? 11.768  -4.352  -6.709  1.00 32.41 ? 45  GLN A CB  1 
ATOM   361  C  CG  . GLN A 1 45  ? 10.412  -3.709  -6.407  1.00 32.95 ? 45  GLN A CG  1 
ATOM   362  C  CD  . GLN A 1 45  ? 10.536  -2.455  -5.557  1.00 32.57 ? 45  GLN A CD  1 
ATOM   363  O  OE1 . GLN A 1 45  ? 11.549  -1.768  -5.602  1.00 32.73 ? 45  GLN A OE1 1 
ATOM   364  N  NE2 . GLN A 1 45  ? 9.497   -2.151  -4.786  1.00 32.53 ? 45  GLN A NE2 1 
ATOM   365  N  N   . ASP A 1 46  ? 13.616  -7.178  -7.449  1.00 35.36 ? 46  ASP A N   1 
ATOM   366  C  CA  . ASP A 1 46  ? 14.849  -7.742  -7.976  1.00 36.95 ? 46  ASP A CA  1 
ATOM   367  C  C   . ASP A 1 46  ? 14.481  -8.714  -9.093  1.00 37.55 ? 46  ASP A C   1 
ATOM   368  O  O   . ASP A 1 46  ? 13.909  -9.774  -8.841  1.00 37.32 ? 46  ASP A O   1 
ATOM   369  C  CB  . ASP A 1 46  ? 15.635  -8.440  -6.863  1.00 37.25 ? 46  ASP A CB  1 
ATOM   370  C  CG  . ASP A 1 46  ? 17.004  -8.918  -7.322  1.00 38.54 ? 46  ASP A CG  1 
ATOM   371  O  OD1 . ASP A 1 46  ? 17.068  -9.772  -8.231  1.00 41.81 ? 46  ASP A OD1 1 
ATOM   372  O  OD2 . ASP A 1 46  ? 18.018  -8.447  -6.765  1.00 37.38 ? 46  ASP A OD2 1 
ATOM   373  N  N   . GLU A 1 47  ? 14.790  -8.332  -10.328 1.00 38.75 ? 47  GLU A N   1 
ATOM   374  C  CA  . GLU A 1 47  ? 14.426  -9.102  -11.534 1.00 40.08 ? 47  GLU A CA  1 
ATOM   375  C  C   . GLU A 1 47  ? 14.747  -10.606 -11.438 1.00 39.96 ? 47  GLU A C   1 
ATOM   376  O  O   . GLU A 1 47  ? 13.921  -11.451 -11.796 1.00 40.05 ? 47  GLU A O   1 
ATOM   377  C  CB  . GLU A 1 47  ? 15.122  -8.476  -12.746 1.00 40.67 ? 47  GLU A CB  1 
ATOM   378  C  CG  . GLU A 1 47  ? 14.979  -9.220  -14.068 1.00 44.02 ? 47  GLU A CG  1 
ATOM   379  C  CD  . GLU A 1 47  ? 15.898  -8.639  -15.138 1.00 48.48 ? 47  GLU A CD  1 
ATOM   380  O  OE1 . GLU A 1 47  ? 15.540  -7.579  -15.712 1.00 50.00 ? 47  GLU A OE1 1 
ATOM   381  O  OE2 . GLU A 1 47  ? 16.979  -9.235  -15.389 1.00 48.82 ? 47  GLU A OE2 1 
ATOM   382  N  N   . GLU A 1 48  ? 15.947  -10.908 -10.944 1.00 39.82 ? 48  GLU A N   1 
ATOM   383  C  CA  . GLU A 1 48  ? 16.439  -12.270 -10.783 1.00 40.20 ? 48  GLU A CA  1 
ATOM   384  C  C   . GLU A 1 48  ? 15.654  -13.057 -9.714  1.00 39.35 ? 48  GLU A C   1 
ATOM   385  O  O   . GLU A 1 48  ? 15.038  -14.079 -10.024 1.00 38.57 ? 48  GLU A O   1 
ATOM   386  C  CB  . GLU A 1 48  ? 17.941  -12.230 -10.470 1.00 40.65 ? 48  GLU A CB  1 
ATOM   387  C  CG  . GLU A 1 48  ? 18.543  -13.547 -9.971  1.00 44.72 ? 48  GLU A CG  1 
ATOM   388  C  CD  . GLU A 1 48  ? 20.067  -13.646 -10.176 1.00 49.27 ? 48  GLU A CD  1 
ATOM   389  O  OE1 . GLU A 1 48  ? 20.702  -12.653 -10.621 1.00 50.52 ? 48  GLU A OE1 1 
ATOM   390  O  OE2 . GLU A 1 48  ? 20.622  -14.732 -9.892  1.00 50.86 ? 48  GLU A OE2 1 
ATOM   391  N  N   . ILE A 1 49  ? 15.671  -12.569 -8.470  1.00 38.43 ? 49  ILE A N   1 
ATOM   392  C  CA  . ILE A 1 49  ? 14.903  -13.187 -7.382  1.00 38.02 ? 49  ILE A CA  1 
ATOM   393  C  C   . ILE A 1 49  ? 13.409  -13.332 -7.722  1.00 37.58 ? 49  ILE A C   1 
ATOM   394  O  O   . ILE A 1 49  ? 12.830  -14.389 -7.510  1.00 37.41 ? 49  ILE A O   1 
ATOM   395  C  CB  . ILE A 1 49  ? 15.123  -12.469 -6.016  1.00 37.84 ? 49  ILE A CB  1 
ATOM   396  C  CG1 . ILE A 1 49  ? 16.600  -12.561 -5.611  1.00 37.43 ? 49  ILE A CG1 1 
ATOM   397  C  CG2 . ILE A 1 49  ? 14.255  -13.096 -4.933  1.00 37.40 ? 49  ILE A CG2 1 
ATOM   398  C  CD1 . ILE A 1 49  ? 17.092  -11.412 -4.754  1.00 37.88 ? 49  ILE A CD1 1 
ATOM   399  N  N   . ALA A 1 50  ? 12.806  -12.283 -8.273  1.00 37.50 ? 50  ALA A N   1 
ATOM   400  C  CA  . ALA A 1 50  ? 11.392  -12.297 -8.642  1.00 37.58 ? 50  ALA A CA  1 
ATOM   401  C  C   . ALA A 1 50  ? 11.106  -13.389 -9.667  1.00 38.12 ? 50  ALA A C   1 
ATOM   402  O  O   . ALA A 1 50  ? 10.094  -14.094 -9.564  1.00 38.21 ? 50  ALA A O   1 
ATOM   403  C  CB  . ALA A 1 50  ? 10.963  -10.938 -9.193  1.00 37.28 ? 50  ALA A CB  1 
ATOM   404  N  N   . LYS A 1 51  ? 11.988  -13.505 -10.659 1.00 38.49 ? 51  LYS A N   1 
ATOM   405  C  CA  . LYS A 1 51  ? 11.901  -14.556 -11.667 1.00 39.45 ? 51  LYS A CA  1 
ATOM   406  C  C   . LYS A 1 51  ? 12.005  -15.942 -11.018 1.00 39.05 ? 51  LYS A C   1 
ATOM   407  O  O   . LYS A 1 51  ? 11.163  -16.808 -11.265 1.00 39.26 ? 51  LYS A O   1 
ATOM   408  C  CB  . LYS A 1 51  ? 13.004  -14.378 -12.717 1.00 39.97 ? 51  LYS A CB  1 
ATOM   409  C  CG  . LYS A 1 51  ? 12.787  -15.121 -14.028 1.00 43.35 ? 51  LYS A CG  1 
ATOM   410  C  CD  . LYS A 1 51  ? 14.125  -15.248 -14.787 1.00 49.28 ? 51  LYS A CD  1 
ATOM   411  C  CE  . LYS A 1 51  ? 13.923  -15.535 -16.274 1.00 52.29 ? 51  LYS A CE  1 
ATOM   412  N  NZ  . LYS A 1 51  ? 13.174  -16.811 -16.494 1.00 54.90 ? 51  LYS A NZ  1 
ATOM   413  N  N   . ARG A 1 52  ? 13.017  -16.131 -10.172 1.00 38.46 ? 52  ARG A N   1 
ATOM   414  C  CA  . ARG A 1 52  ? 13.258  -17.410 -9.521  1.00 38.31 ? 52  ARG A CA  1 
ATOM   415  C  C   . ARG A 1 52  ? 12.085  -17.869 -8.617  1.00 37.95 ? 52  ARG A C   1 
ATOM   416  O  O   . ARG A 1 52  ? 11.811  -19.063 -8.513  1.00 37.59 ? 52  ARG A O   1 
ATOM   417  C  CB  . ARG A 1 52  ? 14.585  -17.384 -8.755  1.00 38.48 ? 52  ARG A CB  1 
ATOM   418  C  CG  . ARG A 1 52  ? 15.016  -18.743 -8.201  1.00 40.29 ? 52  ARG A CG  1 
ATOM   419  C  CD  . ARG A 1 52  ? 16.197  -18.650 -7.263  1.00 42.62 ? 52  ARG A CD  1 
ATOM   420  N  NE  . ARG A 1 52  ? 17.445  -18.424 -7.991  1.00 47.36 ? 52  ARG A NE  1 
ATOM   421  C  CZ  . ARG A 1 52  ? 18.139  -17.286 -7.971  1.00 49.36 ? 52  ARG A CZ  1 
ATOM   422  N  NH1 . ARG A 1 52  ? 17.719  -16.256 -7.243  1.00 49.54 ? 52  ARG A NH1 1 
ATOM   423  N  NH2 . ARG A 1 52  ? 19.269  -17.182 -8.670  1.00 50.95 ? 52  ARG A NH2 1 
ATOM   424  N  N   . TYR A 1 53  ? 11.380  -16.923 -7.998  1.00 37.07 ? 53  TYR A N   1 
ATOM   425  C  CA  . TYR A 1 53  ? 10.277  -17.266 -7.100  1.00 36.36 ? 53  TYR A CA  1 
ATOM   426  C  C   . TYR A 1 53  ? 8.900   -16.840 -7.586  1.00 36.00 ? 53  TYR A C   1 
ATOM   427  O  O   . TYR A 1 53  ? 7.953   -16.813 -6.805  1.00 36.13 ? 53  TYR A O   1 
ATOM   428  C  CB  . TYR A 1 53  ? 10.547  -16.735 -5.690  1.00 36.43 ? 53  TYR A CB  1 
ATOM   429  C  CG  . TYR A 1 53  ? 11.781  -17.335 -5.062  1.00 36.60 ? 53  TYR A CG  1 
ATOM   430  C  CD1 . TYR A 1 53  ? 11.727  -18.575 -4.415  1.00 37.38 ? 53  TYR A CD1 1 
ATOM   431  C  CD2 . TYR A 1 53  ? 13.013  -16.682 -5.134  1.00 37.66 ? 53  TYR A CD2 1 
ATOM   432  C  CE1 . TYR A 1 53  ? 12.871  -19.148 -3.838  1.00 37.81 ? 53  TYR A CE1 1 
ATOM   433  C  CE2 . TYR A 1 53  ? 14.169  -17.246 -4.556  1.00 39.09 ? 53  TYR A CE2 1 
ATOM   434  C  CZ  . TYR A 1 53  ? 14.082  -18.478 -3.912  1.00 38.90 ? 53  TYR A CZ  1 
ATOM   435  O  OH  . TYR A 1 53  ? 15.206  -19.032 -3.345  1.00 40.34 ? 53  TYR A OH  1 
ATOM   436  N  N   . GLY A 1 54  ? 8.773   -16.545 -8.876  1.00 35.89 ? 54  GLY A N   1 
ATOM   437  C  CA  . GLY A 1 54  ? 7.489   -16.102 -9.441  1.00 35.92 ? 54  GLY A CA  1 
ATOM   438  C  C   . GLY A 1 54  ? 6.819   -14.952 -8.692  1.00 36.20 ? 54  GLY A C   1 
ATOM   439  O  O   . GLY A 1 54  ? 5.605   -14.968 -8.466  1.00 36.36 ? 54  GLY A O   1 
ATOM   440  N  N   . LEU A 1 55  ? 7.599   -13.951 -8.294  1.00 35.96 ? 55  LEU A N   1 
ATOM   441  C  CA  . LEU A 1 55  ? 7.027   -12.806 -7.565  1.00 36.16 ? 55  LEU A CA  1 
ATOM   442  C  C   . LEU A 1 55  ? 6.494   -11.768 -8.533  1.00 36.25 ? 55  LEU A C   1 
ATOM   443  O  O   . LEU A 1 55  ? 7.127   -11.455 -9.539  1.00 36.94 ? 55  LEU A O   1 
ATOM   444  C  CB  . LEU A 1 55  ? 8.032   -12.166 -6.592  1.00 35.09 ? 55  LEU A CB  1 
ATOM   445  C  CG  . LEU A 1 55  ? 8.810   -13.104 -5.659  1.00 35.85 ? 55  LEU A CG  1 
ATOM   446  C  CD1 . LEU A 1 55  ? 9.806   -12.338 -4.788  1.00 34.13 ? 55  LEU A CD1 1 
ATOM   447  C  CD2 . LEU A 1 55  ? 7.893   -14.019 -4.788  1.00 33.42 ? 55  LEU A CD2 1 
ATOM   448  N  N   . ARG A 1 56  ? 5.308   -11.265 -8.234  1.00 36.33 ? 56  ARG A N   1 
ATOM   449  C  CA  . ARG A 1 56  ? 4.751   -10.129 -8.935  1.00 36.65 ? 56  ARG A CA  1 
ATOM   450  C  C   . ARG A 1 56  ? 5.348   -8.889  -8.262  1.00 36.02 ? 56  ARG A C   1 
ATOM   451  O  O   . ARG A 1 56  ? 5.353   -8.793  -7.030  1.00 36.06 ? 56  ARG A O   1 
ATOM   452  C  CB  . ARG A 1 56  ? 3.226   -10.165 -8.785  1.00 37.29 ? 56  ARG A CB  1 
ATOM   453  C  CG  . ARG A 1 56  ? 2.455   -9.119  -9.572  1.00 40.12 ? 56  ARG A CG  1 
ATOM   454  C  CD  . ARG A 1 56  ? 0.959   -9.241  -9.269  1.00 44.26 ? 56  ARG A CD  1 
ATOM   455  N  NE  . ARG A 1 56  ? 0.157   -8.239  -9.975  1.00 47.42 ? 56  ARG A NE  1 
ATOM   456  C  CZ  . ARG A 1 56  ? -1.173  -8.161  -9.912  1.00 48.92 ? 56  ARG A CZ  1 
ATOM   457  N  NH1 . ARG A 1 56  ? -1.866  -9.026  -9.175  1.00 47.71 ? 56  ARG A NH1 1 
ATOM   458  N  NH2 . ARG A 1 56  ? -1.815  -7.218  -10.597 1.00 49.17 ? 56  ARG A NH2 1 
ATOM   459  N  N   . SER A 1 57  ? 5.867   -7.965  -9.062  1.00 35.10 ? 57  SER A N   1 
ATOM   460  C  CA  . SER A 1 57  ? 6.491   -6.741  -8.551  1.00 34.66 ? 57  SER A CA  1 
ATOM   461  C  C   . SER A 1 57  ? 5.531   -5.875  -7.718  1.00 33.57 ? 57  SER A C   1 
ATOM   462  O  O   . SER A 1 57  ? 4.393   -5.643  -8.105  1.00 33.33 ? 57  SER A O   1 
ATOM   463  C  CB  . SER A 1 57  ? 7.057   -5.912  -9.703  1.00 34.97 ? 57  SER A CB  1 
ATOM   464  O  OG  . SER A 1 57  ? 7.884   -4.883  -9.193  1.00 36.12 ? 57  SER A OG  1 
ATOM   465  N  N   . GLY A 1 58  ? 5.998   -5.413  -6.565  1.00 32.47 ? 58  GLY A N   1 
ATOM   466  C  CA  . GLY A 1 58  ? 5.162   -4.610  -5.683  1.00 30.65 ? 58  GLY A CA  1 
ATOM   467  C  C   . GLY A 1 58  ? 5.908   -3.456  -5.045  1.00 29.81 ? 58  GLY A C   1 
ATOM   468  O  O   . GLY A 1 58  ? 7.124   -3.544  -4.816  1.00 28.84 ? 58  GLY A O   1 
ATOM   469  N  N   . VAL A 1 59  ? 5.167   -2.380  -4.758  1.00 28.61 ? 59  VAL A N   1 
ATOM   470  C  CA  . VAL A 1 59  ? 5.703   -1.215  -4.048  1.00 27.74 ? 59  VAL A CA  1 
ATOM   471  C  C   . VAL A 1 59  ? 5.092   -1.029  -2.649  1.00 27.64 ? 59  VAL A C   1 
ATOM   472  O  O   . VAL A 1 59  ? 5.563   -0.206  -1.864  1.00 27.68 ? 59  VAL A O   1 
ATOM   473  C  CB  . VAL A 1 59  ? 5.573   0.104   -4.885  1.00 27.50 ? 59  VAL A CB  1 
ATOM   474  C  CG1 . VAL A 1 59  ? 6.298   -0.030  -6.227  1.00 26.97 ? 59  VAL A CG1 1 
ATOM   475  C  CG2 . VAL A 1 59  ? 4.117   0.490   -5.092  1.00 26.58 ? 59  VAL A CG2 1 
ATOM   476  N  N   . GLY A 1 60  ? 4.052   -1.797  -2.340  1.00 27.35 ? 60  GLY A N   1 
ATOM   477  C  CA  . GLY A 1 60  ? 3.393   -1.705  -1.043  1.00 26.82 ? 60  GLY A CA  1 
ATOM   478  C  C   . GLY A 1 60  ? 2.825   -3.044  -0.605  1.00 26.90 ? 60  GLY A C   1 
ATOM   479  O  O   . GLY A 1 60  ? 2.404   -3.849  -1.441  1.00 26.24 ? 60  GLY A O   1 
ATOM   480  N  N   . LEU A 1 61  ? 2.841   -3.292  0.704   1.00 26.49 ? 61  LEU A N   1 
ATOM   481  C  CA  . LEU A 1 61  ? 2.240   -4.502  1.268   1.00 26.92 ? 61  LEU A CA  1 
ATOM   482  C  C   . LEU A 1 61  ? 1.636   -4.196  2.631   1.00 26.33 ? 61  LEU A C   1 
ATOM   483  O  O   . LEU A 1 61  ? 2.267   -3.512  3.428   1.00 27.27 ? 61  LEU A O   1 
ATOM   484  C  CB  . LEU A 1 61  ? 3.288   -5.627  1.381   1.00 26.69 ? 61  LEU A CB  1 
ATOM   485  C  CG  . LEU A 1 61  ? 2.789   -7.021  1.773   1.00 26.97 ? 61  LEU A CG  1 
ATOM   486  C  CD1 . LEU A 1 61  ? 1.765   -7.563  0.768   1.00 27.57 ? 61  LEU A CD1 1 
ATOM   487  C  CD2 . LEU A 1 61  ? 3.964   -7.987  1.923   1.00 25.98 ? 61  LEU A CD2 1 
ATOM   488  N  N   . ALA A 1 62  ? 0.413   -4.671  2.885   1.00 25.58 ? 62  ALA A N   1 
ATOM   489  C  CA  . ALA A 1 62  ? -0.240  -4.486  4.188   1.00 24.85 ? 62  ALA A CA  1 
ATOM   490  C  C   . ALA A 1 62  ? -0.401  -5.838  4.869   1.00 25.18 ? 62  ALA A C   1 
ATOM   491  O  O   . ALA A 1 62  ? -0.729  -6.823  4.208   1.00 25.48 ? 62  ALA A O   1 
ATOM   492  C  CB  . ALA A 1 62  ? -1.583  -3.815  4.034   1.00 23.37 ? 62  ALA A CB  1 
ATOM   493  N  N   . ALA A 1 63  ? -0.210  -5.886  6.188   1.00 25.52 ? 63  ALA A N   1 
ATOM   494  C  CA  . ALA A 1 63  ? -0.254  -7.165  6.912   1.00 26.13 ? 63  ALA A CA  1 
ATOM   495  C  C   . ALA A 1 63  ? -1.504  -8.024  6.630   1.00 26.71 ? 63  ALA A C   1 
ATOM   496  O  O   . ALA A 1 63  ? -1.401  -9.240  6.546   1.00 27.16 ? 63  ALA A O   1 
ATOM   497  C  CB  . ALA A 1 63  ? -0.041  -6.965  8.397   1.00 25.55 ? 63  ALA A CB  1 
ATOM   498  N  N   . PRO A 1 64  ? -2.695  -7.399  6.483   1.00 27.38 ? 64  PRO A N   1 
ATOM   499  C  CA  . PRO A 1 64  ? -3.881  -8.218  6.175   1.00 27.24 ? 64  PRO A CA  1 
ATOM   500  C  C   . PRO A 1 64  ? -3.721  -9.095  4.929   1.00 27.94 ? 64  PRO A C   1 
ATOM   501  O  O   . PRO A 1 64  ? -4.320  -10.183 4.846   1.00 28.43 ? 64  PRO A O   1 
ATOM   502  C  CB  . PRO A 1 64  ? -4.959  -7.168  5.938   1.00 27.33 ? 64  PRO A CB  1 
ATOM   503  C  CG  . PRO A 1 64  ? -4.578  -6.055  6.864   1.00 26.68 ? 64  PRO A CG  1 
ATOM   504  C  CD  . PRO A 1 64  ? -3.072  -6.019  6.854   1.00 27.02 ? 64  PRO A CD  1 
ATOM   505  N  N   . GLN A 1 65  ? -2.918  -8.624  3.976   1.00 27.59 ? 65  GLN A N   1 
ATOM   506  C  CA  . GLN A 1 65  ? -2.714  -9.315  2.718   1.00 27.34 ? 65  GLN A CA  1 
ATOM   507  C  C   . GLN A 1 65  ? -1.956  -10.621 2.893   1.00 27.39 ? 65  GLN A C   1 
ATOM   508  O  O   . GLN A 1 65  ? -1.991  -11.469 2.014   1.00 27.32 ? 65  GLN A O   1 
ATOM   509  C  CB  . GLN A 1 65  ? -1.970  -8.428  1.727   1.00 27.17 ? 65  GLN A CB  1 
ATOM   510  C  CG  . GLN A 1 65  ? -2.857  -7.407  1.050   1.00 27.14 ? 65  GLN A CG  1 
ATOM   511  C  CD  . GLN A 1 65  ? -2.065  -6.548  0.079   1.00 27.26 ? 65  GLN A CD  1 
ATOM   512  O  OE1 . GLN A 1 65  ? -1.218  -5.747  0.486   1.00 26.35 ? 65  GLN A OE1 1 
ATOM   513  N  NE2 . GLN A 1 65  ? -2.323  -6.731  -1.214  1.00 24.58 ? 65  GLN A NE2 1 
ATOM   514  N  N   . ILE A 1 66  ? -1.253  -10.765 4.013   1.00 27.45 ? 66  ILE A N   1 
ATOM   515  C  CA  . ILE A 1 66  ? -0.711  -12.062 4.397   1.00 27.77 ? 66  ILE A CA  1 
ATOM   516  C  C   . ILE A 1 66  ? -1.506  -12.660 5.557   1.00 28.01 ? 66  ILE A C   1 
ATOM   517  O  O   . ILE A 1 66  ? -0.965  -13.438 6.340   1.00 27.88 ? 66  ILE A O   1 
ATOM   518  C  CB  . ILE A 1 66  ? 0.823   -12.036 4.682   1.00 27.32 ? 66  ILE A CB  1 
ATOM   519  C  CG1 . ILE A 1 66  ? 1.176   -11.029 5.779   1.00 26.92 ? 66  ILE A CG1 1 
ATOM   520  C  CG2 . ILE A 1 66  ? 1.616   -11.754 3.371   1.00 27.53 ? 66  ILE A CG2 1 
ATOM   521  C  CD1 . ILE A 1 66  ? 2.675   -11.074 6.210   1.00 26.09 ? 66  ILE A CD1 1 
ATOM   522  N  N   . ASN A 1 67  ? -2.788  -12.283 5.650   1.00 28.54 ? 67  ASN A N   1 
ATOM   523  C  CA  . ASN A 1 67  ? -3.734  -12.865 6.616   1.00 29.62 ? 67  ASN A CA  1 
ATOM   524  C  C   . ASN A 1 67  ? -3.323  -12.558 8.054   1.00 30.23 ? 67  ASN A C   1 
ATOM   525  O  O   . ASN A 1 67  ? -3.519  -13.385 8.961   1.00 30.39 ? 67  ASN A O   1 
ATOM   526  C  CB  . ASN A 1 67  ? -3.874  -14.391 6.397   1.00 29.49 ? 67  ASN A CB  1 
ATOM   527  C  CG  . ASN A 1 67  ? -5.101  -14.988 7.085   1.00 31.12 ? 67  ASN A CG  1 
ATOM   528  O  OD1 . ASN A 1 67  ? -6.094  -14.306 7.324   1.00 30.86 ? 67  ASN A OD1 1 
ATOM   529  N  ND2 . ASN A 1 67  ? -5.028  -16.283 7.399   1.00 31.05 ? 67  ASN A ND2 1 
ATOM   530  N  N   . ILE A 1 68  ? -2.731  -11.375 8.257   1.00 30.13 ? 68  ILE A N   1 
ATOM   531  C  CA  . ILE A 1 68  ? -2.380  -10.913 9.599   1.00 30.31 ? 68  ILE A CA  1 
ATOM   532  C  C   . ILE A 1 68  ? -3.116  -9.589  9.866   1.00 30.46 ? 68  ILE A C   1 
ATOM   533  O  O   . ILE A 1 68  ? -2.763  -8.528  9.308   1.00 29.95 ? 68  ILE A O   1 
ATOM   534  C  CB  . ILE A 1 68  ? -0.849  -10.773 9.788   1.00 30.33 ? 68  ILE A CB  1 
ATOM   535  C  CG1 . ILE A 1 68  ? -0.164  -12.148 9.639   1.00 31.41 ? 68  ILE A CG1 1 
ATOM   536  C  CG2 . ILE A 1 68  ? -0.542  -10.167 11.150  1.00 30.66 ? 68  ILE A CG2 1 
ATOM   537  C  CD1 . ILE A 1 68  ? 1.362   -12.118 9.609   1.00 29.41 ? 68  ILE A CD1 1 
ATOM   538  N  N   . SER A 1 69  ? -4.143  -9.655  10.714  1.00 29.84 ? 69  SER A N   1 
ATOM   539  C  CA  . SER A 1 69  ? -5.089  -8.547  10.817  1.00 30.00 ? 69  SER A CA  1 
ATOM   540  C  C   . SER A 1 69  ? -4.574  -7.472  11.777  1.00 29.47 ? 69  SER A C   1 
ATOM   541  O  O   . SER A 1 69  ? -5.201  -7.168  12.803  1.00 29.66 ? 69  SER A O   1 
ATOM   542  C  CB  . SER A 1 69  ? -6.479  -9.045  11.210  1.00 29.81 ? 69  SER A CB  1 
ATOM   543  O  OG  . SER A 1 69  ? -7.445  -8.066  10.892  1.00 30.92 ? 69  SER A OG  1 
ATOM   544  N  N   . LYS A 1 70  ? -3.427  -6.906  11.404  1.00 28.44 ? 70  LYS A N   1 
ATOM   545  C  CA  . LYS A 1 70  ? -2.707  -5.923  12.196  1.00 27.47 ? 70  LYS A CA  1 
ATOM   546  C  C   . LYS A 1 70  ? -2.337  -4.697  11.341  1.00 27.18 ? 70  LYS A C   1 
ATOM   547  O  O   . LYS A 1 70  ? -2.113  -4.800  10.120  1.00 26.62 ? 70  LYS A O   1 
ATOM   548  C  CB  . LYS A 1 70  ? -1.464  -6.553  12.837  1.00 27.71 ? 70  LYS A CB  1 
ATOM   549  C  CG  . LYS A 1 70  ? -1.783  -7.661  13.833  1.00 27.60 ? 70  LYS A CG  1 
ATOM   550  C  CD  . LYS A 1 70  ? -0.525  -8.223  14.475  1.00 28.74 ? 70  LYS A CD  1 
ATOM   551  C  CE  . LYS A 1 70  ? -0.874  -9.438  15.362  1.00 28.05 ? 70  LYS A CE  1 
ATOM   552  N  NZ  . LYS A 1 70  ? 0.322   -9.942  16.102  1.00 27.99 ? 70  LYS A NZ  1 
ATOM   553  N  N   . ARG A 1 71  ? -2.285  -3.545  11.998  1.00 26.24 ? 71  ARG A N   1 
ATOM   554  C  CA  . ARG A 1 71  ? -2.110  -2.281  11.320  1.00 26.04 ? 71  ARG A CA  1 
ATOM   555  C  C   . ARG A 1 71  ? -0.633  -1.997  11.068  1.00 25.88 ? 71  ARG A C   1 
ATOM   556  O  O   . ARG A 1 71  ? -0.061  -1.091  11.660  1.00 25.89 ? 71  ARG A O   1 
ATOM   557  C  CB  . ARG A 1 71  ? -2.773  -1.154  12.109  1.00 25.41 ? 71  ARG A CB  1 
ATOM   558  C  CG  . ARG A 1 71  ? -4.277  -1.315  12.197  1.00 25.64 ? 71  ARG A CG  1 
ATOM   559  C  CD  . ARG A 1 71  ? -4.957  -0.127  12.874  1.00 25.46 ? 71  ARG A CD  1 
ATOM   560  N  NE  . ARG A 1 71  ? -5.403  0.887   11.915  1.00 26.54 ? 71  ARG A NE  1 
ATOM   561  C  CZ  . ARG A 1 71  ? -6.436  0.747   11.075  1.00 27.46 ? 71  ARG A CZ  1 
ATOM   562  N  NH1 . ARG A 1 71  ? -7.164  -0.380  11.044  1.00 25.77 ? 71  ARG A NH1 1 
ATOM   563  N  NH2 . ARG A 1 71  ? -6.747  1.748   10.259  1.00 25.31 ? 71  ARG A NH2 1 
ATOM   564  N  N   . MET A 1 72  ? -0.034  -2.804  10.193  1.00 25.81 ? 72  MET A N   1 
ATOM   565  C  CA  . MET A 1 72  ? 1.368   -2.651  9.766   1.00 25.96 ? 72  MET A CA  1 
ATOM   566  C  C   . MET A 1 72  ? 1.393   -2.663  8.249   1.00 25.25 ? 72  MET A C   1 
ATOM   567  O  O   . MET A 1 72  ? 0.708   -3.469  7.617   1.00 24.83 ? 72  MET A O   1 
ATOM   568  C  CB  . MET A 1 72  ? 2.240   -3.808  10.235  1.00 26.03 ? 72  MET A CB  1 
ATOM   569  C  CG  . MET A 1 72  ? 2.154   -4.123  11.685  1.00 28.79 ? 72  MET A CG  1 
ATOM   570  S  SD  . MET A 1 72  ? 3.420   -5.276  12.228  1.00 31.00 ? 72  MET A SD  1 
ATOM   571  C  CE  . MET A 1 72  ? 2.819   -6.817  11.543  1.00 30.22 ? 72  MET A CE  1 
ATOM   572  N  N   . ILE A 1 73  ? 2.182   -1.772  7.671   1.00 24.68 ? 73  ILE A N   1 
ATOM   573  C  CA  . ILE A 1 73  ? 2.366   -1.740  6.221   1.00 24.69 ? 73  ILE A CA  1 
ATOM   574  C  C   . ILE A 1 73  ? 3.839   -1.579  5.854   1.00 24.49 ? 73  ILE A C   1 
ATOM   575  O  O   . ILE A 1 73  ? 4.633   -1.063  6.640   1.00 24.69 ? 73  ILE A O   1 
ATOM   576  C  CB  . ILE A 1 73  ? 1.532   -0.610  5.558   1.00 24.37 ? 73  ILE A CB  1 
ATOM   577  C  CG1 . ILE A 1 73  ? 1.949   0.761   6.091   1.00 24.00 ? 73  ILE A CG1 1 
ATOM   578  C  CG2 . ILE A 1 73  ? 0.018   -0.828  5.784   1.00 24.27 ? 73  ILE A CG2 1 
ATOM   579  C  CD1 . ILE A 1 73  ? 1.451   1.912   5.238   1.00 23.79 ? 73  ILE A CD1 1 
ATOM   580  N  N   . ALA A 1 74  ? 4.205   -2.019  4.654   1.00 24.41 ? 74  ALA A N   1 
ATOM   581  C  CA  . ALA A 1 74  ? 5.532   -1.699  4.134   1.00 24.30 ? 74  ALA A CA  1 
ATOM   582  C  C   . ALA A 1 74  ? 5.382   -1.020  2.782   1.00 23.94 ? 74  ALA A C   1 
ATOM   583  O  O   . ALA A 1 74  ? 4.521   -1.397  1.999   1.00 23.81 ? 74  ALA A O   1 
ATOM   584  C  CB  . ALA A 1 74  ? 6.405   -2.959  4.036   1.00 24.12 ? 74  ALA A CB  1 
ATOM   585  N  N   . VAL A 1 75  ? 6.209   -0.008  2.532   1.00 23.94 ? 75  VAL A N   1 
ATOM   586  C  CA  . VAL A 1 75  ? 6.215   0.710   1.239   1.00 24.07 ? 75  VAL A CA  1 
ATOM   587  C  C   . VAL A 1 75  ? 7.649   0.796   0.715   1.00 24.53 ? 75  VAL A C   1 
ATOM   588  O  O   . VAL A 1 75  ? 8.574   1.182   1.443   1.00 24.36 ? 75  VAL A O   1 
ATOM   589  C  CB  . VAL A 1 75  ? 5.584   2.133   1.345   1.00 23.99 ? 75  VAL A CB  1 
ATOM   590  C  CG1 . VAL A 1 75  ? 5.710   2.927   0.013   1.00 22.35 ? 75  VAL A CG1 1 
ATOM   591  C  CG2 . VAL A 1 75  ? 4.123   2.048   1.764   1.00 23.69 ? 75  VAL A CG2 1 
ATOM   592  N  N   . LEU A 1 76  ? 7.831   0.394   -0.536  1.00 25.36 ? 76  LEU A N   1 
ATOM   593  C  CA  . LEU A 1 76  ? 9.140   0.427   -1.174  1.00 26.35 ? 76  LEU A CA  1 
ATOM   594  C  C   . LEU A 1 76  ? 8.958   0.959   -2.582  1.00 27.21 ? 76  LEU A C   1 
ATOM   595  O  O   . LEU A 1 76  ? 8.598   0.212   -3.506  1.00 27.64 ? 76  LEU A O   1 
ATOM   596  C  CB  . LEU A 1 76  ? 9.780   -0.967  -1.215  1.00 26.22 ? 76  LEU A CB  1 
ATOM   597  C  CG  . LEU A 1 76  ? 11.254  -1.025  -1.676  1.00 26.73 ? 76  LEU A CG  1 
ATOM   598  C  CD1 . LEU A 1 76  ? 12.208  -0.389  -0.667  1.00 23.78 ? 76  LEU A CD1 1 
ATOM   599  C  CD2 . LEU A 1 76  ? 11.677  -2.461  -1.920  1.00 25.03 ? 76  LEU A CD2 1 
ATOM   600  N  N   . ILE A 1 77  ? 9.194   2.254   -2.737  1.00 27.83 ? 77  ILE A N   1 
ATOM   601  C  CA  . ILE A 1 77  ? 9.114   2.884   -4.034  1.00 28.89 ? 77  ILE A CA  1 
ATOM   602  C  C   . ILE A 1 77  ? 10.511  3.316   -4.418  1.00 30.37 ? 77  ILE A C   1 
ATOM   603  O  O   . ILE A 1 77  ? 11.073  4.189   -3.775  1.00 31.04 ? 77  ILE A O   1 
ATOM   604  C  CB  . ILE A 1 77  ? 8.153   4.097   -4.064  1.00 28.44 ? 77  ILE A CB  1 
ATOM   605  C  CG1 . ILE A 1 77  ? 6.745   3.680   -3.615  1.00 26.94 ? 77  ILE A CG1 1 
ATOM   606  C  CG2 . ILE A 1 77  ? 8.143   4.749   -5.485  1.00 26.70 ? 77  ILE A CG2 1 
ATOM   607  C  CD1 . ILE A 1 77  ? 5.873   4.844   -3.113  1.00 25.58 ? 77  ILE A CD1 1 
ATOM   608  N  N   . PRO A 1 78  ? 11.080  2.692   -5.462  1.00 31.82 ? 78  PRO A N   1 
ATOM   609  C  CA  . PRO A 1 78  ? 12.443  3.043   -5.874  1.00 32.86 ? 78  PRO A CA  1 
ATOM   610  C  C   . PRO A 1 78  ? 12.491  4.431   -6.506  1.00 33.86 ? 78  PRO A C   1 
ATOM   611  O  O   . PRO A 1 78  ? 11.455  5.010   -6.845  1.00 33.22 ? 78  PRO A O   1 
ATOM   612  C  CB  . PRO A 1 78  ? 12.783  1.973   -6.920  1.00 32.23 ? 78  PRO A CB  1 
ATOM   613  C  CG  . PRO A 1 78  ? 11.460  1.594   -7.510  1.00 32.62 ? 78  PRO A CG  1 
ATOM   614  C  CD  . PRO A 1 78  ? 10.458  1.707   -6.374  1.00 31.69 ? 78  PRO A CD  1 
ATOM   615  N  N   . ASP A 1 79  ? 13.699  4.943   -6.656  1.00 35.99 ? 79  ASP A N   1 
ATOM   616  C  CA  . ASP A 1 79  ? 13.938  6.218   -7.291  1.00 38.34 ? 79  ASP A CA  1 
ATOM   617  C  C   . ASP A 1 79  ? 13.299  6.278   -8.693  1.00 40.19 ? 79  ASP A C   1 
ATOM   618  O  O   . ASP A 1 79  ? 13.529  5.404   -9.534  1.00 40.03 ? 79  ASP A O   1 
ATOM   619  C  CB  . ASP A 1 79  ? 15.447  6.442   -7.366  1.00 38.20 ? 79  ASP A CB  1 
ATOM   620  C  CG  . ASP A 1 79  ? 15.821  7.890   -7.663  1.00 38.87 ? 79  ASP A CG  1 
ATOM   621  O  OD1 . ASP A 1 79  ? 14.963  8.695   -8.106  1.00 38.03 ? 79  ASP A OD1 1 
ATOM   622  O  OD2 . ASP A 1 79  ? 17.002  8.218   -7.457  1.00 40.73 ? 79  ASP A OD2 1 
ATOM   623  N  N   . ASP A 1 80  ? 12.484  7.312   -8.915  1.00 42.38 ? 80  ASP A N   1 
ATOM   624  C  CA  . ASP A 1 80  ? 11.837  7.559   -10.213 1.00 44.77 ? 80  ASP A CA  1 
ATOM   625  C  C   . ASP A 1 80  ? 12.736  8.288   -11.220 1.00 45.43 ? 80  ASP A C   1 
ATOM   626  O  O   . ASP A 1 80  ? 12.556  8.166   -12.437 1.00 46.57 ? 80  ASP A O   1 
ATOM   627  C  CB  . ASP A 1 80  ? 10.548  8.367   -10.017 1.00 45.31 ? 80  ASP A CB  1 
ATOM   628  C  CG  . ASP A 1 80  ? 10.741  9.598   -9.127  1.00 47.87 ? 80  ASP A CG  1 
ATOM   629  O  OD1 . ASP A 1 80  ? 9.717   10.137  -8.647  1.00 49.93 ? 80  ASP A OD1 1 
ATOM   630  O  OD2 . ASP A 1 80  ? 11.899  10.035  -8.893  1.00 50.28 ? 80  ASP A OD2 1 
ATOM   631  N  N   . GLY A 1 81  ? 13.695  9.050   -10.709 1.00 45.81 ? 81  GLY A N   1 
ATOM   632  C  CA  . GLY A 1 81  ? 14.569  9.870   -11.546 1.00 45.88 ? 81  GLY A CA  1 
ATOM   633  C  C   . GLY A 1 81  ? 14.869  11.192  -10.864 1.00 45.66 ? 81  GLY A C   1 
ATOM   634  O  O   . GLY A 1 81  ? 15.937  11.779  -11.075 1.00 45.94 ? 81  GLY A O   1 
ATOM   635  N  N   . SER A 1 82  ? 13.923  11.645  -10.034 1.00 44.99 ? 82  SER A N   1 
ATOM   636  C  CA  . SER A 1 82  ? 14.062  12.888  -9.251  1.00 44.21 ? 82  SER A CA  1 
ATOM   637  C  C   . SER A 1 82  ? 14.941  12.754  -8.011  1.00 43.18 ? 82  SER A C   1 
ATOM   638  O  O   . SER A 1 82  ? 15.239  13.747  -7.356  1.00 43.87 ? 82  SER A O   1 
ATOM   639  C  CB  . SER A 1 82  ? 12.690  13.428  -8.829  1.00 44.37 ? 82  SER A CB  1 
ATOM   640  O  OG  . SER A 1 82  ? 12.071  12.573  -7.875  1.00 45.42 ? 82  SER A OG  1 
ATOM   641  N  N   . GLY A 1 83  ? 15.361  11.538  -7.686  1.00 42.18 ? 83  GLY A N   1 
ATOM   642  C  CA  . GLY A 1 83  ? 16.142  11.308  -6.469  1.00 40.54 ? 83  GLY A CA  1 
ATOM   643  C  C   . GLY A 1 83  ? 15.292  11.006  -5.240  1.00 39.34 ? 83  GLY A C   1 
ATOM   644  O  O   . GLY A 1 83  ? 15.828  10.660  -4.184  1.00 39.62 ? 83  GLY A O   1 
ATOM   645  N  N   . LYS A 1 84  ? 13.971  11.121  -5.373  1.00 37.90 ? 84  LYS A N   1 
ATOM   646  C  CA  . LYS A 1 84  ? 13.057  10.780  -4.289  1.00 36.95 ? 84  LYS A CA  1 
ATOM   647  C  C   . LYS A 1 84  ? 12.770  9.270   -4.283  1.00 35.84 ? 84  LYS A C   1 
ATOM   648  O  O   . LYS A 1 84  ? 12.464  8.679   -5.329  1.00 35.70 ? 84  LYS A O   1 
ATOM   649  C  CB  . LYS A 1 84  ? 11.753  11.570  -4.418  1.00 37.08 ? 84  LYS A CB  1 
ATOM   650  C  CG  . LYS A 1 84  ? 11.868  13.075  -4.151  1.00 38.76 ? 84  LYS A CG  1 
ATOM   651  C  CD  . LYS A 1 84  ? 10.468  13.706  -4.132  1.00 43.28 ? 84  LYS A CD  1 
ATOM   652  C  CE  . LYS A 1 84  ? 10.463  15.130  -4.663  1.00 46.35 ? 84  LYS A CE  1 
ATOM   653  N  NZ  . LYS A 1 84  ? 9.323   15.334  -5.621  1.00 47.69 ? 84  LYS A NZ  1 
ATOM   654  N  N   . SER A 1 85  ? 12.908  8.649   -3.115  1.00 34.36 ? 85  SER A N   1 
ATOM   655  C  CA  . SER A 1 85  ? 12.564  7.231   -2.939  1.00 33.42 ? 85  SER A CA  1 
ATOM   656  C  C   . SER A 1 85  ? 12.022  6.965   -1.522  1.00 32.65 ? 85  SER A C   1 
ATOM   657  O  O   . SER A 1 85  ? 12.313  7.712   -0.592  1.00 31.98 ? 85  SER A O   1 
ATOM   658  C  CB  . SER A 1 85  ? 13.755  6.316   -3.256  1.00 33.49 ? 85  SER A CB  1 
ATOM   659  O  OG  . SER A 1 85  ? 14.679  6.317   -2.189  1.00 33.04 ? 85  SER A OG  1 
ATOM   660  N  N   . TYR A 1 86  ? 11.231  5.902   -1.380  1.00 31.56 ? 86  TYR A N   1 
ATOM   661  C  CA  . TYR A 1 86  ? 10.425  5.691   -0.181  1.00 30.79 ? 86  TYR A CA  1 
ATOM   662  C  C   . TYR A 1 86  ? 10.602  4.280   0.334   1.00 30.10 ? 86  TYR A C   1 
ATOM   663  O  O   . TYR A 1 86  ? 10.321  3.308   -0.356  1.00 29.77 ? 86  TYR A O   1 
ATOM   664  C  CB  . TYR A 1 86  ? 8.942   6.001   -0.467  1.00 30.52 ? 86  TYR A CB  1 
ATOM   665  C  CG  . TYR A 1 86  ? 8.756   7.410   -0.986  1.00 31.11 ? 86  TYR A CG  1 
ATOM   666  C  CD1 . TYR A 1 86  ? 8.930   7.704   -2.349  1.00 31.60 ? 86  TYR A CD1 1 
ATOM   667  C  CD2 . TYR A 1 86  ? 8.459   8.458   -0.117  1.00 30.85 ? 86  TYR A CD2 1 
ATOM   668  C  CE1 . TYR A 1 86  ? 8.801   9.004   -2.831  1.00 31.87 ? 86  TYR A CE1 1 
ATOM   669  C  CE2 . TYR A 1 86  ? 8.329   9.768   -0.582  1.00 31.33 ? 86  TYR A CE2 1 
ATOM   670  C  CZ  . TYR A 1 86  ? 8.500   10.038  -1.938  1.00 32.76 ? 86  TYR A CZ  1 
ATOM   671  O  OH  . TYR A 1 86  ? 8.356   11.332  -2.406  1.00 33.70 ? 86  TYR A OH  1 
ATOM   672  N  N   . ASP A 1 87  ? 11.088  4.184   1.559   1.00 29.39 ? 87  ASP A N   1 
ATOM   673  C  CA  . ASP A 1 87  ? 11.392  2.901   2.153   1.00 28.75 ? 87  ASP A CA  1 
ATOM   674  C  C   . ASP A 1 87  ? 10.960  2.958   3.606   1.00 27.92 ? 87  ASP A C   1 
ATOM   675  O  O   . ASP A 1 87  ? 11.737  3.360   4.464   1.00 27.88 ? 87  ASP A O   1 
ATOM   676  C  CB  . ASP A 1 87  ? 12.894  2.619   2.037   1.00 28.76 ? 87  ASP A CB  1 
ATOM   677  C  CG  . ASP A 1 87  ? 13.262  1.225   2.494   1.00 29.41 ? 87  ASP A CG  1 
ATOM   678  O  OD1 . ASP A 1 87  ? 12.394  0.530   3.080   1.00 29.62 ? 87  ASP A OD1 1 
ATOM   679  O  OD2 . ASP A 1 87  ? 14.424  0.827   2.264   1.00 29.17 ? 87  ASP A OD2 1 
ATOM   680  N  N   . TYR A 1 88  ? 9.716   2.553   3.864   1.00 26.96 ? 88  TYR A N   1 
ATOM   681  C  CA  . TYR A 1 88  ? 9.092   2.736   5.170   1.00 25.93 ? 88  TYR A CA  1 
ATOM   682  C  C   . TYR A 1 88  ? 8.356   1.487   5.655   1.00 25.56 ? 88  TYR A C   1 
ATOM   683  O  O   . TYR A 1 88  ? 7.563   0.892   4.931   1.00 25.48 ? 88  TYR A O   1 
ATOM   684  C  CB  . TYR A 1 88  ? 8.107   3.909   5.125   1.00 25.51 ? 88  TYR A CB  1 
ATOM   685  C  CG  . TYR A 1 88  ? 8.751   5.273   4.977   1.00 24.90 ? 88  TYR A CG  1 
ATOM   686  C  CD1 . TYR A 1 88  ? 8.848   5.888   3.724   1.00 23.90 ? 88  TYR A CD1 1 
ATOM   687  C  CD2 . TYR A 1 88  ? 9.264   5.944   6.085   1.00 24.79 ? 88  TYR A CD2 1 
ATOM   688  C  CE1 . TYR A 1 88  ? 9.442   7.148   3.576   1.00 24.66 ? 88  TYR A CE1 1 
ATOM   689  C  CE2 . TYR A 1 88  ? 9.871   7.202   5.954   1.00 26.28 ? 88  TYR A CE2 1 
ATOM   690  C  CZ  . TYR A 1 88  ? 9.947   7.801   4.694   1.00 25.81 ? 88  TYR A CZ  1 
ATOM   691  O  OH  . TYR A 1 88  ? 10.524  9.046   4.558   1.00 26.17 ? 88  TYR A OH  1 
ATOM   692  N  N   . MET A 1 89  ? 8.621   1.112   6.895   1.00 24.83 ? 89  MET A N   1 
ATOM   693  C  CA  . MET A 1 89  ? 7.830   0.116   7.592   1.00 24.28 ? 89  MET A CA  1 
ATOM   694  C  C   . MET A 1 89  ? 7.058   0.858   8.683   1.00 23.53 ? 89  MET A C   1 
ATOM   695  O  O   . MET A 1 89  ? 7.658   1.350   9.634   1.00 23.85 ? 89  MET A O   1 
ATOM   696  C  CB  . MET A 1 89  ? 8.744   -0.957  8.195   1.00 24.41 ? 89  MET A CB  1 
ATOM   697  C  CG  . MET A 1 89  ? 9.298   -1.972  7.179   1.00 24.37 ? 89  MET A CG  1 
ATOM   698  S  SD  . MET A 1 89  ? 10.497  -3.128  7.927   1.00 25.36 ? 89  MET A SD  1 
ATOM   699  C  CE  . MET A 1 89  ? 11.694  -2.021  8.662   1.00 25.47 ? 89  MET A CE  1 
ATOM   700  N  N   . LEU A 1 90  ? 5.742   0.951   8.537   1.00 22.84 ? 90  LEU A N   1 
ATOM   701  C  CA  . LEU A 1 90  ? 4.918   1.753   9.461   1.00 22.99 ? 90  LEU A CA  1 
ATOM   702  C  C   . LEU A 1 90  ? 3.968   0.926   10.335  1.00 23.29 ? 90  LEU A C   1 
ATOM   703  O  O   . LEU A 1 90  ? 3.314   -0.006  9.868   1.00 22.84 ? 90  LEU A O   1 
ATOM   704  C  CB  . LEU A 1 90  ? 4.125   2.823   8.699   1.00 22.31 ? 90  LEU A CB  1 
ATOM   705  C  CG  . LEU A 1 90  ? 4.901   3.856   7.866   1.00 21.76 ? 90  LEU A CG  1 
ATOM   706  C  CD1 . LEU A 1 90  ? 3.930   4.925   7.409   1.00 23.24 ? 90  LEU A CD1 1 
ATOM   707  C  CD2 . LEU A 1 90  ? 6.030   4.491   8.652   1.00 21.22 ? 90  LEU A CD2 1 
ATOM   708  N  N   . VAL A 1 91  ? 3.900   1.301   11.602  1.00 23.97 ? 91  VAL A N   1 
ATOM   709  C  CA  . VAL A 1 91  ? 3.014   0.681   12.578  1.00 24.40 ? 91  VAL A CA  1 
ATOM   710  C  C   . VAL A 1 91  ? 1.937   1.711   12.940  1.00 24.85 ? 91  VAL A C   1 
ATOM   711  O  O   . VAL A 1 91  ? 2.237   2.894   13.126  1.00 24.76 ? 91  VAL A O   1 
ATOM   712  C  CB  . VAL A 1 91  ? 3.831   0.268   13.827  1.00 24.78 ? 91  VAL A CB  1 
ATOM   713  C  CG1 . VAL A 1 91  ? 2.945   -0.065  15.005  1.00 23.50 ? 91  VAL A CG1 1 
ATOM   714  C  CG2 . VAL A 1 91  ? 4.791   -0.895  13.497  1.00 25.04 ? 91  VAL A CG2 1 
ATOM   715  N  N   . ASN A 1 92  ? 0.684   1.267   13.004  1.00 25.41 ? 92  ASN A N   1 
ATOM   716  C  CA  . ASN A 1 92  ? -0.461  2.161   13.267  1.00 25.80 ? 92  ASN A CA  1 
ATOM   717  C  C   . ASN A 1 92  ? -0.422  3.474   12.454  1.00 26.18 ? 92  ASN A C   1 
ATOM   718  O  O   . ASN A 1 92  ? -0.550  4.566   13.038  1.00 26.08 ? 92  ASN A O   1 
ATOM   719  C  CB  . ASN A 1 92  ? -0.588  2.464   14.772  1.00 25.17 ? 92  ASN A CB  1 
ATOM   720  C  CG  . ASN A 1 92  ? -0.681  1.208   15.613  1.00 26.01 ? 92  ASN A CG  1 
ATOM   721  O  OD1 . ASN A 1 92  ? -1.192  0.177   15.164  1.00 24.87 ? 92  ASN A OD1 1 
ATOM   722  N  ND2 . ASN A 1 92  ? -0.184  1.285   16.840  1.00 26.01 ? 92  ASN A ND2 1 
ATOM   723  N  N   . PRO A 1 93  ? -0.234  3.376   11.115  1.00 26.27 ? 93  PRO A N   1 
ATOM   724  C  CA  . PRO A 1 93  ? -0.208  4.616   10.338  1.00 26.56 ? 93  PRO A CA  1 
ATOM   725  C  C   . PRO A 1 93  ? -1.600  5.225   10.322  1.00 27.11 ? 93  PRO A C   1 
ATOM   726  O  O   . PRO A 1 93  ? -2.597  4.487   10.314  1.00 26.45 ? 93  PRO A O   1 
ATOM   727  C  CB  . PRO A 1 93  ? 0.185   4.146   8.927   1.00 26.26 ? 93  PRO A CB  1 
ATOM   728  C  CG  . PRO A 1 93  ? -0.360  2.758   8.844   1.00 25.35 ? 93  PRO A CG  1 
ATOM   729  C  CD  . PRO A 1 93  ? -0.175  2.186   10.236  1.00 26.25 ? 93  PRO A CD  1 
ATOM   730  N  N   . LYS A 1 94  ? -1.660  6.556   10.326  1.00 27.85 ? 94  LYS A N   1 
ATOM   731  C  CA  . LYS A 1 94  ? -2.935  7.263   10.329  1.00 28.33 ? 94  LYS A CA  1 
ATOM   732  C  C   . LYS A 1 94  ? -2.829  8.537   9.487   1.00 28.02 ? 94  LYS A C   1 
ATOM   733  O  O   . LYS A 1 94  ? -1.906  9.332   9.666   1.00 27.65 ? 94  LYS A O   1 
ATOM   734  C  CB  . LYS A 1 94  ? -3.325  7.586   11.770  1.00 28.77 ? 94  LYS A CB  1 
ATOM   735  C  CG  . LYS A 1 94  ? -4.648  8.324   11.943  1.00 32.95 ? 94  LYS A CG  1 
ATOM   736  C  CD  . LYS A 1 94  ? -5.174  8.154   13.380  1.00 38.47 ? 94  LYS A CD  1 
ATOM   737  C  CE  . LYS A 1 94  ? -6.470  8.933   13.606  1.00 42.49 ? 94  LYS A CE  1 
ATOM   738  N  NZ  . LYS A 1 94  ? -7.236  9.177   12.335  1.00 45.51 ? 94  LYS A NZ  1 
ATOM   739  N  N   . ILE A 1 95  ? -3.770  8.728   8.561   1.00 27.64 ? 95  ILE A N   1 
ATOM   740  C  CA  . ILE A 1 95  ? -3.813  9.988   7.830   1.00 26.87 ? 95  ILE A CA  1 
ATOM   741  C  C   . ILE A 1 95  ? -4.435  11.054  8.727   1.00 26.79 ? 95  ILE A C   1 
ATOM   742  O  O   . ILE A 1 95  ? -5.602  10.967  9.101   1.00 26.88 ? 95  ILE A O   1 
ATOM   743  C  CB  . ILE A 1 95  ? -4.528  9.861   6.462   1.00 26.62 ? 95  ILE A CB  1 
ATOM   744  C  CG1 . ILE A 1 95  ? -3.724  8.903   5.548   1.00 25.80 ? 95  ILE A CG1 1 
ATOM   745  C  CG2 . ILE A 1 95  ? -4.714  11.262  5.798   1.00 24.38 ? 95  ILE A CG2 1 
ATOM   746  C  CD1 . ILE A 1 95  ? -4.483  8.431   4.293   1.00 23.77 ? 95  ILE A CD1 1 
ATOM   747  N  N   . VAL A 1 96  ? -3.639  12.049  9.084   1.00 26.99 ? 96  VAL A N   1 
ATOM   748  C  CA  . VAL A 1 96  ? -4.099  13.062  10.041  1.00 27.24 ? 96  VAL A CA  1 
ATOM   749  C  C   . VAL A 1 96  ? -4.628  14.320  9.334   1.00 27.10 ? 96  VAL A C   1 
ATOM   750  O  O   . VAL A 1 96  ? -5.532  14.994  9.840   1.00 27.49 ? 96  VAL A O   1 
ATOM   751  C  CB  . VAL A 1 96  ? -3.032  13.390  11.099  1.00 27.07 ? 96  VAL A CB  1 
ATOM   752  C  CG1 . VAL A 1 96  ? -2.764  12.158  11.976  1.00 26.13 ? 96  VAL A CG1 1 
ATOM   753  C  CG2 . VAL A 1 96  ? -1.753  13.886  10.454  1.00 27.25 ? 96  VAL A CG2 1 
ATOM   754  N  N   . SER A 1 97  ? -4.065  14.618  8.165   1.00 26.67 ? 97  SER A N   1 
ATOM   755  C  CA  . SER A 1 97  ? -4.616  15.635  7.277   1.00 26.12 ? 97  SER A CA  1 
ATOM   756  C  C   . SER A 1 97  ? -4.344  15.295  5.816   1.00 26.05 ? 97  SER A C   1 
ATOM   757  O  O   . SER A 1 97  ? -3.575  14.370  5.512   1.00 25.12 ? 97  SER A O   1 
ATOM   758  C  CB  . SER A 1 97  ? -4.074  17.017  7.609   1.00 25.64 ? 97  SER A CB  1 
ATOM   759  O  OG  . SER A 1 97  ? -2.675  17.016  7.551   1.00 26.96 ? 97  SER A OG  1 
ATOM   760  N  N   . HIS A 1 98  ? -4.995  16.038  4.919   1.00 25.37 ? 98  HIS A N   1 
ATOM   761  C  CA  . HIS A 1 98  ? -4.837  15.817  3.489   1.00 25.61 ? 98  HIS A CA  1 
ATOM   762  C  C   . HIS A 1 98  ? -5.373  16.980  2.654   1.00 25.41 ? 98  HIS A C   1 
ATOM   763  O  O   . HIS A 1 98  ? -6.127  17.815  3.148   1.00 25.29 ? 98  HIS A O   1 
ATOM   764  C  CB  . HIS A 1 98  ? -5.517  14.511  3.070   1.00 24.98 ? 98  HIS A CB  1 
ATOM   765  C  CG  . HIS A 1 98  ? -6.983  14.487  3.342   1.00 24.91 ? 98  HIS A CG  1 
ATOM   766  N  ND1 . HIS A 1 98  ? -7.906  15.039  2.483   1.00 26.66 ? 98  HIS A ND1 1 
ATOM   767  C  CD2 . HIS A 1 98  ? -7.690  13.970  4.375   1.00 25.52 ? 98  HIS A CD2 1 
ATOM   768  C  CE1 . HIS A 1 98  ? -9.121  14.874  2.980   1.00 27.00 ? 98  HIS A CE1 1 
ATOM   769  N  NE2 . HIS A 1 98  ? -9.016  14.222  4.124   1.00 26.43 ? 98  HIS A NE2 1 
ATOM   770  N  N   . SER A 1 99  ? -4.994  17.008  1.382   1.00 24.96 ? 99  SER A N   1 
ATOM   771  C  CA  . SER A 1 99  ? -5.501  18.001  0.446   1.00 25.03 ? 99  SER A CA  1 
ATOM   772  C  C   . SER A 1 99  ? -6.965  17.734  0.131   1.00 25.19 ? 99  SER A C   1 
ATOM   773  O  O   . SER A 1 99  ? -7.430  16.586  0.244   1.00 25.05 ? 99  SER A O   1 
ATOM   774  C  CB  . SER A 1 99  ? -4.677  17.966  -0.849  1.00 24.99 ? 99  SER A CB  1 
ATOM   775  O  OG  . SER A 1 99  ? -4.824  16.705  -1.496  1.00 24.91 ? 99  SER A OG  1 
ATOM   776  N  N   . VAL A 1 100 ? -7.692  18.782  -0.245  1.00 25.12 ? 100 VAL A N   1 
ATOM   777  C  CA  . VAL A 1 100 ? -8.992  18.606  -0.897  1.00 25.94 ? 100 VAL A CA  1 
ATOM   778  C  C   . VAL A 1 100 ? -8.767  18.099  -2.336  1.00 27.12 ? 100 VAL A C   1 
ATOM   779  O  O   . VAL A 1 100 ? -9.483  17.218  -2.827  1.00 27.84 ? 100 VAL A O   1 
ATOM   780  C  CB  . VAL A 1 100 ? -9.805  19.928  -0.904  1.00 26.17 ? 100 VAL A CB  1 
ATOM   781  C  CG1 . VAL A 1 100 ? -10.995 19.864  -1.901  1.00 24.11 ? 100 VAL A CG1 1 
ATOM   782  C  CG2 . VAL A 1 100 ? -10.269 20.264  0.519   1.00 25.00 ? 100 VAL A CG2 1 
ATOM   783  N  N   . GLN A 1 101 ? -7.762  18.649  -3.006  1.00 28.15 ? 101 GLN A N   1 
ATOM   784  C  CA  . GLN A 1 101 ? -7.436  18.228  -4.365  1.00 29.54 ? 101 GLN A CA  1 
ATOM   785  C  C   . GLN A 1 101 ? -7.095  16.741  -4.437  1.00 29.72 ? 101 GLN A C   1 
ATOM   786  O  O   . GLN A 1 101 ? -6.355  16.216  -3.591  1.00 29.54 ? 101 GLN A O   1 
ATOM   787  C  CB  . GLN A 1 101 ? -6.290  19.044  -4.956  1.00 29.40 ? 101 GLN A CB  1 
ATOM   788  C  CG  . GLN A 1 101 ? -6.202  18.859  -6.466  1.00 32.02 ? 101 GLN A CG  1 
ATOM   789  C  CD  . GLN A 1 101 ? -5.131  19.700  -7.098  1.00 34.09 ? 101 GLN A CD  1 
ATOM   790  O  OE1 . GLN A 1 101 ? -4.016  19.793  -6.582  1.00 35.41 ? 101 GLN A OE1 1 
ATOM   791  N  NE2 . GLN A 1 101 ? -5.451  20.307  -8.233  1.00 33.53 ? 101 GLN A NE2 1 
ATOM   792  N  N   . GLU A 1 102 ? -7.631  16.099  -5.473  1.00 29.67 ? 102 GLU A N   1 
ATOM   793  C  CA  . GLU A 1 102 ? -7.498  14.670  -5.689  1.00 29.66 ? 102 GLU A CA  1 
ATOM   794  C  C   . GLU A 1 102 ? -6.442  14.351  -6.735  1.00 29.64 ? 102 GLU A C   1 
ATOM   795  O  O   . GLU A 1 102 ? -5.985  15.232  -7.460  1.00 29.92 ? 102 GLU A O   1 
ATOM   796  C  CB  . GLU A 1 102 ? -8.848  14.079  -6.095  1.00 29.95 ? 102 GLU A CB  1 
ATOM   797  C  CG  . GLU A 1 102 ? -9.929  14.223  -5.024  1.00 30.70 ? 102 GLU A CG  1 
ATOM   798  C  CD  . GLU A 1 102 ? -11.191 13.452  -5.355  1.00 34.77 ? 102 GLU A CD  1 
ATOM   799  O  OE1 . GLU A 1 102 ? -11.871 13.818  -6.341  1.00 35.32 ? 102 GLU A OE1 1 
ATOM   800  O  OE2 . GLU A 1 102 ? -11.507 12.480  -4.627  1.00 36.78 ? 102 GLU A OE2 1 
ATOM   801  N  N   . ALA A 1 103 ? -6.026  13.091  -6.777  1.00 29.33 ? 103 ALA A N   1 
ATOM   802  C  CA  . ALA A 1 103 ? -5.092  12.598  -7.787  1.00 28.71 ? 103 ALA A CA  1 
ATOM   803  C  C   . ALA A 1 103 ? -5.452  11.167  -8.162  1.00 28.57 ? 103 ALA A C   1 
ATOM   804  O  O   . ALA A 1 103 ? -6.159  10.484  -7.417  1.00 28.27 ? 103 ALA A O   1 
ATOM   805  C  CB  . ALA A 1 103 ? -3.654  12.676  -7.283  1.00 28.95 ? 103 ALA A CB  1 
ATOM   806  N  N   . TYR A 1 104 ? -4.969  10.718  -9.318  1.00 28.25 ? 104 TYR A N   1 
ATOM   807  C  CA  . TYR A 1 104 ? -5.232  9.367   -9.785  1.00 28.60 ? 104 TYR A CA  1 
ATOM   808  C  C   . TYR A 1 104 ? -4.121  8.906   -10.731 1.00 28.78 ? 104 TYR A C   1 
ATOM   809  O  O   . TYR A 1 104 ? -3.554  9.713   -11.472 1.00 29.11 ? 104 TYR A O   1 
ATOM   810  C  CB  . TYR A 1 104 ? -6.584  9.308   -10.503 1.00 28.14 ? 104 TYR A CB  1 
ATOM   811  C  CG  . TYR A 1 104 ? -6.617  10.160  -11.752 1.00 30.37 ? 104 TYR A CG  1 
ATOM   812  C  CD1 . TYR A 1 104 ? -6.282  9.625   -13.000 1.00 30.71 ? 104 TYR A CD1 1 
ATOM   813  C  CD2 . TYR A 1 104 ? -6.964  11.516  -11.682 1.00 31.29 ? 104 TYR A CD2 1 
ATOM   814  C  CE1 . TYR A 1 104 ? -6.304  10.419  -14.159 1.00 32.60 ? 104 TYR A CE1 1 
ATOM   815  C  CE2 . TYR A 1 104 ? -6.988  12.314  -12.819 1.00 32.87 ? 104 TYR A CE2 1 
ATOM   816  C  CZ  . TYR A 1 104 ? -6.660  11.764  -14.053 1.00 33.57 ? 104 TYR A CZ  1 
ATOM   817  O  OH  . TYR A 1 104 ? -6.679  12.569  -15.169 1.00 34.18 ? 104 TYR A OH  1 
ATOM   818  N  N   . LEU A 1 105 ? -3.805  7.615   -10.691 1.00 28.64 ? 105 LEU A N   1 
ATOM   819  C  CA  . LEU A 1 105 ? -2.991  6.995   -11.735 1.00 29.15 ? 105 LEU A CA  1 
ATOM   820  C  C   . LEU A 1 105 ? -3.894  6.793   -12.961 1.00 29.52 ? 105 LEU A C   1 
ATOM   821  O  O   . LEU A 1 105 ? -5.024  6.311   -12.814 1.00 28.96 ? 105 LEU A O   1 
ATOM   822  C  CB  . LEU A 1 105 ? -2.397  5.668   -11.263 1.00 28.52 ? 105 LEU A CB  1 
ATOM   823  C  CG  . LEU A 1 105 ? -1.562  5.685   -9.981  1.00 28.93 ? 105 LEU A CG  1 
ATOM   824  C  CD1 . LEU A 1 105 ? -1.025  4.295   -9.718  1.00 28.92 ? 105 LEU A CD1 1 
ATOM   825  C  CD2 . LEU A 1 105 ? -0.412  6.721   -10.025 1.00 27.45 ? 105 LEU A CD2 1 
ATOM   826  N  N   . PRO A 1 106 ? -3.410  7.188   -14.164 1.00 30.36 ? 106 PRO A N   1 
ATOM   827  C  CA  . PRO A 1 106 ? -4.276  7.208   -15.353 1.00 31.12 ? 106 PRO A CA  1 
ATOM   828  C  C   . PRO A 1 106 ? -4.647  5.791   -15.806 1.00 32.02 ? 106 PRO A C   1 
ATOM   829  O  O   . PRO A 1 106 ? -5.632  5.614   -16.515 1.00 32.14 ? 106 PRO A O   1 
ATOM   830  C  CB  . PRO A 1 106 ? -3.418  7.920   -16.404 1.00 31.17 ? 106 PRO A CB  1 
ATOM   831  C  CG  . PRO A 1 106 ? -1.996  7.628   -16.006 1.00 30.43 ? 106 PRO A CG  1 
ATOM   832  C  CD  . PRO A 1 106 ? -1.983  7.355   -14.515 1.00 30.81 ? 106 PRO A CD  1 
ATOM   833  N  N   . THR A 1 107 ? -3.876  4.800   -15.354 1.00 32.53 ? 107 THR A N   1 
ATOM   834  C  CA  . THR A 1 107 ? -4.114  3.385   -15.651 1.00 34.07 ? 107 THR A CA  1 
ATOM   835  C  C   . THR A 1 107 ? -5.011  2.691   -14.625 1.00 33.76 ? 107 THR A C   1 
ATOM   836  O  O   . THR A 1 107 ? -5.411  1.525   -14.808 1.00 34.23 ? 107 THR A O   1 
ATOM   837  C  CB  . THR A 1 107 ? -2.779  2.639   -15.705 1.00 34.51 ? 107 THR A CB  1 
ATOM   838  O  OG1 . THR A 1 107 ? -1.911  3.162   -14.669 1.00 37.81 ? 107 THR A OG1 1 
ATOM   839  C  CG2 . THR A 1 107 ? -2.127  2.871   -17.066 1.00 35.31 ? 107 THR A CG2 1 
ATOM   840  N  N   . GLY A 1 108 ? -5.357  3.415   -13.564 1.00 32.66 ? 108 GLY A N   1 
ATOM   841  C  CA  . GLY A 1 108 ? -6.025  2.804   -12.430 1.00 31.58 ? 108 GLY A CA  1 
ATOM   842  C  C   . GLY A 1 108 ? -4.985  2.174   -11.533 1.00 30.85 ? 108 GLY A C   1 
ATOM   843  O  O   . GLY A 1 108 ? -3.806  2.524   -11.582 1.00 30.60 ? 108 GLY A O   1 
ATOM   844  N  N   . GLU A 1 109 ? -5.404  1.235   -10.706 1.00 30.72 ? 109 GLU A N   1 
ATOM   845  C  CA  . GLU A 1 109 ? -4.455  0.615   -9.792  1.00 30.92 ? 109 GLU A CA  1 
ATOM   846  C  C   . GLU A 1 109 ? -4.510  -0.897  -9.921  1.00 31.31 ? 109 GLU A C   1 
ATOM   847  O  O   . GLU A 1 109 ? -5.408  -1.435  -10.564 1.00 31.80 ? 109 GLU A O   1 
ATOM   848  C  CB  . GLU A 1 109 ? -4.729  1.059   -8.353  1.00 30.88 ? 109 GLU A CB  1 
ATOM   849  C  CG  . GLU A 1 109 ? -4.502  2.573   -8.097  1.00 29.85 ? 109 GLU A CG  1 
ATOM   850  C  CD  . GLU A 1 109 ? -4.799  2.973   -6.653  1.00 29.48 ? 109 GLU A CD  1 
ATOM   851  O  OE1 . GLU A 1 109 ? -5.026  2.060   -5.824  1.00 28.60 ? 109 GLU A OE1 1 
ATOM   852  O  OE2 . GLU A 1 109 ? -4.829  4.189   -6.349  1.00 26.67 ? 109 GLU A OE2 1 
ATOM   853  N  N   . GLY A 1 110 ? -3.531  -1.574  -9.334  1.00 31.71 ? 110 GLY A N   1 
ATOM   854  C  CA  . GLY A 1 110 ? -3.537  -3.023  -9.242  1.00 31.80 ? 110 GLY A CA  1 
ATOM   855  C  C   . GLY A 1 110 ? -3.291  -3.444  -7.810  1.00 32.18 ? 110 GLY A C   1 
ATOM   856  O  O   . GLY A 1 110 ? -3.021  -2.601  -6.953  1.00 32.19 ? 110 GLY A O   1 
HETATM 857  N  N   . CSD A 1 111 ? -3.373  -4.747  -7.552  1.00 32.22 ? 111 CSD A N   1 
HETATM 858  C  CA  . CSD A 1 111 ? -3.285  -5.280  -6.194  1.00 32.58 ? 111 CSD A CA  1 
HETATM 859  C  CB  . CSD A 1 111 ? -4.675  -5.215  -5.548  1.00 32.57 ? 111 CSD A CB  1 
HETATM 860  S  SG  . CSD A 1 111 ? -4.672  -5.327  -3.829  1.00 31.71 ? 111 CSD A SG  1 
HETATM 861  C  C   . CSD A 1 111 ? -2.772  -6.703  -6.181  1.00 33.02 ? 111 CSD A C   1 
HETATM 862  O  O   . CSD A 1 111 ? -3.260  -7.555  -6.929  1.00 32.62 ? 111 CSD A O   1 
HETATM 863  O  OD1 . CSD A 1 111 ? -6.116  -5.309  -3.530  1.00 36.53 ? 111 CSD A OD1 1 
HETATM 864  O  OD2 . CSD A 1 111 ? -3.981  -6.701  -3.227  1.00 35.69 ? 111 CSD A OD2 1 
ATOM   865  N  N   . LEU A 1 112 ? -1.789  -6.958  -5.314  1.00 33.78 ? 112 LEU A N   1 
ATOM   866  C  CA  . LEU A 1 112 ? -1.183  -8.284  -5.123  1.00 34.71 ? 112 LEU A CA  1 
ATOM   867  C  C   . LEU A 1 112 ? -2.224  -9.362  -4.810  1.00 35.49 ? 112 LEU A C   1 
ATOM   868  O  O   . LEU A 1 112 ? -2.065  -10.522 -5.197  1.00 35.79 ? 112 LEU A O   1 
ATOM   869  C  CB  . LEU A 1 112 ? -0.131  -8.241  -3.995  1.00 34.38 ? 112 LEU A CB  1 
ATOM   870  C  CG  . LEU A 1 112 ? 1.221   -7.567  -4.257  1.00 33.94 ? 112 LEU A CG  1 
ATOM   871  C  CD1 . LEU A 1 112 ? 1.929   -7.233  -2.971  1.00 33.01 ? 112 LEU A CD1 1 
ATOM   872  C  CD2 . LEU A 1 112 ? 2.118   -8.413  -5.147  1.00 33.88 ? 112 LEU A CD2 1 
ATOM   873  N  N   . SER A 1 113 ? -3.285  -8.975  -4.114  1.00 36.27 ? 113 SER A N   1 
ATOM   874  C  CA  . SER A 1 113 ? -4.327  -9.921  -3.714  1.00 37.70 ? 113 SER A CA  1 
ATOM   875  C  C   . SER A 1 113 ? -5.395  -10.136 -4.799  1.00 39.11 ? 113 SER A C   1 
ATOM   876  O  O   . SER A 1 113 ? -6.270  -10.998 -4.645  1.00 39.74 ? 113 SER A O   1 
ATOM   877  C  CB  . SER A 1 113 ? -4.982  -9.469  -2.404  1.00 37.17 ? 113 SER A CB  1 
ATOM   878  O  OG  . SER A 1 113 ? -4.049  -9.496  -1.333  1.00 35.90 ? 113 SER A OG  1 
ATOM   879  N  N   . VAL A 1 114 ? -5.314  -9.361  -5.885  1.00 40.22 ? 114 VAL A N   1 
ATOM   880  C  CA  . VAL A 1 114 ? -6.309  -9.403  -6.964  1.00 41.24 ? 114 VAL A CA  1 
ATOM   881  C  C   . VAL A 1 114 ? -5.675  -9.908  -8.267  1.00 42.43 ? 114 VAL A C   1 
ATOM   882  O  O   . VAL A 1 114 ? -4.768  -9.277  -8.821  1.00 42.40 ? 114 VAL A O   1 
ATOM   883  C  CB  . VAL A 1 114 ? -6.977  -8.003  -7.197  1.00 41.27 ? 114 VAL A CB  1 
ATOM   884  C  CG1 . VAL A 1 114 ? -8.037  -8.074  -8.296  1.00 40.37 ? 114 VAL A CG1 1 
ATOM   885  C  CG2 . VAL A 1 114 ? -7.594  -7.467  -5.906  1.00 40.18 ? 114 VAL A CG2 1 
ATOM   886  N  N   . ASP A 1 115 ? -6.169  -11.043 -8.757  1.00 43.92 ? 115 ASP A N   1 
ATOM   887  C  CA  . ASP A 1 115 ? -5.599  -11.675 -9.957  1.00 45.58 ? 115 ASP A CA  1 
ATOM   888  C  C   . ASP A 1 115 ? -5.931  -10.996 -11.283 1.00 45.57 ? 115 ASP A C   1 
ATOM   889  O  O   . ASP A 1 115 ? -5.054  -10.833 -12.131 1.00 45.67 ? 115 ASP A O   1 
ATOM   890  C  CB  . ASP A 1 115 ? -5.957  -13.160 -10.023 1.00 46.26 ? 115 ASP A CB  1 
ATOM   891  C  CG  . ASP A 1 115 ? -4.947  -14.024 -9.304  1.00 48.64 ? 115 ASP A CG  1 
ATOM   892  O  OD1 . ASP A 1 115 ? -4.927  -13.998 -8.049  1.00 51.95 ? 115 ASP A OD1 1 
ATOM   893  O  OD2 . ASP A 1 115 ? -4.167  -14.720 -9.993  1.00 51.85 ? 115 ASP A OD2 1 
ATOM   894  N  N   . ASP A 1 116 ? -7.190  -10.606 -11.464 1.00 45.89 ? 116 ASP A N   1 
ATOM   895  C  CA  . ASP A 1 116 ? -7.604  -9.967  -12.713 1.00 46.06 ? 116 ASP A CA  1 
ATOM   896  C  C   . ASP A 1 116 ? -7.556  -8.460  -12.553 1.00 45.96 ? 116 ASP A C   1 
ATOM   897  O  O   . ASP A 1 116 ? -8.086  -7.915  -11.570 1.00 46.20 ? 116 ASP A O   1 
ATOM   898  C  CB  . ASP A 1 116 ? -9.019  -10.394 -13.122 1.00 46.33 ? 116 ASP A CB  1 
ATOM   899  C  CG  . ASP A 1 116 ? -9.236  -11.906 -13.025 1.00 48.39 ? 116 ASP A CG  1 
ATOM   900  O  OD1 . ASP A 1 116 ? -8.347  -12.675 -13.466 1.00 49.02 ? 116 ASP A OD1 1 
ATOM   901  O  OD2 . ASP A 1 116 ? -10.303 -12.323 -12.502 1.00 50.40 ? 116 ASP A OD2 1 
ATOM   902  N  N   . ASN A 1 117 ? -6.916  -7.792  -13.515 1.00 44.90 ? 117 ASN A N   1 
ATOM   903  C  CA  . ASN A 1 117 ? -6.950  -6.340  -13.601 1.00 43.92 ? 117 ASN A CA  1 
ATOM   904  C  C   . ASN A 1 117 ? -8.368  -5.798  -13.604 1.00 43.46 ? 117 ASN A C   1 
ATOM   905  O  O   . ASN A 1 117 ? -9.279  -6.423  -14.172 1.00 43.72 ? 117 ASN A O   1 
ATOM   906  C  CB  . ASN A 1 117 ? -6.199  -5.846  -14.830 1.00 43.93 ? 117 ASN A CB  1 
ATOM   907  C  CG  . ASN A 1 117 ? -4.706  -5.770  -14.597 1.00 43.86 ? 117 ASN A CG  1 
ATOM   908  O  OD1 . ASN A 1 117 ? -3.919  -6.281  -15.387 1.00 43.32 ? 117 ASN A OD1 1 
ATOM   909  N  ND2 . ASN A 1 117 ? -4.307  -5.134  -13.497 1.00 44.08 ? 117 ASN A ND2 1 
ATOM   910  N  N   . VAL A 1 118 ? -8.549  -4.664  -12.923 1.00 42.12 ? 118 VAL A N   1 
ATOM   911  C  CA  . VAL A 1 118 ? -9.821  -3.955  -12.883 1.00 41.26 ? 118 VAL A CA  1 
ATOM   912  C  C   . VAL A 1 118 ? -9.588  -2.564  -13.456 1.00 40.70 ? 118 VAL A C   1 
ATOM   913  O  O   . VAL A 1 118 ? -8.774  -1.786  -12.924 1.00 40.57 ? 118 VAL A O   1 
ATOM   914  C  CB  . VAL A 1 118 ? -10.387 -3.815  -11.444 1.00 41.35 ? 118 VAL A CB  1 
ATOM   915  C  CG1 . VAL A 1 118 ? -11.773 -3.181  -11.482 1.00 42.03 ? 118 VAL A CG1 1 
ATOM   916  C  CG2 . VAL A 1 118 ? -10.446 -5.176  -10.733 1.00 41.69 ? 118 VAL A CG2 1 
ATOM   917  N  N   . ALA A 1 119 ? -10.293 -2.257  -14.543 1.00 39.38 ? 119 ALA A N   1 
ATOM   918  C  CA  . ALA A 1 119 ? -10.185 -0.950  -15.173 1.00 38.29 ? 119 ALA A CA  1 
ATOM   919  C  C   . ALA A 1 119 ? -10.977 0.078   -14.361 1.00 37.05 ? 119 ALA A C   1 
ATOM   920  O  O   . ALA A 1 119 ? -11.997 -0.255  -13.759 1.00 37.19 ? 119 ALA A O   1 
ATOM   921  C  CB  . ALA A 1 119 ? -10.683 -1.007  -16.614 1.00 38.57 ? 119 ALA A CB  1 
ATOM   922  N  N   . GLY A 1 120 ? -10.489 1.312   -14.329 1.00 35.23 ? 120 GLY A N   1 
ATOM   923  C  CA  . GLY A 1 120 ? -11.151 2.364   -13.572 1.00 33.67 ? 120 GLY A CA  1 
ATOM   924  C  C   . GLY A 1 120 ? -10.190 3.247   -12.786 1.00 32.49 ? 120 GLY A C   1 
ATOM   925  O  O   . GLY A 1 120 ? -9.185  2.782   -12.247 1.00 31.68 ? 120 GLY A O   1 
ATOM   926  N  N   . LEU A 1 121 ? -10.508 4.534   -12.739 1.00 31.30 ? 121 LEU A N   1 
ATOM   927  C  CA  . LEU A 1 121 ? -9.714  5.495   -11.999 1.00 29.99 ? 121 LEU A CA  1 
ATOM   928  C  C   . LEU A 1 121 ? -10.033 5.410   -10.501 1.00 29.06 ? 121 LEU A C   1 
ATOM   929  O  O   . LEU A 1 121 ? -11.196 5.264   -10.103 1.00 28.84 ? 121 LEU A O   1 
ATOM   930  C  CB  . LEU A 1 121 ? -9.925  6.912   -12.552 1.00 29.64 ? 121 LEU A CB  1 
ATOM   931  C  CG  . LEU A 1 121 ? -9.587  7.135   -14.039 1.00 30.10 ? 121 LEU A CG  1 
ATOM   932  C  CD1 . LEU A 1 121 ? -9.904  8.569   -14.472 1.00 29.58 ? 121 LEU A CD1 1 
ATOM   933  C  CD2 . LEU A 1 121 ? -8.144  6.779   -14.390 1.00 29.68 ? 121 LEU A CD2 1 
ATOM   934  N  N   . VAL A 1 122 ? -8.983  5.473   -9.683  1.00 28.20 ? 122 VAL A N   1 
ATOM   935  C  CA  . VAL A 1 122 ? -9.115  5.485   -8.222  1.00 27.49 ? 122 VAL A CA  1 
ATOM   936  C  C   . VAL A 1 122 ? -8.674  6.875   -7.725  1.00 27.04 ? 122 VAL A C   1 
ATOM   937  O  O   . VAL A 1 122 ? -7.480  7.197   -7.683  1.00 26.66 ? 122 VAL A O   1 
ATOM   938  C  CB  . VAL A 1 122 ? -8.316  4.325   -7.560  1.00 27.33 ? 122 VAL A CB  1 
ATOM   939  C  CG1 . VAL A 1 122 ? -8.495  4.302   -6.042  1.00 26.86 ? 122 VAL A CG1 1 
ATOM   940  C  CG2 . VAL A 1 122 ? -8.724  2.970   -8.176  1.00 26.90 ? 122 VAL A CG2 1 
ATOM   941  N  N   . HIS A 1 123 ? -9.656  7.707   -7.387  1.00 26.36 ? 123 HIS A N   1 
ATOM   942  C  CA  . HIS A 1 123 ? -9.363  9.050   -6.870  1.00 26.45 ? 123 HIS A CA  1 
ATOM   943  C  C   . HIS A 1 123 ? -8.909  8.999   -5.426  1.00 25.81 ? 123 HIS A C   1 
ATOM   944  O  O   . HIS A 1 123 ? -9.516  8.354   -4.591  1.00 26.59 ? 123 HIS A O   1 
ATOM   945  C  CB  . HIS A 1 123 ? -10.552 9.994   -7.055  1.00 26.01 ? 123 HIS A CB  1 
ATOM   946  C  CG  . HIS A 1 123 ? -10.848 10.281  -8.494  1.00 27.83 ? 123 HIS A CG  1 
ATOM   947  N  ND1 . HIS A 1 123 ? -11.730 9.525   -9.238  1.00 28.30 ? 123 HIS A ND1 1 
ATOM   948  C  CD2 . HIS A 1 123 ? -10.336 11.205  -9.342  1.00 28.79 ? 123 HIS A CD2 1 
ATOM   949  C  CE1 . HIS A 1 123 ? -11.771 9.991   -10.476 1.00 29.96 ? 123 HIS A CE1 1 
ATOM   950  N  NE2 . HIS A 1 123 ? -10.930 11.008  -10.566 1.00 29.99 ? 123 HIS A NE2 1 
ATOM   951  N  N   . ARG A 1 124 ? -7.811  9.664   -5.150  1.00 25.51 ? 124 ARG A N   1 
ATOM   952  C  CA  . ARG A 1 124 ? -7.233  9.673   -3.822  1.00 25.62 ? 124 ARG A CA  1 
ATOM   953  C  C   . ARG A 1 124 ? -6.840  11.130  -3.583  1.00 25.45 ? 124 ARG A C   1 
ATOM   954  O  O   . ARG A 1 124 ? -6.959  11.940  -4.514  1.00 25.11 ? 124 ARG A O   1 
ATOM   955  C  CB  . ARG A 1 124 ? -6.014  8.742   -3.791  1.00 25.71 ? 124 ARG A CB  1 
ATOM   956  C  CG  . ARG A 1 124 ? -6.371  7.273   -4.103  1.00 26.82 ? 124 ARG A CG  1 
ATOM   957  C  CD  . ARG A 1 124 ? -5.400  6.322   -3.497  1.00 27.32 ? 124 ARG A CD  1 
ATOM   958  N  NE  . ARG A 1 124 ? -5.664  4.922   -3.837  1.00 28.01 ? 124 ARG A NE  1 
ATOM   959  C  CZ  . ARG A 1 124 ? -6.403  4.084   -3.108  1.00 28.12 ? 124 ARG A CZ  1 
ATOM   960  N  NH1 . ARG A 1 124 ? -6.547  2.820   -3.501  1.00 25.99 ? 124 ARG A NH1 1 
ATOM   961  N  NH2 . ARG A 1 124 ? -7.008  4.498   -1.994  1.00 26.98 ? 124 ARG A NH2 1 
ATOM   962  N  N   . HIS A 1 125 ? -6.393  11.463  -2.364  1.00 24.69 ? 125 HIS A N   1 
ATOM   963  C  CA  . HIS A 1 125 ? -5.911  12.814  -2.051  1.00 24.18 ? 125 HIS A CA  1 
ATOM   964  C  C   . HIS A 1 125 ? -4.518  12.965  -2.639  1.00 24.42 ? 125 HIS A C   1 
ATOM   965  O  O   . HIS A 1 125 ? -3.690  12.044  -2.543  1.00 24.66 ? 125 HIS A O   1 
ATOM   966  C  CB  . HIS A 1 125 ? -5.893  13.076  -0.538  1.00 23.71 ? 125 HIS A CB  1 
ATOM   967  C  CG  . HIS A 1 125 ? -7.153  12.660  0.157   1.00 23.66 ? 125 HIS A CG  1 
ATOM   968  N  ND1 . HIS A 1 125 ? -8.372  13.236  -0.114  1.00 22.52 ? 125 HIS A ND1 1 
ATOM   969  C  CD2 . HIS A 1 125 ? -7.385  11.714  1.099   1.00 24.13 ? 125 HIS A CD2 1 
ATOM   970  C  CE1 . HIS A 1 125 ? -9.307  12.664  0.624   1.00 24.19 ? 125 HIS A CE1 1 
ATOM   971  N  NE2 . HIS A 1 125 ? -8.734  11.734  1.367   1.00 26.60 ? 125 HIS A NE2 1 
ATOM   972  N  N   . ASN A 1 126 ? -4.267  14.116  -3.255  1.00 24.00 ? 126 ASN A N   1 
ATOM   973  C  CA  . ASN A 1 126 ? -2.994  14.387  -3.877  1.00 24.26 ? 126 ASN A CA  1 
ATOM   974  C  C   . ASN A 1 126 ? -1.891  14.547  -2.854  1.00 24.32 ? 126 ASN A C   1 
ATOM   975  O  O   . ASN A 1 126 ? -0.771  14.108  -3.079  1.00 23.89 ? 126 ASN A O   1 
ATOM   976  C  CB  . ASN A 1 126 ? -3.065  15.630  -4.775  1.00 24.36 ? 126 ASN A CB  1 
ATOM   977  C  CG  . ASN A 1 126 ? -1.795  15.814  -5.614  1.00 24.88 ? 126 ASN A CG  1 
ATOM   978  O  OD1 . ASN A 1 126 ? -1.220  14.845  -6.128  1.00 25.13 ? 126 ASN A OD1 1 
ATOM   979  N  ND2 . ASN A 1 126 ? -1.356  17.055  -5.751  1.00 23.06 ? 126 ASN A ND2 1 
ATOM   980  N  N   . ARG A 1 127 ? -2.219  15.190  -1.734  1.00 25.50 ? 127 ARG A N   1 
ATOM   981  C  CA  . ARG A 1 127 ? -1.277  15.371  -0.619  1.00 25.96 ? 127 ARG A CA  1 
ATOM   982  C  C   . ARG A 1 127 ? -1.877  14.803  0.667   1.00 25.48 ? 127 ARG A C   1 
ATOM   983  O  O   . ARG A 1 127 ? -3.072  14.942  0.914   1.00 25.55 ? 127 ARG A O   1 
ATOM   984  C  CB  . ARG A 1 127 ? -0.946  16.850  -0.409  1.00 26.38 ? 127 ARG A CB  1 
ATOM   985  C  CG  . ARG A 1 127 ? -0.155  17.507  -1.541  1.00 29.62 ? 127 ARG A CG  1 
ATOM   986  C  CD  . ARG A 1 127 ? 0.030   18.997  -1.261  1.00 36.14 ? 127 ARG A CD  1 
ATOM   987  N  NE  . ARG A 1 127 ? 1.433   19.414  -1.382  1.00 42.97 ? 127 ARG A NE  1 
ATOM   988  C  CZ  . ARG A 1 127 ? 1.941   20.159  -2.373  1.00 46.13 ? 127 ARG A CZ  1 
ATOM   989  N  NH1 . ARG A 1 127 ? 3.236   20.468  -2.370  1.00 47.53 ? 127 ARG A NH1 1 
ATOM   990  N  NH2 . ARG A 1 127 ? 1.169   20.603  -3.366  1.00 47.63 ? 127 ARG A NH2 1 
ATOM   991  N  N   . ILE A 1 128 ? -1.043  14.164  1.483   1.00 24.58 ? 128 ILE A N   1 
ATOM   992  C  CA  . ILE A 1 128 ? -1.484  13.631  2.769   1.00 23.13 ? 128 ILE A CA  1 
ATOM   993  C  C   . ILE A 1 128 ? -0.381  13.808  3.804   1.00 22.59 ? 128 ILE A C   1 
ATOM   994  O  O   . ILE A 1 128 ? 0.803   13.824  3.462   1.00 21.95 ? 128 ILE A O   1 
ATOM   995  C  CB  . ILE A 1 128 ? -1.843  12.099  2.693   1.00 23.37 ? 128 ILE A CB  1 
ATOM   996  C  CG1 . ILE A 1 128 ? -0.630  11.261  2.242   1.00 22.12 ? 128 ILE A CG1 1 
ATOM   997  C  CG2 . ILE A 1 128 ? -3.087  11.851  1.828   1.00 22.31 ? 128 ILE A CG2 1 
ATOM   998  C  CD1 . ILE A 1 128 ? -0.884  9.730   2.220   1.00 19.42 ? 128 ILE A CD1 1 
ATOM   999  N  N   . THR A 1 129 ? -0.774  13.919  5.071   1.00 21.60 ? 129 THR A N   1 
ATOM   1000 C  CA  . THR A 1 129 ? 0.186   13.858  6.159   1.00 21.45 ? 129 THR A CA  1 
ATOM   1001 C  C   . THR A 1 129 ? -0.159  12.622  6.977   1.00 21.26 ? 129 THR A C   1 
ATOM   1002 O  O   . THR A 1 129 ? -1.308  12.426  7.372   1.00 20.38 ? 129 THR A O   1 
ATOM   1003 C  CB  . THR A 1 129 ? 0.183   15.137  7.044   1.00 21.52 ? 129 THR A CB  1 
ATOM   1004 O  OG1 . THR A 1 129 ? 0.556   16.270  6.247   1.00 22.72 ? 129 THR A OG1 1 
ATOM   1005 C  CG2 . THR A 1 129 ? 1.191   15.006  8.191   1.00 20.51 ? 129 THR A CG2 1 
ATOM   1006 N  N   . ILE A 1 130 ? 0.848   11.787  7.209   1.00 21.76 ? 130 ILE A N   1 
ATOM   1007 C  CA  . ILE A 1 130 ? 0.675   10.556  7.986   1.00 22.44 ? 130 ILE A CA  1 
ATOM   1008 C  C   . ILE A 1 130 ? 1.487   10.638  9.267   1.00 23.26 ? 130 ILE A C   1 
ATOM   1009 O  O   . ILE A 1 130 ? 2.621   11.136  9.263   1.00 23.15 ? 130 ILE A O   1 
ATOM   1010 C  CB  . ILE A 1 130 ? 1.092   9.296   7.178   1.00 22.18 ? 130 ILE A CB  1 
ATOM   1011 C  CG1 . ILE A 1 130 ? 0.126   9.056   6.010   1.00 21.91 ? 130 ILE A CG1 1 
ATOM   1012 C  CG2 . ILE A 1 130 ? 1.140   8.023   8.073   1.00 22.57 ? 130 ILE A CG2 1 
ATOM   1013 C  CD1 . ILE A 1 130 ? 0.549   7.859   5.104   1.00 22.52 ? 130 ILE A CD1 1 
ATOM   1014 N  N   . LYS A 1 131 ? 0.876   10.197  10.362  1.00 23.76 ? 131 LYS A N   1 
ATOM   1015 C  CA  . LYS A 1 131 ? 1.601   9.888   11.594  1.00 24.63 ? 131 LYS A CA  1 
ATOM   1016 C  C   . LYS A 1 131 ? 1.535   8.393   11.863  1.00 23.94 ? 131 LYS A C   1 
ATOM   1017 O  O   . LYS A 1 131 ? 0.489   7.744   11.663  1.00 23.60 ? 131 LYS A O   1 
ATOM   1018 C  CB  . LYS A 1 131 ? 1.029   10.642  12.794  1.00 25.44 ? 131 LYS A CB  1 
ATOM   1019 C  CG  . LYS A 1 131 ? 1.281   12.143  12.784  1.00 28.57 ? 131 LYS A CG  1 
ATOM   1020 C  CD  . LYS A 1 131 ? 0.752   12.712  14.097  1.00 34.45 ? 131 LYS A CD  1 
ATOM   1021 C  CE  . LYS A 1 131 ? 0.749   14.216  14.114  1.00 36.54 ? 131 LYS A CE  1 
ATOM   1022 N  NZ  . LYS A 1 131 ? 0.431   14.662  15.504  1.00 40.45 ? 131 LYS A NZ  1 
ATOM   1023 N  N   . ALA A 1 132 ? 2.663   7.871   12.332  1.00 23.67 ? 132 ALA A N   1 
ATOM   1024 C  CA  . ALA A 1 132 ? 2.862   6.446   12.517  1.00 23.60 ? 132 ALA A CA  1 
ATOM   1025 C  C   . ALA A 1 132 ? 3.979   6.233   13.528  1.00 23.36 ? 132 ALA A C   1 
ATOM   1026 O  O   . ALA A 1 132 ? 4.630   7.179   13.957  1.00 23.13 ? 132 ALA A O   1 
ATOM   1027 C  CB  . ALA A 1 132 ? 3.226   5.778   11.180  1.00 22.90 ? 132 ALA A CB  1 
ATOM   1028 N  N   . LYS A 1 133 ? 4.169   4.985   13.924  1.00 23.68 ? 133 LYS A N   1 
ATOM   1029 C  CA  . LYS A 1 133 ? 5.364   4.576   14.658  1.00 24.35 ? 133 LYS A CA  1 
ATOM   1030 C  C   . LYS A 1 133 ? 6.222   3.806   13.689  1.00 23.83 ? 133 LYS A C   1 
ATOM   1031 O  O   . LYS A 1 133 ? 5.725   3.327   12.681  1.00 23.60 ? 133 LYS A O   1 
ATOM   1032 C  CB  . LYS A 1 133 ? 5.001   3.676   15.846  1.00 24.58 ? 133 LYS A CB  1 
ATOM   1033 C  CG  . LYS A 1 133 ? 3.975   4.282   16.793  1.00 26.32 ? 133 LYS A CG  1 
ATOM   1034 C  CD  . LYS A 1 133 ? 4.592   5.317   17.699  1.00 29.25 ? 133 LYS A CD  1 
ATOM   1035 C  CE  . LYS A 1 133 ? 3.530   5.917   18.599  1.00 31.33 ? 133 LYS A CE  1 
ATOM   1036 N  NZ  . LYS A 1 133 ? 4.126   6.966   19.447  1.00 35.73 ? 133 LYS A NZ  1 
ATOM   1037 N  N   . ASP A 1 134 ? 7.512   3.705   13.962  1.00 24.54 ? 134 ASP A N   1 
ATOM   1038 C  CA  . ASP A 1 134 ? 8.326   2.768   13.206  1.00 24.99 ? 134 ASP A CA  1 
ATOM   1039 C  C   . ASP A 1 134 ? 8.395   1.428   13.956  1.00 25.38 ? 134 ASP A C   1 
ATOM   1040 O  O   . ASP A 1 134 ? 7.731   1.242   14.994  1.00 25.98 ? 134 ASP A O   1 
ATOM   1041 C  CB  . ASP A 1 134 ? 9.708   3.354   12.851  1.00 25.03 ? 134 ASP A CB  1 
ATOM   1042 C  CG  . ASP A 1 134 ? 10.592  3.596   14.060  1.00 24.78 ? 134 ASP A CG  1 
ATOM   1043 O  OD1 . ASP A 1 134 ? 11.587  4.343   13.905  1.00 26.10 ? 134 ASP A OD1 1 
ATOM   1044 O  OD2 . ASP A 1 134 ? 10.325  3.044   15.149  1.00 23.43 ? 134 ASP A OD2 1 
ATOM   1045 N  N   . ILE A 1 135 ? 9.195   0.508   13.436  1.00 25.72 ? 135 ILE A N   1 
ATOM   1046 C  CA  . ILE A 1 135 ? 9.306   -0.842  13.969  1.00 25.94 ? 135 ILE A CA  1 
ATOM   1047 C  C   . ILE A 1 135 ? 9.759   -0.859  15.438  1.00 26.20 ? 135 ILE A C   1 
ATOM   1048 O  O   . ILE A 1 135 ? 9.418   -1.784  16.198  1.00 26.30 ? 135 ILE A O   1 
ATOM   1049 C  CB  . ILE A 1 135 ? 10.245  -1.703  13.062  1.00 26.21 ? 135 ILE A CB  1 
ATOM   1050 C  CG1 . ILE A 1 135 ? 10.086  -3.190  13.362  1.00 26.45 ? 135 ILE A CG1 1 
ATOM   1051 C  CG2 . ILE A 1 135 ? 11.724  -1.234  13.145  1.00 24.75 ? 135 ILE A CG2 1 
ATOM   1052 C  CD1 . ILE A 1 135 ? 10.562  -4.083  12.231  1.00 25.18 ? 135 ILE A CD1 1 
ATOM   1053 N  N   . GLU A 1 136 ? 10.511  0.169   15.830  1.00 25.51 ? 136 GLU A N   1 
ATOM   1054 C  CA  . GLU A 1 136 ? 11.024  0.278   17.195  1.00 25.92 ? 136 GLU A CA  1 
ATOM   1055 C  C   . GLU A 1 136 ? 10.179  1.173   18.082  1.00 25.76 ? 136 GLU A C   1 
ATOM   1056 O  O   . GLU A 1 136 ? 10.587  1.507   19.187  1.00 26.11 ? 136 GLU A O   1 
ATOM   1057 C  CB  . GLU A 1 136 ? 12.480  0.764   17.183  1.00 26.11 ? 136 GLU A CB  1 
ATOM   1058 C  CG  . GLU A 1 136 ? 13.446  -0.322  16.654  1.00 27.18 ? 136 GLU A CG  1 
ATOM   1059 C  CD  . GLU A 1 136 ? 13.503  -1.518  17.592  1.00 28.50 ? 136 GLU A CD  1 
ATOM   1060 O  OE1 . GLU A 1 136 ? 13.548  -1.296  18.816  1.00 29.32 ? 136 GLU A OE1 1 
ATOM   1061 O  OE2 . GLU A 1 136 ? 13.474  -2.673  17.117  1.00 31.61 ? 136 GLU A OE2 1 
ATOM   1062 N  N   . GLY A 1 137 ? 9.006   1.574   17.599  1.00 25.27 ? 137 GLY A N   1 
ATOM   1063 C  CA  . GLY A 1 137 ? 8.100   2.376   18.416  1.00 25.58 ? 137 GLY A CA  1 
ATOM   1064 C  C   . GLY A 1 137 ? 8.415   3.862   18.438  1.00 25.89 ? 137 GLY A C   1 
ATOM   1065 O  O   . GLY A 1 137 ? 7.850   4.600   19.227  1.00 25.86 ? 137 GLY A O   1 
ATOM   1066 N  N   . ASN A 1 138 ? 9.333   4.298   17.583  1.00 25.72 ? 138 ASN A N   1 
ATOM   1067 C  CA  . ASN A 1 138 ? 9.626   5.720   17.442  1.00 26.07 ? 138 ASN A CA  1 
ATOM   1068 C  C   . ASN A 1 138 ? 8.637   6.417   16.490  1.00 26.24 ? 138 ASN A C   1 
ATOM   1069 O  O   . ASN A 1 138 ? 7.913   5.764   15.739  1.00 25.44 ? 138 ASN A O   1 
ATOM   1070 C  CB  . ASN A 1 138 ? 11.095  5.921   17.052  1.00 25.47 ? 138 ASN A CB  1 
ATOM   1071 C  CG  . ASN A 1 138 ? 12.043  5.447   18.156  1.00 26.46 ? 138 ASN A CG  1 
ATOM   1072 O  OD1 . ASN A 1 138 ? 11.913  5.867   19.311  1.00 25.72 ? 138 ASN A OD1 1 
ATOM   1073 N  ND2 . ASN A 1 138 ? 12.987  4.563   17.811  1.00 25.52 ? 138 ASN A ND2 1 
ATOM   1074 N  N   . ASP A 1 139 ? 8.587   7.742   16.557  1.00 26.93 ? 139 ASP A N   1 
ATOM   1075 C  CA  . ASP A 1 139 ? 7.555   8.517   15.855  1.00 27.70 ? 139 ASP A CA  1 
ATOM   1076 C  C   . ASP A 1 139 ? 8.014   8.928   14.471  1.00 27.76 ? 139 ASP A C   1 
ATOM   1077 O  O   . ASP A 1 139 ? 9.182   9.257   14.273  1.00 27.88 ? 139 ASP A O   1 
ATOM   1078 C  CB  . ASP A 1 139 ? 7.175   9.755   16.669  1.00 27.99 ? 139 ASP A CB  1 
ATOM   1079 C  CG  . ASP A 1 139 ? 6.733   9.407   18.082  1.00 30.52 ? 139 ASP A CG  1 
ATOM   1080 O  OD1 . ASP A 1 139 ? 6.154   8.310   18.276  1.00 32.79 ? 139 ASP A OD1 1 
ATOM   1081 O  OD2 . ASP A 1 139 ? 6.980   10.217  19.000  1.00 32.27 ? 139 ASP A OD2 1 
ATOM   1082 N  N   . ILE A 1 140 ? 7.087   8.888   13.520  1.00 27.66 ? 140 ILE A N   1 
ATOM   1083 C  CA  . ILE A 1 140 ? 7.350   9.251   12.137  1.00 28.26 ? 140 ILE A CA  1 
ATOM   1084 C  C   . ILE A 1 140 ? 6.173   10.100  11.699  1.00 27.38 ? 140 ILE A C   1 
ATOM   1085 O  O   . ILE A 1 140 ? 5.019   9.722   11.911  1.00 27.29 ? 140 ILE A O   1 
ATOM   1086 C  CB  . ILE A 1 140 ? 7.390   8.008   11.189  1.00 29.21 ? 140 ILE A CB  1 
ATOM   1087 C  CG1 . ILE A 1 140 ? 8.187   6.843   11.799  1.00 32.17 ? 140 ILE A CG1 1 
ATOM   1088 C  CG2 . ILE A 1 140 ? 7.898   8.391   9.786   1.00 29.81 ? 140 ILE A CG2 1 
ATOM   1089 C  CD1 . ILE A 1 140 ? 9.725   7.022   11.849  1.00 33.99 ? 140 ILE A CD1 1 
ATOM   1090 N  N   . GLN A 1 141 ? 6.454   11.238  11.085  1.00 26.89 ? 141 GLN A N   1 
ATOM   1091 C  CA  . GLN A 1 141 ? 5.401   11.990  10.408  1.00 26.78 ? 141 GLN A CA  1 
ATOM   1092 C  C   . GLN A 1 141 ? 5.813   12.241  8.967   1.00 25.92 ? 141 GLN A C   1 
ATOM   1093 O  O   . GLN A 1 141 ? 6.878   12.798  8.700   1.00 25.52 ? 141 GLN A O   1 
ATOM   1094 C  CB  . GLN A 1 141 ? 5.076   13.296  11.142  1.00 26.96 ? 141 GLN A CB  1 
ATOM   1095 C  CG  . GLN A 1 141 ? 3.816   13.998  10.653  1.00 28.77 ? 141 GLN A CG  1 
ATOM   1096 C  CD  . GLN A 1 141 ? 3.482   15.262  11.474  1.00 33.37 ? 141 GLN A CD  1 
ATOM   1097 O  OE1 . GLN A 1 141 ? 3.347   16.351  10.924  1.00 35.71 ? 141 GLN A OE1 1 
ATOM   1098 N  NE2 . GLN A 1 141 ? 3.377   15.113  12.790  1.00 35.26 ? 141 GLN A NE2 1 
ATOM   1099 N  N   . LEU A 1 142 ? 4.972   11.800  8.042   1.00 25.03 ? 142 LEU A N   1 
ATOM   1100 C  CA  . LEU A 1 142 ? 5.291   11.921  6.627   1.00 25.17 ? 142 LEU A CA  1 
ATOM   1101 C  C   . LEU A 1 142 ? 4.415   12.939  5.922   1.00 24.73 ? 142 LEU A C   1 
ATOM   1102 O  O   . LEU A 1 142 ? 3.211   13.006  6.170   1.00 24.82 ? 142 LEU A O   1 
ATOM   1103 C  CB  . LEU A 1 142 ? 5.173   10.560  5.922   1.00 25.07 ? 142 LEU A CB  1 
ATOM   1104 C  CG  . LEU A 1 142 ? 6.046   9.432   6.480   1.00 26.22 ? 142 LEU A CG  1 
ATOM   1105 C  CD1 . LEU A 1 142 ? 5.233   8.680   7.494   1.00 27.72 ? 142 LEU A CD1 1 
ATOM   1106 C  CD2 . LEU A 1 142 ? 6.482   8.474   5.383   1.00 27.74 ? 142 LEU A CD2 1 
ATOM   1107 N  N   . ARG A 1 143 ? 5.037   13.719  5.045   1.00 24.18 ? 143 ARG A N   1 
ATOM   1108 C  CA  . ARG A 1 143 ? 4.327   14.593  4.122   1.00 24.60 ? 143 ARG A CA  1 
ATOM   1109 C  C   . ARG A 1 143 ? 4.572   14.056  2.728   1.00 24.48 ? 143 ARG A C   1 
ATOM   1110 O  O   . ARG A 1 143 ? 5.712   14.014  2.269   1.00 24.01 ? 143 ARG A O   1 
ATOM   1111 C  CB  . ARG A 1 143 ? 4.805   16.047  4.246   1.00 24.57 ? 143 ARG A CB  1 
ATOM   1112 C  CG  . ARG A 1 143 ? 4.322   16.728  5.539   1.00 25.54 ? 143 ARG A CG  1 
ATOM   1113 C  CD  . ARG A 1 143 ? 5.156   17.963  5.888   1.00 27.65 ? 143 ARG A CD  1 
ATOM   1114 N  NE  . ARG A 1 143 ? 6.531   17.582  6.197   1.00 28.92 ? 143 ARG A NE  1 
ATOM   1115 C  CZ  . ARG A 1 143 ? 6.991   17.299  7.416   1.00 28.35 ? 143 ARG A CZ  1 
ATOM   1116 N  NH1 . ARG A 1 143 ? 6.195   17.366  8.486   1.00 26.72 ? 143 ARG A NH1 1 
ATOM   1117 N  NH2 . ARG A 1 143 ? 8.263   16.957  7.558   1.00 28.16 ? 143 ARG A NH2 1 
ATOM   1118 N  N   . LEU A 1 144 ? 3.494   13.614  2.083   1.00 24.32 ? 144 LEU A N   1 
ATOM   1119 C  CA  . LEU A 1 144 ? 3.584   12.905  0.819   1.00 24.68 ? 144 LEU A CA  1 
ATOM   1120 C  C   . LEU A 1 144 ? 2.702   13.553  -0.230  1.00 25.16 ? 144 LEU A C   1 
ATOM   1121 O  O   . LEU A 1 144 ? 1.644   14.100  0.082   1.00 25.36 ? 144 LEU A O   1 
ATOM   1122 C  CB  . LEU A 1 144 ? 3.178   11.434  1.007   1.00 24.33 ? 144 LEU A CB  1 
ATOM   1123 C  CG  . LEU A 1 144 ? 3.940   10.626  2.072   1.00 23.36 ? 144 LEU A CG  1 
ATOM   1124 C  CD1 . LEU A 1 144 ? 3.097   9.446   2.556   1.00 21.02 ? 144 LEU A CD1 1 
ATOM   1125 C  CD2 . LEU A 1 144 ? 5.275   10.136  1.543   1.00 21.69 ? 144 LEU A CD2 1 
ATOM   1126 N  N   . LYS A 1 145 ? 3.129   13.451  -1.479  1.00 26.23 ? 145 LYS A N   1 
ATOM   1127 C  CA  . LYS A 1 145 ? 2.443   14.087  -2.595  1.00 27.55 ? 145 LYS A CA  1 
ATOM   1128 C  C   . LYS A 1 145 ? 2.459   13.169  -3.809  1.00 27.02 ? 145 LYS A C   1 
ATOM   1129 O  O   . LYS A 1 145 ? 3.468   12.552  -4.104  1.00 28.01 ? 145 LYS A O   1 
ATOM   1130 C  CB  . LYS A 1 145 ? 3.113   15.433  -2.943  1.00 27.53 ? 145 LYS A CB  1 
ATOM   1131 C  CG  . LYS A 1 145 ? 2.587   16.057  -4.251  1.00 31.01 ? 145 LYS A CG  1 
ATOM   1132 C  CD  . LYS A 1 145 ? 3.110   17.496  -4.511  1.00 35.46 ? 145 LYS A CD  1 
ATOM   1133 C  CE  . LYS A 1 145 ? 2.639   18.001  -5.891  1.00 38.07 ? 145 LYS A CE  1 
ATOM   1134 N  NZ  . LYS A 1 145 ? 2.439   19.489  -5.949  1.00 40.37 ? 145 LYS A NZ  1 
ATOM   1135 N  N   . GLY A 1 146 ? 1.351   13.111  -4.532  1.00 26.92 ? 146 GLY A N   1 
ATOM   1136 C  CA  . GLY A 1 146 ? 1.312   12.400  -5.798  1.00 26.38 ? 146 GLY A CA  1 
ATOM   1137 C  C   . GLY A 1 146 ? 1.440   10.890  -5.620  1.00 26.55 ? 146 GLY A C   1 
ATOM   1138 O  O   . GLY A 1 146 ? 0.733   10.279  -4.790  1.00 25.42 ? 146 GLY A O   1 
ATOM   1139 N  N   . TYR A 1 147 ? 2.344   10.301  -6.402  1.00 25.88 ? 147 TYR A N   1 
ATOM   1140 C  CA  . TYR A 1 147 ? 2.499   8.850   -6.464  1.00 25.85 ? 147 TYR A CA  1 
ATOM   1141 C  C   . TYR A 1 147 ? 2.648   8.165   -5.098  1.00 25.28 ? 147 TYR A C   1 
ATOM   1142 O  O   . TYR A 1 147 ? 1.884   7.266   -4.792  1.00 25.24 ? 147 TYR A O   1 
ATOM   1143 C  CB  . TYR A 1 147 ? 3.652   8.433   -7.406  1.00 25.95 ? 147 TYR A CB  1 
ATOM   1144 C  CG  . TYR A 1 147 ? 3.714   6.926   -7.582  1.00 26.25 ? 147 TYR A CG  1 
ATOM   1145 C  CD1 . TYR A 1 147 ? 2.731   6.249   -8.313  1.00 27.02 ? 147 TYR A CD1 1 
ATOM   1146 C  CD2 . TYR A 1 147 ? 4.724   6.180   -6.994  1.00 25.59 ? 147 TYR A CD2 1 
ATOM   1147 C  CE1 . TYR A 1 147 ? 2.770   4.856   -8.470  1.00 26.74 ? 147 TYR A CE1 1 
ATOM   1148 C  CE2 . TYR A 1 147 ? 4.775   4.792   -7.139  1.00 27.23 ? 147 TYR A CE2 1 
ATOM   1149 C  CZ  . TYR A 1 147 ? 3.794   4.133   -7.874  1.00 27.67 ? 147 TYR A CZ  1 
ATOM   1150 O  OH  . TYR A 1 147 ? 3.854   2.755   -8.014  1.00 28.36 ? 147 TYR A OH  1 
ATOM   1151 N  N   . PRO A 1 148 ? 3.644   8.572   -4.288  1.00 25.43 ? 148 PRO A N   1 
ATOM   1152 C  CA  . PRO A 1 148 ? 3.775   7.932   -2.967  1.00 25.08 ? 148 PRO A CA  1 
ATOM   1153 C  C   . PRO A 1 148 ? 2.554   8.136   -2.061  1.00 25.46 ? 148 PRO A C   1 
ATOM   1154 O  O   . PRO A 1 148 ? 2.263   7.280   -1.211  1.00 25.38 ? 148 PRO A O   1 
ATOM   1155 C  CB  . PRO A 1 148 ? 5.004   8.600   -2.361  1.00 25.33 ? 148 PRO A CB  1 
ATOM   1156 C  CG  . PRO A 1 148 ? 5.220   9.885   -3.196  1.00 25.87 ? 148 PRO A CG  1 
ATOM   1157 C  CD  . PRO A 1 148 ? 4.704   9.571   -4.549  1.00 25.02 ? 148 PRO A CD  1 
ATOM   1158 N  N   . ALA A 1 149 ? 1.846   9.255   -2.233  1.00 24.89 ? 149 ALA A N   1 
ATOM   1159 C  CA  . ALA A 1 149 ? 0.640   9.491   -1.464  1.00 24.48 ? 149 ALA A CA  1 
ATOM   1160 C  C   . ALA A 1 149 ? -0.427  8.480   -1.865  1.00 24.38 ? 149 ALA A C   1 
ATOM   1161 O  O   . ALA A 1 149 ? -1.156  7.958   -1.019  1.00 24.10 ? 149 ALA A O   1 
ATOM   1162 C  CB  . ALA A 1 149 ? 0.145   10.935  -1.642  1.00 24.26 ? 149 ALA A CB  1 
ATOM   1163 N  N   . ILE A 1 150 ? -0.509  8.200   -3.164  1.00 24.11 ? 150 ILE A N   1 
ATOM   1164 C  CA  . ILE A 1 150 ? -1.449  7.210   -3.669  1.00 23.85 ? 150 ILE A CA  1 
ATOM   1165 C  C   . ILE A 1 150 ? -1.146  5.816   -3.084  1.00 24.16 ? 150 ILE A C   1 
ATOM   1166 O  O   . ILE A 1 150 ? -2.056  5.118   -2.636  1.00 24.53 ? 150 ILE A O   1 
ATOM   1167 C  CB  . ILE A 1 150 ? -1.493  7.213   -5.233  1.00 23.56 ? 150 ILE A CB  1 
ATOM   1168 C  CG1 . ILE A 1 150 ? -2.184  8.497   -5.721  1.00 23.42 ? 150 ILE A CG1 1 
ATOM   1169 C  CG2 . ILE A 1 150 ? -2.210  5.956   -5.779  1.00 23.46 ? 150 ILE A CG2 1 
ATOM   1170 C  CD1 . ILE A 1 150 ? -2.113  8.765   -7.226  1.00 22.59 ? 150 ILE A CD1 1 
ATOM   1171 N  N   . VAL A 1 151 ? 0.130   5.430   -3.067  1.00 24.30 ? 151 VAL A N   1 
ATOM   1172 C  CA  . VAL A 1 151 ? 0.535   4.102   -2.609  1.00 24.29 ? 151 VAL A CA  1 
ATOM   1173 C  C   . VAL A 1 151 ? 0.228   3.904   -1.123  1.00 24.40 ? 151 VAL A C   1 
ATOM   1174 O  O   . VAL A 1 151 ? -0.341  2.875   -0.726  1.00 23.48 ? 151 VAL A O   1 
ATOM   1175 C  CB  . VAL A 1 151 ? 2.040   3.844   -2.894  1.00 25.01 ? 151 VAL A CB  1 
ATOM   1176 C  CG1 . VAL A 1 151 ? 2.539   2.602   -2.159  1.00 23.11 ? 151 VAL A CG1 1 
ATOM   1177 C  CG2 . VAL A 1 151 ? 2.281   3.741   -4.421  1.00 24.74 ? 151 VAL A CG2 1 
ATOM   1178 N  N   . PHE A 1 152 ? 0.602   4.895   -0.311  1.00 23.93 ? 152 PHE A N   1 
ATOM   1179 C  CA  . PHE A 1 152 ? 0.309   4.833   1.113   1.00 24.21 ? 152 PHE A CA  1 
ATOM   1180 C  C   . PHE A 1 152 ? -1.197  4.744   1.392   1.00 24.31 ? 152 PHE A C   1 
ATOM   1181 O  O   . PHE A 1 152 ? -1.606  3.994   2.280   1.00 24.64 ? 152 PHE A O   1 
ATOM   1182 C  CB  . PHE A 1 152 ? 0.932   6.009   1.868   1.00 24.14 ? 152 PHE A CB  1 
ATOM   1183 C  CG  . PHE A 1 152 ? 2.362   5.782   2.269   1.00 23.46 ? 152 PHE A CG  1 
ATOM   1184 C  CD1 . PHE A 1 152 ? 3.405   6.214   1.458   1.00 24.65 ? 152 PHE A CD1 1 
ATOM   1185 C  CD2 . PHE A 1 152 ? 2.671   5.138   3.463   1.00 22.21 ? 152 PHE A CD2 1 
ATOM   1186 C  CE1 . PHE A 1 152 ? 4.755   6.014   1.841   1.00 24.13 ? 152 PHE A CE1 1 
ATOM   1187 C  CE2 . PHE A 1 152 ? 4.005   4.923   3.844   1.00 21.84 ? 152 PHE A CE2 1 
ATOM   1188 C  CZ  . PHE A 1 152 ? 5.045   5.363   3.042   1.00 21.19 ? 152 PHE A CZ  1 
ATOM   1189 N  N   . GLN A 1 153 ? -2.007  5.488   0.638   1.00 24.24 ? 153 GLN A N   1 
ATOM   1190 C  CA  . GLN A 1 153 ? -3.469  5.468   0.818   1.00 24.60 ? 153 GLN A CA  1 
ATOM   1191 C  C   . GLN A 1 153 ? -4.044  4.089   0.481   1.00 24.84 ? 153 GLN A C   1 
ATOM   1192 O  O   . GLN A 1 153 ? -4.960  3.597   1.148   1.00 24.79 ? 153 GLN A O   1 
ATOM   1193 C  CB  . GLN A 1 153 ? -4.154  6.565   -0.023  1.00 24.14 ? 153 GLN A CB  1 
ATOM   1194 C  CG  . GLN A 1 153 ? -3.986  7.991   0.537   1.00 24.80 ? 153 GLN A CG  1 
ATOM   1195 C  CD  . GLN A 1 153 ? -4.500  9.076   -0.417  1.00 25.19 ? 153 GLN A CD  1 
ATOM   1196 O  OE1 . GLN A 1 153 ? -5.699  9.403   -0.427  1.00 25.83 ? 153 GLN A OE1 1 
ATOM   1197 N  NE2 . GLN A 1 153 ? -3.594  9.636   -1.219  1.00 20.71 ? 153 GLN A NE2 1 
ATOM   1198 N  N   . HIS A 1 154 ? -3.490  3.485   -0.567  1.00 24.68 ? 154 HIS A N   1 
ATOM   1199 C  CA  . HIS A 1 154 ? -3.825  2.140   -0.979  1.00 24.58 ? 154 HIS A CA  1 
ATOM   1200 C  C   . HIS A 1 154 ? -3.516  1.157   0.161   1.00 24.26 ? 154 HIS A C   1 
ATOM   1201 O  O   . HIS A 1 154 ? -4.360  0.341   0.529   1.00 23.88 ? 154 HIS A O   1 
ATOM   1202 C  CB  . HIS A 1 154 ? -3.046  1.813   -2.270  1.00 24.53 ? 154 HIS A CB  1 
ATOM   1203 C  CG  . HIS A 1 154 ? -3.351  0.473   -2.858  1.00 24.90 ? 154 HIS A CG  1 
ATOM   1204 N  ND1 . HIS A 1 154 ? -3.996  0.321   -4.067  1.00 25.77 ? 154 HIS A ND1 1 
ATOM   1205 C  CD2 . HIS A 1 154 ? -3.064  -0.779  -2.427  1.00 25.14 ? 154 HIS A CD2 1 
ATOM   1206 C  CE1 . HIS A 1 154 ? -4.112  -0.964  -4.350  1.00 24.51 ? 154 HIS A CE1 1 
ATOM   1207 N  NE2 . HIS A 1 154 ? -3.548  -1.654  -3.374  1.00 25.16 ? 154 HIS A NE2 1 
ATOM   1208 N  N   . GLU A 1 155 ? -2.326  1.264   0.747   1.00 24.21 ? 155 GLU A N   1 
ATOM   1209 C  CA  . GLU A 1 155 ? -1.952  0.386   1.848   1.00 24.64 ? 155 GLU A CA  1 
ATOM   1210 C  C   . GLU A 1 155 ? -2.822  0.566   3.096   1.00 25.37 ? 155 GLU A C   1 
ATOM   1211 O  O   . GLU A 1 155 ? -3.274  -0.428  3.696   1.00 26.01 ? 155 GLU A O   1 
ATOM   1212 C  CB  . GLU A 1 155 ? -0.477  0.556   2.196   1.00 24.34 ? 155 GLU A CB  1 
ATOM   1213 C  CG  . GLU A 1 155 ? 0.458   0.111   1.089   1.00 24.09 ? 155 GLU A CG  1 
ATOM   1214 C  CD  . GLU A 1 155 ? 0.011   -1.181  0.390   1.00 25.45 ? 155 GLU A CD  1 
ATOM   1215 O  OE1 . GLU A 1 155 ? -0.452  -2.153  1.058   1.00 24.91 ? 155 GLU A OE1 1 
ATOM   1216 O  OE2 . GLU A 1 155 ? 0.152   -1.219  -0.844  1.00 26.13 ? 155 GLU A OE2 1 
ATOM   1217 N  N   . ILE A 1 156 ? -3.062  1.822   3.472   1.00 25.00 ? 156 ILE A N   1 
ATOM   1218 C  CA  . ILE A 1 156 ? -3.904  2.132   4.620   1.00 25.71 ? 156 ILE A CA  1 
ATOM   1219 C  C   . ILE A 1 156 ? -5.344  1.649   4.401   1.00 26.03 ? 156 ILE A C   1 
ATOM   1220 O  O   . ILE A 1 156 ? -5.958  1.120   5.319   1.00 25.68 ? 156 ILE A O   1 
ATOM   1221 C  CB  . ILE A 1 156 ? -3.841  3.636   4.997   1.00 25.56 ? 156 ILE A CB  1 
ATOM   1222 C  CG1 . ILE A 1 156 ? -2.446  3.959   5.528   1.00 25.32 ? 156 ILE A CG1 1 
ATOM   1223 C  CG2 . ILE A 1 156 ? -4.916  3.996   6.047   1.00 25.88 ? 156 ILE A CG2 1 
ATOM   1224 C  CD1 . ILE A 1 156 ? -2.169  5.422   5.713   1.00 26.12 ? 156 ILE A CD1 1 
ATOM   1225 N  N   . ASP A 1 157 ? -5.863  1.810   3.182   1.00 26.34 ? 157 ASP A N   1 
ATOM   1226 C  CA  . ASP A 1 157 ? -7.151  1.223   2.825   1.00 26.63 ? 157 ASP A CA  1 
ATOM   1227 C  C   . ASP A 1 157 ? -7.285  -0.261  3.247   1.00 26.81 ? 157 ASP A C   1 
ATOM   1228 O  O   . ASP A 1 157 ? -8.292  -0.644  3.829   1.00 27.57 ? 157 ASP A O   1 
ATOM   1229 C  CB  . ASP A 1 157 ? -7.429  1.406   1.329   1.00 26.43 ? 157 ASP A CB  1 
ATOM   1230 C  CG  . ASP A 1 157 ? -8.205  2.680   1.026   1.00 26.29 ? 157 ASP A CG  1 
ATOM   1231 O  OD1 . ASP A 1 157 ? -8.445  3.482   1.954   1.00 26.90 ? 157 ASP A OD1 1 
ATOM   1232 O  OD2 . ASP A 1 157 ? -8.578  2.887   -0.145  1.00 23.86 ? 157 ASP A OD2 1 
ATOM   1233 N  N   . HIS A 1 158 ? -6.256  -1.066  2.991   1.00 27.03 ? 158 HIS A N   1 
ATOM   1234 C  CA  . HIS A 1 158 ? -6.246  -2.491  3.333   1.00 26.98 ? 158 HIS A CA  1 
ATOM   1235 C  C   . HIS A 1 158 ? -6.475  -2.761  4.817   1.00 27.44 ? 158 HIS A C   1 
ATOM   1236 O  O   . HIS A 1 158 ? -7.052  -3.789  5.181   1.00 28.15 ? 158 HIS A O   1 
ATOM   1237 C  CB  . HIS A 1 158 ? -4.911  -3.121  2.967   1.00 26.40 ? 158 HIS A CB  1 
ATOM   1238 C  CG  . HIS A 1 158 ? -4.831  -3.590  1.559   1.00 26.41 ? 158 HIS A CG  1 
ATOM   1239 N  ND1 . HIS A 1 158 ? -5.833  -4.332  0.958   1.00 26.08 ? 158 HIS A ND1 1 
ATOM   1240 C  CD2 . HIS A 1 158 ? -3.865  -3.427  0.625   1.00 24.29 ? 158 HIS A CD2 1 
ATOM   1241 C  CE1 . HIS A 1 158 ? -5.486  -4.595  -0.289  1.00 24.69 ? 158 HIS A CE1 1 
ATOM   1242 N  NE2 . HIS A 1 158 ? -4.295  -4.066  -0.512  1.00 24.82 ? 158 HIS A NE2 1 
ATOM   1243 N  N   . LEU A 1 159 ? -5.987  -1.848  5.653   1.00 26.85 ? 159 LEU A N   1 
ATOM   1244 C  CA  . LEU A 1 159 ? -6.138  -1.923  7.104   1.00 26.68 ? 159 LEU A CA  1 
ATOM   1245 C  C   . LEU A 1 159 ? -7.578  -1.622  7.577   1.00 27.15 ? 159 LEU A C   1 
ATOM   1246 O  O   . LEU A 1 159 ? -7.954  -1.975  8.699   1.00 26.42 ? 159 LEU A O   1 
ATOM   1247 C  CB  . LEU A 1 159 ? -5.146  -0.971  7.779   1.00 25.78 ? 159 LEU A CB  1 
ATOM   1248 C  CG  . LEU A 1 159 ? -3.660  -1.102  7.405   1.00 24.91 ? 159 LEU A CG  1 
ATOM   1249 C  CD1 . LEU A 1 159 ? -2.784  -0.143  8.229   1.00 21.96 ? 159 LEU A CD1 1 
ATOM   1250 C  CD2 . LEU A 1 159 ? -3.153  -2.546  7.528   1.00 19.93 ? 159 LEU A CD2 1 
ATOM   1251 N  N   . ASN A 1 160 ? -8.369  -0.979  6.710   1.00 27.52 ? 160 ASN A N   1 
ATOM   1252 C  CA  . ASN A 1 160 ? -9.778  -0.696  7.002   1.00 28.54 ? 160 ASN A CA  1 
ATOM   1253 C  C   . ASN A 1 160 ? -10.716 -1.583  6.204   1.00 28.67 ? 160 ASN A C   1 
ATOM   1254 O  O   . ASN A 1 160 ? -11.922 -1.348  6.171   1.00 28.88 ? 160 ASN A O   1 
ATOM   1255 C  CB  . ASN A 1 160 ? -10.101 0.786   6.750   1.00 28.14 ? 160 ASN A CB  1 
ATOM   1256 C  CG  . ASN A 1 160 ? -9.332  1.704   7.670   1.00 28.69 ? 160 ASN A CG  1 
ATOM   1257 O  OD1 . ASN A 1 160 ? -9.088  1.372   8.831   1.00 29.28 ? 160 ASN A OD1 1 
ATOM   1258 N  ND2 . ASN A 1 160 ? -8.929  2.859   7.156   1.00 28.29 ? 160 ASN A ND2 1 
ATOM   1259 N  N   . GLY A 1 161 ? -10.145 -2.585  5.543   1.00 28.83 ? 161 GLY A N   1 
ATOM   1260 C  CA  . GLY A 1 161 ? -10.917 -3.537  4.774   1.00 28.77 ? 161 GLY A CA  1 
ATOM   1261 C  C   . GLY A 1 161 ? -11.441 -2.969  3.473   1.00 29.32 ? 161 GLY A C   1 
ATOM   1262 O  O   . GLY A 1 161 ? -12.451 -3.457  2.950   1.00 29.20 ? 161 GLY A O   1 
ATOM   1263 N  N   . VAL A 1 162 ? -10.757 -1.952  2.940   1.00 29.27 ? 162 VAL A N   1 
ATOM   1264 C  CA  . VAL A 1 162 ? -11.170 -1.312  1.688   1.00 28.99 ? 162 VAL A CA  1 
ATOM   1265 C  C   . VAL A 1 162 ? -10.221 -1.727  0.551   1.00 29.37 ? 162 VAL A C   1 
ATOM   1266 O  O   . VAL A 1 162 ? -8.998  -1.691  0.704   1.00 29.28 ? 162 VAL A O   1 
ATOM   1267 C  CB  . VAL A 1 162 ? -11.247 0.258   1.824   1.00 29.50 ? 162 VAL A CB  1 
ATOM   1268 C  CG1 . VAL A 1 162 ? -11.626 0.923   0.491   1.00 27.85 ? 162 VAL A CG1 1 
ATOM   1269 C  CG2 . VAL A 1 162 ? -12.229 0.671   2.918   1.00 27.56 ? 162 VAL A CG2 1 
ATOM   1270 N  N   . MET A 1 163 ? -10.807 -2.105  -0.583  1.00 29.28 ? 163 MET A N   1 
ATOM   1271 C  CA  . MET A 1 163 ? -10.072 -2.526  -1.775  1.00 29.38 ? 163 MET A CA  1 
ATOM   1272 C  C   . MET A 1 163 ? -10.133 -1.417  -2.817  1.00 28.82 ? 163 MET A C   1 
ATOM   1273 O  O   . MET A 1 163 ? -11.118 -0.676  -2.879  1.00 28.58 ? 163 MET A O   1 
ATOM   1274 C  CB  . MET A 1 163 ? -10.679 -3.817  -2.356  1.00 29.55 ? 163 MET A CB  1 
ATOM   1275 C  CG  . MET A 1 163 ? -10.678 -5.025  -1.403  1.00 30.97 ? 163 MET A CG  1 
ATOM   1276 S  SD  . MET A 1 163 ? -9.029  -5.672  -0.977  1.00 34.35 ? 163 MET A SD  1 
ATOM   1277 C  CE  . MET A 1 163 ? -8.585  -6.530  -2.477  1.00 35.20 ? 163 MET A CE  1 
ATOM   1278 N  N   . PHE A 1 164 ? -9.089  -1.308  -3.640  1.00 28.50 ? 164 PHE A N   1 
ATOM   1279 C  CA  . PHE A 1 164 ? -8.980  -0.206  -4.600  1.00 28.25 ? 164 PHE A CA  1 
ATOM   1280 C  C   . PHE A 1 164 ? -10.223 -0.035  -5.478  1.00 28.70 ? 164 PHE A C   1 
ATOM   1281 O  O   . PHE A 1 164 ? -10.628 1.096   -5.782  1.00 28.17 ? 164 PHE A O   1 
ATOM   1282 C  CB  . PHE A 1 164 ? -7.685  -0.309  -5.445  1.00 28.61 ? 164 PHE A CB  1 
ATOM   1283 C  CG  . PHE A 1 164 ? -7.755  -1.311  -6.581  1.00 28.19 ? 164 PHE A CG  1 
ATOM   1284 C  CD1 . PHE A 1 164 ? -8.177  -0.917  -7.850  1.00 28.00 ? 164 PHE A CD1 1 
ATOM   1285 C  CD2 . PHE A 1 164 ? -7.396  -2.646  -6.378  1.00 27.48 ? 164 PHE A CD2 1 
ATOM   1286 C  CE1 . PHE A 1 164 ? -8.260  -1.846  -8.909  1.00 27.92 ? 164 PHE A CE1 1 
ATOM   1287 C  CE2 . PHE A 1 164 ? -7.476  -3.579  -7.420  1.00 27.03 ? 164 PHE A CE2 1 
ATOM   1288 C  CZ  . PHE A 1 164 ? -7.913  -3.173  -8.690  1.00 27.60 ? 164 PHE A CZ  1 
ATOM   1289 N  N   . TYR A 1 165 ? -10.833 -1.154  -5.873  1.00 28.87 ? 165 TYR A N   1 
ATOM   1290 C  CA  . TYR A 1 165 ? -11.931 -1.117  -6.836  1.00 29.35 ? 165 TYR A CA  1 
ATOM   1291 C  C   . TYR A 1 165 ? -13.234 -0.635  -6.213  1.00 29.63 ? 165 TYR A C   1 
ATOM   1292 O  O   . TYR A 1 165 ? -14.211 -0.398  -6.936  1.00 29.19 ? 165 TYR A O   1 
ATOM   1293 C  CB  . TYR A 1 165 ? -12.123 -2.483  -7.534  1.00 29.59 ? 165 TYR A CB  1 
ATOM   1294 C  CG  . TYR A 1 165 ? -12.369 -3.628  -6.586  1.00 29.12 ? 165 TYR A CG  1 
ATOM   1295 C  CD1 . TYR A 1 165 ? -13.623 -3.821  -5.997  1.00 29.68 ? 165 TYR A CD1 1 
ATOM   1296 C  CD2 . TYR A 1 165 ? -11.346 -4.515  -6.267  1.00 29.90 ? 165 TYR A CD2 1 
ATOM   1297 C  CE1 . TYR A 1 165 ? -13.844 -4.871  -5.101  1.00 29.73 ? 165 TYR A CE1 1 
ATOM   1298 C  CE2 . TYR A 1 165 ? -11.556 -5.571  -5.387  1.00 29.20 ? 165 TYR A CE2 1 
ATOM   1299 C  CZ  . TYR A 1 165 ? -12.803 -5.739  -4.808  1.00 28.90 ? 165 TYR A CZ  1 
ATOM   1300 O  OH  . TYR A 1 165 ? -13.006 -6.786  -3.947  1.00 30.78 ? 165 TYR A OH  1 
ATOM   1301 N  N   . ASP A 1 166 ? -13.239 -0.491  -4.884  1.00 29.87 ? 166 ASP A N   1 
ATOM   1302 C  CA  . ASP A 1 166 ? -14.369 0.109   -4.156  1.00 30.73 ? 166 ASP A CA  1 
ATOM   1303 C  C   . ASP A 1 166 ? -14.538 1.570   -4.564  1.00 31.22 ? 166 ASP A C   1 
ATOM   1304 O  O   . ASP A 1 166 ? -15.630 2.138   -4.438  1.00 31.23 ? 166 ASP A O   1 
ATOM   1305 C  CB  . ASP A 1 166 ? -14.149 0.071   -2.632  1.00 30.57 ? 166 ASP A CB  1 
ATOM   1306 C  CG  . ASP A 1 166 ? -14.106 -1.341  -2.055  1.00 31.05 ? 166 ASP A CG  1 
ATOM   1307 O  OD1 . ASP A 1 166 ? -14.442 -2.319  -2.750  1.00 32.28 ? 166 ASP A OD1 1 
ATOM   1308 O  OD2 . ASP A 1 166 ? -13.712 -1.474  -0.879  1.00 31.36 ? 166 ASP A OD2 1 
ATOM   1309 N  N   . HIS A 1 167 ? -13.444 2.183   -5.021  1.00 31.70 ? 167 HIS A N   1 
ATOM   1310 C  CA  . HIS A 1 167 ? -13.435 3.623   -5.356  1.00 32.67 ? 167 HIS A CA  1 
ATOM   1311 C  C   . HIS A 1 167 ? -13.827 3.892   -6.810  1.00 32.96 ? 167 HIS A C   1 
ATOM   1312 O  O   . HIS A 1 167 ? -14.023 5.037   -7.202  1.00 32.72 ? 167 HIS A O   1 
ATOM   1313 C  CB  . HIS A 1 167 ? -12.063 4.256   -5.068  1.00 32.49 ? 167 HIS A CB  1 
ATOM   1314 C  CG  . HIS A 1 167 ? -11.599 4.099   -3.649  1.00 33.71 ? 167 HIS A CG  1 
ATOM   1315 N  ND1 . HIS A 1 167 ? -12.289 4.620   -2.574  1.00 36.24 ? 167 HIS A ND1 1 
ATOM   1316 C  CD2 . HIS A 1 167 ? -10.501 3.500   -3.130  1.00 34.85 ? 167 HIS A CD2 1 
ATOM   1317 C  CE1 . HIS A 1 167 ? -11.645 4.334   -1.455  1.00 35.98 ? 167 HIS A CE1 1 
ATOM   1318 N  NE2 . HIS A 1 167 ? -10.551 3.664   -1.766  1.00 35.13 ? 167 HIS A NE2 1 
ATOM   1319 N  N   . ILE A 1 168 ? -13.932 2.831   -7.605  1.00 33.61 ? 168 ILE A N   1 
ATOM   1320 C  CA  . ILE A 1 168 ? -14.146 2.974   -9.037  1.00 34.70 ? 168 ILE A CA  1 
ATOM   1321 C  C   . ILE A 1 168 ? -15.616 3.247   -9.331  1.00 35.81 ? 168 ILE A C   1 
ATOM   1322 O  O   . ILE A 1 168 ? -16.503 2.531   -8.841  1.00 35.99 ? 168 ILE A O   1 
ATOM   1323 C  CB  . ILE A 1 168 ? -13.632 1.735   -9.820  1.00 34.34 ? 168 ILE A CB  1 
ATOM   1324 C  CG1 . ILE A 1 168 ? -12.104 1.627   -9.671  1.00 33.90 ? 168 ILE A CG1 1 
ATOM   1325 C  CG2 . ILE A 1 168 ? -14.047 1.812   -11.300 1.00 34.01 ? 168 ILE A CG2 1 
ATOM   1326 C  CD1 . ILE A 1 168 ? -11.483 0.340   -10.186 1.00 30.94 ? 168 ILE A CD1 1 
ATOM   1327 N  N   . ASP A 1 169 ? -15.875 4.296   -10.102 1.00 37.31 ? 169 ASP A N   1 
ATOM   1328 C  CA  . ASP A 1 169 ? -17.246 4.608   -10.497 1.00 39.61 ? 169 ASP A CA  1 
ATOM   1329 C  C   . ASP A 1 169 ? -17.767 3.562   -11.486 1.00 40.62 ? 169 ASP A C   1 
ATOM   1330 O  O   . ASP A 1 169 ? -17.139 3.268   -12.502 1.00 40.08 ? 169 ASP A O   1 
ATOM   1331 C  CB  . ASP A 1 169 ? -17.375 6.021   -11.074 1.00 39.73 ? 169 ASP A CB  1 
ATOM   1332 C  CG  . ASP A 1 169 ? -18.829 6.422   -11.295 1.00 41.34 ? 169 ASP A CG  1 
ATOM   1333 O  OD1 . ASP A 1 169 ? -19.500 6.818   -10.321 1.00 43.61 ? 169 ASP A OD1 1 
ATOM   1334 O  OD2 . ASP A 1 169 ? -19.312 6.316   -12.438 1.00 42.41 ? 169 ASP A OD2 1 
ATOM   1335 N  N   . LYS A 1 170 ? -18.915 2.997   -11.145 1.00 42.60 ? 170 LYS A N   1 
ATOM   1336 C  CA  . LYS A 1 170 ? -19.551 1.925   -11.904 1.00 44.83 ? 170 LYS A CA  1 
ATOM   1337 C  C   . LYS A 1 170 ? -19.921 2.378   -13.329 1.00 45.22 ? 170 LYS A C   1 
ATOM   1338 O  O   . LYS A 1 170 ? -19.640 1.678   -14.302 1.00 45.47 ? 170 LYS A O   1 
ATOM   1339 C  CB  . LYS A 1 170 ? -20.819 1.439   -11.168 1.00 45.42 ? 170 LYS A CB  1 
ATOM   1340 C  CG  . LYS A 1 170 ? -20.794 1.583   -9.616  1.00 48.75 ? 170 LYS A CG  1 
ATOM   1341 C  CD  . LYS A 1 170 ? -20.815 3.053   -9.123  1.00 50.92 ? 170 LYS A CD  1 
ATOM   1342 C  CE  . LYS A 1 170 ? -22.195 3.718   -9.299  1.00 53.82 ? 170 LYS A CE  1 
ATOM   1343 N  NZ  . LYS A 1 170 ? -22.233 5.099   -8.711  1.00 53.68 ? 170 LYS A NZ  1 
ATOM   1344 N  N   . ASP A 1 171 ? -20.527 3.559   -13.435 1.00 45.76 ? 171 ASP A N   1 
ATOM   1345 C  CA  . ASP A 1 171 ? -21.083 4.042   -14.700 1.00 46.51 ? 171 ASP A CA  1 
ATOM   1346 C  C   . ASP A 1 171 ? -20.059 4.716   -15.596 1.00 46.19 ? 171 ASP A C   1 
ATOM   1347 O  O   . ASP A 1 171 ? -20.134 4.594   -16.823 1.00 46.60 ? 171 ASP A O   1 
ATOM   1348 C  CB  . ASP A 1 171 ? -22.262 4.995   -14.439 1.00 46.88 ? 171 ASP A CB  1 
ATOM   1349 C  CG  . ASP A 1 171 ? -23.415 4.309   -13.742 1.00 48.61 ? 171 ASP A CG  1 
ATOM   1350 O  OD1 . ASP A 1 171 ? -23.971 4.885   -12.779 1.00 51.25 ? 171 ASP A OD1 1 
ATOM   1351 O  OD2 . ASP A 1 171 ? -23.750 3.176   -14.141 1.00 51.47 ? 171 ASP A OD2 1 
ATOM   1352 N  N   . HIS A 1 172 ? -19.113 5.427   -14.987 1.00 45.51 ? 172 HIS A N   1 
ATOM   1353 C  CA  . HIS A 1 172 ? -18.073 6.140   -15.736 1.00 45.51 ? 172 HIS A CA  1 
ATOM   1354 C  C   . HIS A 1 172 ? -16.668 5.873   -15.168 1.00 44.49 ? 172 HIS A C   1 
ATOM   1355 O  O   . HIS A 1 172 ? -15.987 6.807   -14.730 1.00 44.04 ? 172 HIS A O   1 
ATOM   1356 C  CB  . HIS A 1 172 ? -18.361 7.650   -15.761 1.00 45.74 ? 172 HIS A CB  1 
ATOM   1357 C  CG  . HIS A 1 172 ? -19.728 7.999   -16.265 1.00 48.58 ? 172 HIS A CG  1 
ATOM   1358 N  ND1 . HIS A 1 172 ? -20.105 7.831   -17.582 1.00 51.21 ? 172 HIS A ND1 1 
ATOM   1359 C  CD2 . HIS A 1 172 ? -20.806 8.517   -15.630 1.00 50.06 ? 172 HIS A CD2 1 
ATOM   1360 C  CE1 . HIS A 1 172 ? -21.358 8.223   -17.735 1.00 51.14 ? 172 HIS A CE1 1 
ATOM   1361 N  NE2 . HIS A 1 172 ? -21.806 8.642   -16.564 1.00 51.23 ? 172 HIS A NE2 1 
ATOM   1362 N  N   . PRO A 1 173 ? -16.221 4.601   -15.198 1.00 43.73 ? 173 PRO A N   1 
ATOM   1363 C  CA  . PRO A 1 173 ? -14.973 4.199   -14.532 1.00 43.06 ? 173 PRO A CA  1 
ATOM   1364 C  C   . PRO A 1 173 ? -13.750 5.023   -14.928 1.00 42.60 ? 173 PRO A C   1 
ATOM   1365 O  O   . PRO A 1 173 ? -12.838 5.183   -14.115 1.00 42.40 ? 173 PRO A O   1 
ATOM   1366 C  CB  . PRO A 1 173 ? -14.790 2.742   -14.972 1.00 42.86 ? 173 PRO A CB  1 
ATOM   1367 C  CG  . PRO A 1 173 ? -15.613 2.622   -16.230 1.00 43.64 ? 173 PRO A CG  1 
ATOM   1368 C  CD  . PRO A 1 173 ? -16.802 3.483   -15.964 1.00 43.66 ? 173 PRO A CD  1 
ATOM   1369 N  N   . LEU A 1 174 ? -13.727 5.545   -16.150 1.00 42.11 ? 174 LEU A N   1 
ATOM   1370 C  CA  . LEU A 1 174 ? -12.527 6.221   -16.644 1.00 41.93 ? 174 LEU A CA  1 
ATOM   1371 C  C   . LEU A 1 174 ? -12.637 7.735   -16.787 1.00 41.93 ? 174 LEU A C   1 
ATOM   1372 O  O   . LEU A 1 174 ? -11.756 8.366   -17.372 1.00 41.85 ? 174 LEU A O   1 
ATOM   1373 C  CB  . LEU A 1 174 ? -12.044 5.591   -17.949 1.00 41.87 ? 174 LEU A CB  1 
ATOM   1374 C  CG  . LEU A 1 174 ? -11.470 4.170   -17.872 1.00 42.42 ? 174 LEU A CG  1 
ATOM   1375 C  CD1 . LEU A 1 174 ? -11.027 3.735   -19.266 1.00 42.39 ? 174 LEU A CD1 1 
ATOM   1376 C  CD2 . LEU A 1 174 ? -10.299 4.068   -16.895 1.00 41.66 ? 174 LEU A CD2 1 
ATOM   1377 N  N   . GLN A 1 175 ? -13.698 8.318   -16.241 1.00 41.90 ? 175 GLN A N   1 
ATOM   1378 C  CA  . GLN A 1 175 ? -13.849 9.768   -16.259 1.00 42.89 ? 175 GLN A CA  1 
ATOM   1379 C  C   . GLN A 1 175 ? -13.219 10.416  -15.025 1.00 42.46 ? 175 GLN A C   1 
ATOM   1380 O  O   . GLN A 1 175 ? -13.667 10.181  -13.903 1.00 42.41 ? 175 GLN A O   1 
ATOM   1381 C  CB  . GLN A 1 175 ? -15.322 10.170  -16.350 1.00 43.17 ? 175 GLN A CB  1 
ATOM   1382 C  CG  . GLN A 1 175 ? -15.510 11.675  -16.434 1.00 46.68 ? 175 GLN A CG  1 
ATOM   1383 C  CD  . GLN A 1 175 ? -16.948 12.078  -16.678 1.00 50.92 ? 175 GLN A CD  1 
ATOM   1384 O  OE1 . GLN A 1 175 ? -17.596 11.593  -17.613 1.00 52.42 ? 175 GLN A OE1 1 
ATOM   1385 N  NE2 . GLN A 1 175 ? -17.459 12.983  -15.842 1.00 52.13 ? 175 GLN A NE2 1 
ATOM   1386 N  N   . PRO A 1 176 ? -12.185 11.242  -15.231 1.00 42.47 ? 176 PRO A N   1 
ATOM   1387 C  CA  . PRO A 1 176 ? -11.593 11.951  -14.090 1.00 42.60 ? 176 PRO A CA  1 
ATOM   1388 C  C   . PRO A 1 176 ? -12.530 12.993  -13.480 1.00 42.81 ? 176 PRO A C   1 
ATOM   1389 O  O   . PRO A 1 176 ? -13.269 13.676  -14.202 1.00 42.94 ? 176 PRO A O   1 
ATOM   1390 C  CB  . PRO A 1 176 ? -10.348 12.632  -14.675 1.00 42.59 ? 176 PRO A CB  1 
ATOM   1391 C  CG  . PRO A 1 176 ? -10.450 12.502  -16.156 1.00 42.64 ? 176 PRO A CG  1 
ATOM   1392 C  CD  . PRO A 1 176 ? -11.434 11.434  -16.487 1.00 42.34 ? 176 PRO A CD  1 
ATOM   1393 N  N   . HIS A 1 177 ? -12.503 13.099  -12.155 1.00 42.94 ? 177 HIS A N   1 
ATOM   1394 C  CA  . HIS A 1 177 ? -13.167 14.193  -11.451 1.00 43.23 ? 177 HIS A CA  1 
ATOM   1395 C  C   . HIS A 1 177 ? -12.578 15.541  -11.882 1.00 43.62 ? 177 HIS A C   1 
ATOM   1396 O  O   . HIS A 1 177 ? -11.385 15.637  -12.197 1.00 42.88 ? 177 HIS A O   1 
ATOM   1397 C  CB  . HIS A 1 177 ? -13.046 14.017  -9.930  1.00 42.75 ? 177 HIS A CB  1 
ATOM   1398 C  CG  . HIS A 1 177 ? -13.783 12.828  -9.394  1.00 41.81 ? 177 HIS A CG  1 
ATOM   1399 N  ND1 . HIS A 1 177 ? -13.535 12.302  -8.146  1.00 40.96 ? 177 HIS A ND1 1 
ATOM   1400 C  CD2 . HIS A 1 177 ? -14.755 12.057  -9.940  1.00 41.64 ? 177 HIS A CD2 1 
ATOM   1401 C  CE1 . HIS A 1 177 ? -14.334 11.272  -7.937  1.00 40.38 ? 177 HIS A CE1 1 
ATOM   1402 N  NE2 . HIS A 1 177 ? -15.081 11.098  -9.013  1.00 41.34 ? 177 HIS A NE2 1 
ATOM   1403 N  N   . THR A 1 178 ? -13.431 16.565  -11.914 1.00 44.57 ? 178 THR A N   1 
ATOM   1404 C  CA  . THR A 1 178 ? -13.014 17.947  -12.190 1.00 45.57 ? 178 THR A CA  1 
ATOM   1405 C  C   . THR A 1 178 ? -11.806 18.313  -11.326 1.00 45.93 ? 178 THR A C   1 
ATOM   1406 O  O   . THR A 1 178 ? -11.810 18.061  -10.115 1.00 46.30 ? 178 THR A O   1 
ATOM   1407 C  CB  . THR A 1 178 ? -14.175 18.950  -11.904 1.00 45.89 ? 178 THR A CB  1 
ATOM   1408 O  OG1 . THR A 1 178 ? -15.309 18.627  -12.723 1.00 46.86 ? 178 THR A OG1 1 
ATOM   1409 C  CG2 . THR A 1 178 ? -13.751 20.400  -12.186 1.00 46.41 ? 178 THR A CG2 1 
ATOM   1410 N  N   . ASP A 1 179 ? -10.777 18.880  -11.961 1.00 46.12 ? 179 ASP A N   1 
ATOM   1411 C  CA  . ASP A 1 179 ? -9.587  19.415  -11.281 1.00 46.29 ? 179 ASP A CA  1 
ATOM   1412 C  C   . ASP A 1 179 ? -8.620  18.355  -10.698 1.00 45.75 ? 179 ASP A C   1 
ATOM   1413 O  O   . ASP A 1 179 ? -7.531  18.714  -10.231 1.00 45.50 ? 179 ASP A O   1 
ATOM   1414 C  CB  . ASP A 1 179 ? -9.963  20.482  -10.213 1.00 46.96 ? 179 ASP A CB  1 
ATOM   1415 C  CG  . ASP A 1 179 ? -10.758 21.680  -10.794 1.00 49.10 ? 179 ASP A CG  1 
ATOM   1416 O  OD1 . ASP A 1 179 ? -11.397 22.413  -9.997  1.00 50.56 ? 179 ASP A OD1 1 
ATOM   1417 O  OD2 . ASP A 1 179 ? -10.750 21.900  -12.032 1.00 50.49 ? 179 ASP A OD2 1 
ATOM   1418 N  N   . ALA A 1 180 ? -8.994  17.070  -10.737 1.00 45.00 ? 180 ALA A N   1 
ATOM   1419 C  CA  . ALA A 1 180 ? -8.110  15.988  -10.260 1.00 44.36 ? 180 ALA A CA  1 
ATOM   1420 C  C   . ALA A 1 180 ? -6.776  15.946  -11.021 1.00 44.30 ? 180 ALA A C   1 
ATOM   1421 O  O   . ALA A 1 180 ? -6.715  16.225  -12.219 1.00 44.16 ? 180 ALA A O   1 
ATOM   1422 C  CB  . ALA A 1 180 ? -8.808  14.649  -10.323 1.00 44.04 ? 180 ALA A CB  1 
ATOM   1423 N  N   . VAL A 1 181 ? -5.708  15.605  -10.313 1.00 44.18 ? 181 VAL A N   1 
ATOM   1424 C  CA  . VAL A 1 181 ? -4.368  15.632  -10.882 1.00 44.87 ? 181 VAL A CA  1 
ATOM   1425 C  C   . VAL A 1 181 ? -3.972  14.248  -11.402 1.00 45.18 ? 181 VAL A C   1 
ATOM   1426 O  O   . VAL A 1 181 ? -3.931  13.276  -10.638 1.00 44.98 ? 181 VAL A O   1 
ATOM   1427 C  CB  . VAL A 1 181 ? -3.316  16.162  -9.851  1.00 44.79 ? 181 VAL A CB  1 
ATOM   1428 C  CG1 . VAL A 1 181 ? -1.883  15.759  -10.241 1.00 44.93 ? 181 VAL A CG1 1 
ATOM   1429 C  CG2 . VAL A 1 181 ? -3.426  17.678  -9.708  1.00 45.31 ? 181 VAL A CG2 1 
ATOM   1430 N  N   . GLU A 1 182 ? -3.690  14.170  -12.701 1.00 45.41 ? 182 GLU A N   1 
ATOM   1431 C  CA  . GLU A 1 182 ? -3.143  12.957  -13.288 1.00 46.17 ? 182 GLU A CA  1 
ATOM   1432 C  C   . GLU A 1 182 ? -1.710  12.738  -12.807 1.00 46.39 ? 182 GLU A C   1 
ATOM   1433 O  O   . GLU A 1 182 ? -0.857  13.603  -12.980 1.00 45.87 ? 182 GLU A O   1 
ATOM   1434 C  CB  . GLU A 1 182 ? -3.181  13.031  -14.813 1.00 46.20 ? 182 GLU A CB  1 
ATOM   1435 C  CG  . GLU A 1 182 ? -2.679  11.760  -15.479 1.00 47.39 ? 182 GLU A CG  1 
ATOM   1436 C  CD  . GLU A 1 182 ? -2.688  11.849  -16.984 1.00 49.21 ? 182 GLU A CD  1 
ATOM   1437 O  OE1 . GLU A 1 182 ? -3.592  11.231  -17.580 1.00 48.82 ? 182 GLU A OE1 1 
ATOM   1438 O  OE2 . GLU A 1 182 ? -1.811  12.543  -17.560 1.00 50.14 ? 182 GLU A OE2 1 
ATOM   1439 N  N   . VAL A 1 183 ? -1.458  11.579  -12.202 1.00 47.02 ? 183 VAL A N   1 
ATOM   1440 C  CA  . VAL A 1 183 ? -0.131  11.249  -11.679 1.00 48.28 ? 183 VAL A CA  1 
ATOM   1441 C  C   . VAL A 1 183 ? 0.574   10.209  -12.562 1.00 49.71 ? 183 VAL A C   1 
ATOM   1442 O  O   . VAL A 1 183 ? 0.048   9.124   -12.796 1.00 49.59 ? 183 VAL A O   1 
ATOM   1443 C  CB  . VAL A 1 183 ? -0.206  10.765  -10.191 1.00 47.98 ? 183 VAL A CB  1 
ATOM   1444 C  CG1 . VAL A 1 183 ? 1.110   10.172  -9.726  1.00 46.77 ? 183 VAL A CG1 1 
ATOM   1445 C  CG2 . VAL A 1 183 ? -0.613  11.913  -9.277  1.00 47.63 ? 183 VAL A CG2 1 
ATOM   1446 N  N   . LEU A 1 184 ? 1.765   10.554  -13.039 1.00 51.90 ? 184 LEU A N   1 
ATOM   1447 C  CA  . LEU A 1 184 ? 2.569   9.655   -13.871 1.00 54.08 ? 184 LEU A CA  1 
ATOM   1448 C  C   . LEU A 1 184 ? 3.255   8.577   -13.031 1.00 55.47 ? 184 LEU A C   1 
ATOM   1449 O  O   . LEU A 1 184 ? 3.954   8.883   -12.055 1.00 55.74 ? 184 LEU A O   1 
ATOM   1450 C  CB  . LEU A 1 184 ? 3.599   10.454  -14.677 1.00 54.28 ? 184 LEU A CB  1 
ATOM   1451 C  CG  . LEU A 1 184 ? 3.280   10.956  -16.097 1.00 55.23 ? 184 LEU A CG  1 
ATOM   1452 C  CD1 . LEU A 1 184 ? 3.659   9.900   -17.150 1.00 55.59 ? 184 LEU A CD1 1 
ATOM   1453 C  CD2 . LEU A 1 184 ? 1.838   11.436  -16.305 1.00 55.26 ? 184 LEU A CD2 1 
ATOM   1454 N  N   . GLU A 1 185 ? 3.050   7.318   -13.423 1.00 56.85 ? 185 GLU A N   1 
ATOM   1455 C  CA  . GLU A 1 185 ? 3.514   6.153   -12.659 1.00 58.07 ? 185 GLU A CA  1 
ATOM   1456 C  C   . GLU A 1 185 ? 5.005   6.222   -12.275 1.00 58.38 ? 185 GLU A C   1 
ATOM   1457 O  O   . GLU A 1 185 ? 5.893   6.032   -13.113 1.00 58.86 ? 185 GLU A O   1 
ATOM   1458 C  CB  . GLU A 1 185 ? 3.215   4.864   -13.437 1.00 58.55 ? 185 GLU A CB  1 
ATOM   1459 C  CG  . GLU A 1 185 ? 3.075   3.608   -12.575 1.00 59.87 ? 185 GLU A CG  1 
ATOM   1460 C  CD  . GLU A 1 185 ? 1.624   3.200   -12.320 1.00 61.11 ? 185 GLU A CD  1 
ATOM   1461 O  OE1 . GLU A 1 185 ? 1.424   2.208   -11.581 1.00 61.57 ? 185 GLU A OE1 1 
ATOM   1462 O  OE2 . GLU A 1 185 ? 0.694   3.856   -12.852 1.00 61.00 ? 185 GLU A OE2 1 
HETATM 1463 ZN ZN  . ZN  B 2 .   ? -3.316  -3.902  -2.615  1.00 61.65 ? 350 ZN  A ZN  1 
HETATM 1464 C  C   . UHF C 3 .   ? 1.343   -2.888  -6.163  1.00 49.74 ? 192 UHF A C   1 
HETATM 1465 N  N   . UHF C 3 .   ? 2.299   -3.245  -8.386  1.00 59.55 ? 192 UHF A N   1 
HETATM 1466 O  O   . UHF C 3 .   ? 2.461   -2.717  -5.702  1.00 55.61 ? 192 UHF A O   1 
HETATM 1467 C  CA  . UHF C 3 .   ? 1.067   -2.922  -7.675  1.00 59.20 ? 192 UHF A CA  1 
HETATM 1468 C  CB  . UHF C 3 .   ? 0.066   -4.020  -7.981  1.00 59.24 ? 192 UHF A CB  1 
HETATM 1469 C  CAA . UHF C 3 .   ? -0.965  1.632   -5.803  1.00 58.89 ? 192 UHF A CAA 1 
HETATM 1470 C  CAB . UHF C 3 .   ? 8.546   0.642   -9.855  1.00 63.08 ? 192 UHF A CAB 1 
HETATM 1471 O  OAE . UHF C 3 .   ? -1.423  -3.493  -1.301  1.00 55.29 ? 192 UHF A OAE 1 
HETATM 1472 O  OAF . UHF C 3 .   ? 3.156   -1.216  -8.176  1.00 60.44 ? 192 UHF A OAF 1 
HETATM 1473 O  OAH . UHF C 3 .   ? -1.536  -5.168  -3.539  1.00 54.51 ? 192 UHF A OAH 1 
HETATM 1474 C  CAI . UHF C 3 .   ? -0.582  -3.520  -2.187  1.00 57.33 ? 192 UHF A CAI 1 
HETATM 1475 C  CAJ . UHF C 3 .   ? 6.172   0.239   -9.960  1.00 62.49 ? 192 UHF A CAJ 1 
HETATM 1476 C  CAK . UHF C 3 .   ? 5.102   -0.626  -9.801  1.00 61.56 ? 192 UHF A CAK 1 
HETATM 1477 C  CAL . UHF C 3 .   ? 7.660   -1.502  -9.289  1.00 61.57 ? 192 UHF A CAL 1 
HETATM 1478 C  CAM . UHF C 3 .   ? -0.964  0.491   -4.813  1.00 58.69 ? 192 UHF A CAM 1 
HETATM 1479 C  CAN . UHF C 3 .   ? -0.134  -0.631  -5.396  1.00 58.51 ? 192 UHF A CAN 1 
HETATM 1480 C  CAO . UHF C 3 .   ? -0.211  -1.847  -4.480  1.00 58.56 ? 192 UHF A CAO 1 
HETATM 1481 C  CAP . UHF C 3 .   ? 0.494   -4.230  -4.275  1.00 56.80 ? 192 UHF A CAP 1 
HETATM 1482 N  NAQ . UHF C 3 .   ? 6.568   -2.344  -9.137  1.00 60.92 ? 192 UHF A NAQ 1 
HETATM 1483 N  NAR . UHF C 3 .   ? 4.351   -2.774  -9.217  1.00 59.81 ? 192 UHF A NAR 1 
HETATM 1484 C  CAT . UHF C 3 .   ? 3.267   -2.361  -8.575  1.00 59.78 ? 192 UHF A CAT 1 
HETATM 1485 C  CAV . UHF C 3 .   ? 7.460   -0.202  -9.704  1.00 62.88 ? 192 UHF A CAV 1 
HETATM 1486 C  CAW . UHF C 3 .   ? 5.333   -1.922  -9.387  1.00 60.91 ? 192 UHF A CAW 1 
HETATM 1487 C  CAY . UHF C 3 .   ? 0.149   -3.120  -5.256  1.00 57.53 ? 192 UHF A CAY 1 
HETATM 1488 N  NBA . UHF C 3 .   ? -0.565  -4.301  -3.287  1.00 57.55 ? 192 UHF A NBA 1 
HETATM 1489 C  CG1 . UHF C 3 .   ? 0.801   -5.353  -7.975  1.00 59.13 ? 192 UHF A CG1 1 
HETATM 1490 C  CG2 . UHF C 3 .   ? -0.509  -3.785  -9.366  1.00 59.15 ? 192 UHF A CG2 1 
HETATM 1491 O  O   . HOH D 4 .   ? 10.057  0.887   10.773  1.00 18.84 ? 193 HOH A O   1 
HETATM 1492 O  O   . HOH D 4 .   ? -6.066  6.702   7.976   1.00 15.73 ? 194 HOH A O   1 
HETATM 1493 O  O   . HOH D 4 .   ? -7.857  1.037   -1.926  1.00 20.72 ? 195 HOH A O   1 
HETATM 1494 O  O   . HOH D 4 .   ? -7.416  -7.667  8.258   1.00 24.14 ? 196 HOH A O   1 
HETATM 1495 O  O   . HOH D 4 .   ? 10.273  -12.339 0.240   1.00 29.13 ? 197 HOH A O   1 
HETATM 1496 O  O   . HOH D 4 .   ? -6.573  -1.283  -0.618  1.00 25.48 ? 198 HOH A O   1 
HETATM 1497 O  O   . HOH D 4 .   ? -6.687  -2.709  -2.903  1.00 26.83 ? 199 HOH A O   1 
HETATM 1498 O  O   . HOH D 4 .   ? -6.391  5.495   -10.691 1.00 27.28 ? 200 HOH A O   1 
HETATM 1499 O  O   . HOH D 4 .   ? -7.946  1.714   -15.853 1.00 39.76 ? 201 HOH A O   1 
HETATM 1500 O  O   . HOH D 4 .   ? 2.496   -10.793 13.398  1.00 18.89 ? 202 HOH A O   1 
HETATM 1501 O  O   . HOH D 4 .   ? -5.028  6.057   -8.300  1.00 23.94 ? 203 HOH A O   1 
HETATM 1502 O  O   . HOH D 4 .   ? -7.708  -5.194  7.640   1.00 30.26 ? 204 HOH A O   1 
HETATM 1503 O  O   . HOH D 4 .   ? 13.622  -6.265  5.028   1.00 25.71 ? 205 HOH A O   1 
HETATM 1504 O  O   . HOH D 4 .   ? -6.124  -3.782  -11.787 1.00 38.82 ? 206 HOH A O   1 
HETATM 1505 O  O   . HOH D 4 .   ? -8.096  0.417   -11.479 1.00 35.97 ? 207 HOH A O   1 
HETATM 1506 O  O   . HOH D 4 .   ? -12.162 -10.435 0.538   1.00 38.81 ? 208 HOH A O   1 
HETATM 1507 O  O   . HOH D 4 .   ? 8.635   -1.716  18.975  1.00 30.14 ? 209 HOH A O   1 
HETATM 1508 O  O   . HOH D 4 .   ? -6.526  14.738  12.299  1.00 24.15 ? 210 HOH A O   1 
HETATM 1509 O  O   . HOH D 4 .   ? 9.901   -0.934  3.441   1.00 27.72 ? 211 HOH A O   1 
HETATM 1510 O  O   . HOH D 4 .   ? 6.076   12.969  -1.620  1.00 24.95 ? 212 HOH A O   1 
HETATM 1511 O  O   . HOH D 4 .   ? 1.448   18.460  7.283   1.00 24.20 ? 213 HOH A O   1 
HETATM 1512 O  O   . HOH D 4 .   ? -6.208  5.795   2.890   1.00 27.57 ? 214 HOH A O   1 
HETATM 1513 O  O   . HOH D 4 .   ? 10.093  -12.060 2.902   1.00 28.88 ? 215 HOH A O   1 
HETATM 1514 O  O   . HOH D 4 .   ? 12.780  6.375   2.541   1.00 32.65 ? 216 HOH A O   1 
HETATM 1515 O  O   . HOH D 4 .   ? 0.392   3.854   17.919  1.00 39.04 ? 217 HOH A O   1 
HETATM 1516 O  O   . HOH D 4 .   ? -1.562  17.428  3.847   1.00 35.77 ? 218 HOH A O   1 
HETATM 1517 O  O   . HOH D 4 .   ? -7.816  -5.339  2.731   1.00 26.21 ? 219 HOH A O   1 
HETATM 1518 O  O   . HOH D 4 .   ? -6.672  12.269  13.203  1.00 31.32 ? 220 HOH A O   1 
HETATM 1519 O  O   . HOH D 4 .   ? 4.380   11.814  -7.933  1.00 25.83 ? 221 HOH A O   1 
HETATM 1520 O  O   . HOH D 4 .   ? 6.506   -18.658 0.910   1.00 42.33 ? 222 HOH A O   1 
HETATM 1521 O  O   . HOH D 4 .   ? -3.581  2.830   12.301  1.00 29.05 ? 223 HOH A O   1 
HETATM 1522 O  O   . HOH D 4 .   ? 12.525  -21.238 -10.062 1.00 25.74 ? 224 HOH A O   1 
HETATM 1523 O  O   . HOH D 4 .   ? 0.989   -24.829 -0.114  1.00 50.60 ? 225 HOH A O   1 
HETATM 1524 O  O   . HOH D 4 .   ? 12.198  -12.548 4.462   1.00 36.96 ? 226 HOH A O   1 
HETATM 1525 O  O   . HOH D 4 .   ? 5.595   -17.191 -5.500  1.00 35.65 ? 227 HOH A O   1 
HETATM 1526 O  O   . HOH D 4 .   ? -9.578  17.595  -7.267  1.00 26.27 ? 228 HOH A O   1 
HETATM 1527 O  O   . HOH D 4 .   ? 0.461   5.984   15.432  1.00 43.58 ? 229 HOH A O   1 
HETATM 1528 O  O   . HOH D 4 .   ? -7.417  6.165   5.167   1.00 37.42 ? 230 HOH A O   1 
HETATM 1529 O  O   . HOH D 4 .   ? 7.821   12.405  1.680   1.00 30.17 ? 231 HOH A O   1 
HETATM 1530 O  O   . HOH D 4 .   ? 12.110  -11.266 9.149   1.00 34.18 ? 232 HOH A O   1 
HETATM 1531 O  O   . HOH D 4 .   ? 0.996   15.355  -7.580  1.00 33.12 ? 233 HOH A O   1 
HETATM 1532 O  O   . HOH D 4 .   ? -4.144  3.933   14.526  1.00 45.18 ? 234 HOH A O   1 
HETATM 1533 O  O   . HOH D 4 .   ? -12.483 7.257   -7.607  1.00 31.97 ? 235 HOH A O   1 
HETATM 1534 O  O   . HOH D 4 .   ? 8.590   -11.031 21.940  1.00 36.30 ? 236 HOH A O   1 
HETATM 1535 O  O   . HOH D 4 .   ? -17.720 10.984  -8.754  1.00 46.32 ? 237 HOH A O   1 
HETATM 1536 O  O   . HOH D 4 .   ? -2.628  19.343  -4.231  1.00 30.07 ? 238 HOH A O   1 
HETATM 1537 O  O   . HOH D 4 .   ? -10.152 5.480   1.344   1.00 32.51 ? 239 HOH A O   1 
HETATM 1538 O  O   . HOH D 4 .   ? 7.410   -12.742 19.919  1.00 35.48 ? 240 HOH A O   1 
HETATM 1539 O  O   . HOH D 4 .   ? 18.029  8.457   -3.454  1.00 44.87 ? 241 HOH A O   1 
HETATM 1540 O  O   . HOH D 4 .   ? 9.033   14.969  15.144  0.50 19.10 ? 242 HOH A O   1 
HETATM 1541 O  O   . HOH D 4 .   ? -1.168  17.823  9.663   1.00 37.57 ? 243 HOH A O   1 
HETATM 1542 O  O   . HOH D 4 .   ? -8.257  6.967   -0.610  1.00 44.09 ? 244 HOH A O   1 
HETATM 1543 O  O   . HOH D 4 .   ? 5.002   -19.387 -4.078  1.00 34.69 ? 245 HOH A O   1 
HETATM 1544 O  O   . HOH D 4 .   ? -18.327 3.506   -6.340  1.00 51.95 ? 246 HOH A O   1 
HETATM 1545 O  O   . HOH D 4 .   ? -10.219 8.943   -1.438  1.00 44.14 ? 247 HOH A O   1 
HETATM 1546 O  O   . HOH D 4 .   ? 12.275  4.650   11.031  1.00 37.83 ? 248 HOH A O   1 
HETATM 1547 O  O   . HOH D 4 .   ? 0.060   -8.122  20.015  1.00 45.07 ? 249 HOH A O   1 
HETATM 1548 O  O   . HOH D 4 .   ? 3.512   17.989  8.786   1.00 33.25 ? 250 HOH A O   1 
HETATM 1549 O  O   . HOH D 4 .   ? 15.143  -5.051  -5.129  1.00 35.48 ? 251 HOH A O   1 
HETATM 1550 O  O   . HOH D 4 .   ? 15.531  3.343   -4.643  1.00 51.26 ? 252 HOH A O   1 
HETATM 1551 O  O   . HOH D 4 .   ? -1.613  -11.091 -7.769  1.00 50.38 ? 253 HOH A O   1 
HETATM 1552 O  O   . HOH D 4 .   ? -15.995 15.582  -10.776 1.00 52.22 ? 254 HOH A O   1 
HETATM 1553 O  O   . HOH D 4 .   ? -13.908 2.127   12.447  1.00 70.82 ? 255 HOH A O   1 
HETATM 1554 O  O   . HOH D 4 .   ? 12.251  0.690   6.027   1.00 33.60 ? 256 HOH A O   1 
HETATM 1555 O  O   . HOH D 4 .   ? -4.300  -6.510  -9.869  1.00 42.85 ? 257 HOH A O   1 
HETATM 1556 O  O   . HOH D 4 .   ? -13.607 -7.599  -8.710  1.00 52.70 ? 258 HOH A O   1 
HETATM 1557 O  O   . HOH D 4 .   ? -2.411  15.299  14.754  1.00 47.50 ? 259 HOH A O   1 
HETATM 1558 O  O   . HOH D 4 .   ? -8.525  -15.447 -13.579 1.00 49.58 ? 260 HOH A O   1 
HETATM 1559 O  O   . HOH D 4 .   ? 18.679  -8.961  -10.792 1.00 48.99 ? 261 HOH A O   1 
HETATM 1560 O  O   . HOH D 4 .   ? -4.586  -11.774 12.403  1.00 36.32 ? 262 HOH A O   1 
HETATM 1561 O  O   . HOH D 4 .   ? -0.563  -16.141 4.313   1.00 35.50 ? 263 HOH A O   1 
HETATM 1562 O  O   . HOH D 4 .   ? -3.194  16.410  -14.120 1.00 42.55 ? 264 HOH A O   1 
HETATM 1563 O  O   . HOH D 4 .   ? -1.153  -0.439  -16.007 1.00 60.07 ? 265 HOH A O   1 
HETATM 1564 O  O   . HOH D 4 .   ? 16.240  14.856  -4.548  1.00 50.84 ? 266 HOH A O   1 
HETATM 1565 O  O   . HOH D 4 .   ? 7.719   19.321  10.878  1.00 38.47 ? 267 HOH A O   1 
HETATM 1566 O  O   . HOH D 4 .   ? 0.994   0.651   22.858  1.00 39.66 ? 268 HOH A O   1 
HETATM 1567 O  O   . HOH D 4 .   ? 10.834  3.897   21.058  1.00 40.94 ? 269 HOH A O   1 
HETATM 1568 O  O   . HOH D 4 .   ? 10.951  -2.143  20.352  1.00 40.36 ? 270 HOH A O   1 
HETATM 1569 O  O   . HOH D 4 .   ? 8.846   4.818   22.497  1.00 38.95 ? 271 HOH A O   1 
HETATM 1570 O  O   . HOH D 4 .   ? -8.519  9.666   4.283   1.00 42.43 ? 272 HOH A O   1 
HETATM 1571 O  O   . HOH D 4 .   ? -13.690 5.844   -11.121 1.00 41.68 ? 273 HOH A O   1 
HETATM 1572 O  O   . HOH D 4 .   ? -16.690 -2.784  -4.246  1.00 34.39 ? 274 HOH A O   1 
HETATM 1573 O  O   . HOH D 4 .   ? 11.003  2.309   8.022   1.00 34.32 ? 275 HOH A O   1 
HETATM 1574 O  O   . HOH D 4 .   ? 13.050  2.483   -1.968  1.00 41.97 ? 276 HOH A O   1 
HETATM 1575 O  O   . HOH D 4 .   ? 13.776  0.608   20.796  1.00 37.70 ? 277 HOH A O   1 
HETATM 1576 O  O   . HOH D 4 .   ? 16.273  -15.733 -11.926 1.00 43.15 ? 278 HOH A O   1 
HETATM 1577 O  O   . HOH D 4 .   ? 6.262   3.739   21.155  1.00 42.95 ? 279 HOH A O   1 
HETATM 1578 O  O   . HOH D 4 .   ? 17.245  -7.589  8.655   1.00 50.56 ? 280 HOH A O   1 
HETATM 1579 O  O   . HOH D 4 .   ? -9.387  3.738   4.467   1.00 37.50 ? 281 HOH A O   1 
HETATM 1580 O  O   . HOH D 4 .   ? 13.019  -11.186 6.641   1.00 36.65 ? 282 HOH A O   1 
HETATM 1581 O  O   . HOH D 4 .   ? -2.241  20.809  0.099   1.00 26.60 ? 283 HOH A O   1 
HETATM 1582 O  O   . HOH D 4 .   ? -12.704 7.983   -21.417 1.00 48.32 ? 284 HOH A O   1 
HETATM 1583 O  O   . HOH D 4 .   ? 16.980  -15.022 -0.412  1.00 54.39 ? 285 HOH A O   1 
HETATM 1584 O  O   . HOH D 4 .   ? 21.709  -4.901  6.832   1.00 48.96 ? 286 HOH A O   1 
# 
